data_8V06
#
_entry.id   8V06
#
_cell.length_a   54.155
_cell.length_b   54.191
_cell.length_c   202.774
_cell.angle_alpha   96.61
_cell.angle_beta   89.16
_cell.angle_gamma   90.10
#
_symmetry.space_group_name_H-M   'P 1'
#
loop_
_entity.id
_entity.type
_entity.pdbx_description
1 polymer "5'-3' exonuclease PLD3"
2 polymer "5'-3' exonuclease PLD3"
3 branched 2-acetamido-2-deoxy-beta-D-glucopyranose-(1-4)-2-acetamido-2-deoxy-beta-D-glucopyranose
4 branched beta-D-mannopyranose-(1-4)-2-acetamido-2-deoxy-beta-D-glucopyranose-(1-4)-2-acetamido-2-deoxy-beta-D-glucopyranose
5 branched alpha-D-mannopyranose-(1-3)-[alpha-D-mannopyranose-(1-6)]alpha-D-mannopyranose-(1-6)-[alpha-D-mannopyranose-(1-3)]beta-D-mannopyranose-(1-4)-2-acetamido-2-deoxy-beta-D-glucopyranose-(1-4)-2-acetamido-2-deoxy-beta-D-glucopyranose
6 non-polymer 2-acetamido-2-deoxy-beta-D-glucopyranose
7 non-polymer 'PHOSPHATE ION'
8 water water
#
loop_
_entity_poly.entity_id
_entity_poly.type
_entity_poly.pdbx_seq_one_letter_code
_entity_poly.pdbx_strand_id
1 'polypeptide(L)'
;HHHHHHGPLVDVASNEQKLISEEDLASMTGGQQMGRDIEGRGDLHLFGPNQRPAPCYDPCEAVLVESIPEGLEFPNATTS
NPSTSQAWLGLLAGAHSSLDIASFYWTLTNNDTHTQEPSAQQGEEVLQQLQALAPRGVKVRIAVSKPNGPLADLQSLLQS
GAQVRMVDMQKLTHGVLHTKFWVVDQTHFYLGSANMDWRSLTQVKELGVVMYNCSCLARDLTKIFEAYWFLGQAGSSIPS
TWPRSFDTRYNQETPMEICLNGTPALAYLASAPPPLCPSGRTPDLKALLNVVDSARSFIYIAVMNYLPTMEFSHPRRFWP
AIDDGLRRAAYERGVKVRLLISCWGHSDPSMRSFLLSLAALHDNHTHSDIQVKLFVVPTDESQARIPYARVN(NEP)NKY
MVTERASYIGTSNWSGSYFTETAGTSLLVTQNGHGGLRSQLEAVFLRDWESPYSHDLDTSANSVGNACRLL
;
A,C
2 'polypeptide(L)'
;HHHHHHGPLVDVASNEQKLISEEDLASMTGGQQMGRDIEGRGDLHLFGPNQRPAPCYDPCEAVLVESIPEGLEFPNATTS
NPSTSQAWLGLLAGAHSSLDIASFYWTLTNNDTHTQEPSAQQGEEVLQQLQALAPRGVKVRIAVSKPNGPLADLQSLLQS
GAQVRMVDMQKLTHGVLHTKFWVVDQTHFYLGSANMDWRSLTQVKELGVVMYNCSCLARDLTKIFEAYWFLGQAGSSIPS
TWPRSFDTRYNQETPMEICLNGTPALAYLASAPPPLCPSGRTPDLKALLNVVDSARSFIYIAVMNYLPTMEFSHPRRFWP
AIDDGLRRAAYERGVKVRLLISCWGHSDPSMRSFLLSLAALHDNHTHSDIQVKLFVVPTDESQARIPYARVNHNKYMVTE
RASYIGTSNWSGSYFTETAGTSLLVTQNGHGGLRSQLEAVFLRDWESPYSHDLDTSANSVGNACRLL
;
B,D
#
# COMPACT_ATOMS: atom_id res chain seq x y z
N GLN A 51 54.90 16.79 -47.01
CA GLN A 51 55.54 16.77 -48.33
C GLN A 51 55.90 15.35 -48.75
N ARG A 52 55.51 14.97 -49.96
CA ARG A 52 55.83 13.65 -50.47
C ARG A 52 57.33 13.54 -50.73
N PRO A 53 57.90 12.34 -50.52
CA PRO A 53 59.33 12.15 -50.80
C PRO A 53 59.67 12.22 -52.28
N ALA A 54 60.96 12.13 -52.60
CA ALA A 54 61.40 12.24 -53.97
C ALA A 54 60.92 11.04 -54.79
N PRO A 55 60.45 11.25 -56.01
CA PRO A 55 60.06 10.13 -56.86
C PRO A 55 61.27 9.42 -57.45
N CYS A 56 61.02 8.20 -57.91
CA CYS A 56 62.04 7.37 -58.53
C CYS A 56 61.83 7.34 -60.04
N TYR A 57 62.92 7.34 -60.80
CA TYR A 57 62.84 7.43 -62.26
C TYR A 57 63.38 6.19 -62.97
N ASP A 58 63.75 5.14 -62.24
CA ASP A 58 64.25 3.94 -62.89
C ASP A 58 63.11 3.23 -63.61
N PRO A 59 63.36 2.65 -64.79
CA PRO A 59 62.31 1.90 -65.51
C PRO A 59 62.04 0.54 -64.89
N CYS A 60 61.38 0.56 -63.73
CA CYS A 60 61.06 -0.67 -63.02
C CYS A 60 60.09 -1.53 -63.80
N GLU A 61 60.33 -2.85 -63.81
CA GLU A 61 59.49 -3.80 -64.51
C GLU A 61 59.19 -4.97 -63.58
N ALA A 62 57.91 -5.20 -63.31
CA ALA A 62 57.48 -6.25 -62.39
C ALA A 62 57.02 -7.48 -63.16
N VAL A 63 57.49 -8.65 -62.76
CA VAL A 63 57.12 -9.92 -63.37
C VAL A 63 56.64 -10.85 -62.27
N LEU A 64 55.41 -11.35 -62.42
CA LEU A 64 54.93 -12.40 -61.53
C LEU A 64 55.68 -13.69 -61.85
N VAL A 65 56.08 -14.39 -60.79
CA VAL A 65 56.85 -15.64 -60.93
C VAL A 65 56.18 -16.69 -60.05
N GLU A 66 56.11 -17.92 -60.56
CA GLU A 66 55.44 -18.98 -59.83
C GLU A 66 56.15 -20.31 -60.06
N SER A 67 56.12 -21.14 -59.02
CA SER A 67 56.58 -22.52 -59.09
C SER A 67 55.35 -23.42 -59.17
N ILE A 68 55.17 -24.06 -60.33
CA ILE A 68 54.06 -24.98 -60.56
C ILE A 68 54.59 -26.40 -60.33
N PRO A 69 54.03 -27.16 -59.39
CA PRO A 69 54.57 -28.50 -59.12
C PRO A 69 54.44 -29.42 -60.32
N GLU A 70 55.40 -30.34 -60.43
CA GLU A 70 55.38 -31.31 -61.51
C GLU A 70 54.10 -32.13 -61.46
N GLY A 71 53.41 -32.22 -62.59
CA GLY A 71 52.15 -32.94 -62.67
C GLY A 71 50.92 -32.05 -62.65
N LEU A 72 51.02 -30.85 -62.09
CA LEU A 72 49.88 -29.94 -62.05
C LEU A 72 49.61 -29.38 -63.43
N GLU A 73 48.38 -29.55 -63.91
CA GLU A 73 47.98 -29.13 -65.25
C GLU A 73 46.84 -28.12 -65.15
N PHE A 74 46.84 -27.15 -66.05
CA PHE A 74 45.84 -26.10 -66.07
C PHE A 74 45.37 -25.89 -67.50
N PRO A 75 44.14 -25.40 -67.70
CA PRO A 75 43.64 -25.12 -69.05
C PRO A 75 44.32 -23.91 -69.68
N SER A 80 50.87 -17.83 -69.04
CA SER A 80 51.76 -18.49 -68.08
C SER A 80 52.90 -17.56 -67.69
N ASN A 81 53.17 -17.48 -66.40
CA ASN A 81 54.27 -16.68 -65.89
C ASN A 81 55.56 -17.48 -65.89
N PRO A 82 56.70 -16.80 -65.93
CA PRO A 82 57.99 -17.52 -65.85
C PRO A 82 58.13 -18.25 -64.52
N SER A 83 58.90 -19.33 -64.55
CA SER A 83 59.11 -20.15 -63.37
C SER A 83 60.13 -19.49 -62.44
N THR A 84 60.05 -19.86 -61.15
CA THR A 84 60.96 -19.29 -60.16
C THR A 84 62.41 -19.65 -60.47
N SER A 85 62.66 -20.86 -60.97
CA SER A 85 64.01 -21.27 -61.31
C SER A 85 64.58 -20.39 -62.42
N GLN A 86 63.78 -20.09 -63.44
CA GLN A 86 64.27 -19.23 -64.53
C GLN A 86 64.66 -17.85 -64.02
N ALA A 87 63.81 -17.26 -63.19
CA ALA A 87 64.09 -15.93 -62.67
C ALA A 87 65.33 -15.93 -61.78
N TRP A 88 65.46 -16.93 -60.90
CA TRP A 88 66.64 -17.02 -60.04
C TRP A 88 67.90 -17.21 -60.85
N LEU A 89 67.87 -18.09 -61.86
CA LEU A 89 69.05 -18.33 -62.68
C LEU A 89 69.43 -17.09 -63.48
N GLY A 90 68.45 -16.38 -64.03
CA GLY A 90 68.76 -15.15 -64.75
C GLY A 90 69.35 -14.09 -63.84
N LEU A 91 68.79 -13.92 -62.64
CA LEU A 91 69.32 -12.95 -61.70
C LEU A 91 70.74 -13.30 -61.29
N LEU A 92 71.02 -14.59 -61.06
CA LEU A 92 72.37 -15.00 -60.68
C LEU A 92 73.34 -14.82 -61.84
N ALA A 93 72.89 -15.06 -63.07
CA ALA A 93 73.77 -14.87 -64.22
C ALA A 93 74.07 -13.41 -64.45
N GLY A 94 73.10 -12.53 -64.22
CA GLY A 94 73.29 -11.11 -64.41
C GLY A 94 73.92 -10.38 -63.24
N ALA A 95 74.15 -11.05 -62.12
CA ALA A 95 74.71 -10.38 -60.94
C ALA A 95 76.16 -9.99 -61.21
N HIS A 96 76.51 -8.75 -60.84
CA HIS A 96 77.86 -8.24 -61.07
C HIS A 96 78.49 -7.55 -59.88
N SER A 97 77.72 -7.04 -58.92
CA SER A 97 78.29 -6.26 -57.82
C SER A 97 77.97 -6.81 -56.44
N SER A 98 76.73 -7.22 -56.19
CA SER A 98 76.35 -7.63 -54.85
C SER A 98 75.09 -8.48 -54.90
N LEU A 99 74.91 -9.29 -53.85
CA LEU A 99 73.69 -10.07 -53.68
C LEU A 99 73.40 -10.24 -52.19
N ASP A 100 72.17 -9.94 -51.79
CA ASP A 100 71.72 -10.08 -50.42
C ASP A 100 70.51 -11.01 -50.41
N ILE A 101 70.53 -11.99 -49.50
CA ILE A 101 69.45 -12.99 -49.43
C ILE A 101 68.97 -13.10 -48.00
N ALA A 102 67.66 -13.00 -47.81
CA ALA A 102 67.01 -13.31 -46.54
C ALA A 102 66.23 -14.61 -46.73
N SER A 103 66.53 -15.60 -45.90
CA SER A 103 66.03 -16.95 -46.12
C SER A 103 65.62 -17.58 -44.80
N PHE A 104 64.76 -18.60 -44.91
CA PHE A 104 64.29 -19.38 -43.77
C PHE A 104 65.21 -20.59 -43.53
N TYR A 105 65.38 -21.44 -44.54
CA TYR A 105 66.23 -22.60 -44.45
C TYR A 105 66.89 -22.84 -45.81
N TRP A 106 67.87 -23.73 -45.83
CA TRP A 106 68.66 -24.02 -47.04
C TRP A 106 68.73 -25.52 -47.24
N THR A 107 67.89 -26.04 -48.14
CA THR A 107 67.96 -27.45 -48.58
C THR A 107 67.80 -27.43 -50.10
N LEU A 108 68.93 -27.28 -50.81
CA LEU A 108 68.91 -27.13 -52.25
C LEU A 108 69.34 -28.38 -53.01
N THR A 109 69.94 -29.35 -52.35
CA THR A 109 70.47 -30.53 -53.01
C THR A 109 69.74 -31.79 -52.54
N ASN A 110 69.95 -32.87 -53.29
CA ASN A 110 69.40 -34.16 -52.88
C ASN A 110 70.02 -34.64 -51.58
N ASN A 111 71.29 -34.28 -51.33
CA ASN A 111 71.93 -34.66 -50.09
C ASN A 111 71.30 -33.95 -48.89
N ASP A 112 70.83 -32.71 -49.08
CA ASP A 112 70.21 -31.99 -47.99
C ASP A 112 68.93 -32.69 -47.52
N THR A 113 68.12 -33.16 -48.47
CA THR A 113 66.86 -33.83 -48.16
C THR A 113 67.01 -35.35 -48.09
N HIS A 114 68.22 -35.89 -48.30
CA HIS A 114 68.46 -37.32 -48.31
C HIS A 114 67.57 -38.01 -49.34
N THR A 115 67.66 -37.53 -50.57
CA THR A 115 66.83 -37.98 -51.67
C THR A 115 67.70 -38.27 -52.89
N GLN A 116 67.07 -38.78 -53.94
CA GLN A 116 67.71 -39.00 -55.24
C GLN A 116 66.77 -38.58 -56.37
N GLU A 117 66.03 -37.51 -56.13
CA GLU A 117 65.02 -37.04 -57.10
C GLU A 117 65.69 -36.26 -58.22
N PRO A 118 65.40 -36.57 -59.48
CA PRO A 118 65.86 -35.71 -60.58
C PRO A 118 65.26 -34.31 -60.52
N SER A 119 64.09 -34.16 -59.90
CA SER A 119 63.44 -32.85 -59.83
C SER A 119 64.26 -31.84 -59.04
N ALA A 120 65.26 -32.31 -58.28
CA ALA A 120 66.16 -31.41 -57.57
C ALA A 120 67.13 -30.69 -58.49
N GLN A 121 67.22 -31.09 -59.76
CA GLN A 121 68.26 -30.57 -60.65
C GLN A 121 68.32 -29.04 -60.62
N GLN A 122 67.16 -28.41 -60.82
CA GLN A 122 67.12 -26.94 -60.84
C GLN A 122 67.75 -26.37 -59.58
N GLY A 123 67.30 -26.84 -58.41
CA GLY A 123 67.89 -26.37 -57.17
C GLY A 123 69.38 -26.61 -57.13
N GLU A 124 69.80 -27.81 -57.52
CA GLU A 124 71.23 -28.12 -57.52
C GLU A 124 71.99 -27.18 -58.44
N GLU A 125 71.37 -26.80 -59.56
CA GLU A 125 71.98 -25.79 -60.42
C GLU A 125 72.08 -24.45 -59.69
N VAL A 126 70.96 -24.02 -59.08
CA VAL A 126 70.91 -22.69 -58.47
C VAL A 126 72.02 -22.54 -57.44
N LEU A 127 72.13 -23.50 -56.53
CA LEU A 127 73.18 -23.46 -55.52
C LEU A 127 74.55 -23.33 -56.18
N GLN A 128 74.79 -24.13 -57.22
CA GLN A 128 76.06 -24.05 -57.93
C GLN A 128 76.30 -22.64 -58.44
N GLN A 129 75.26 -22.04 -59.06
CA GLN A 129 75.42 -20.66 -59.54
C GLN A 129 75.71 -19.71 -58.40
N LEU A 130 75.10 -19.95 -57.23
CA LEU A 130 75.41 -19.15 -56.06
C LEU A 130 76.89 -19.28 -55.71
N GLN A 131 77.43 -20.50 -55.76
CA GLN A 131 78.84 -20.70 -55.46
C GLN A 131 79.74 -19.97 -56.47
N ALA A 132 79.20 -19.60 -57.62
CA ALA A 132 79.97 -18.85 -58.61
C ALA A 132 80.00 -17.35 -58.34
N LEU A 133 79.12 -16.85 -57.47
CA LEU A 133 78.98 -15.40 -57.33
C LEU A 133 80.21 -14.78 -56.68
N ALA A 134 80.64 -15.31 -55.53
CA ALA A 134 81.71 -14.67 -54.78
C ALA A 134 83.04 -14.62 -55.52
N PRO A 135 83.56 -15.71 -56.10
CA PRO A 135 84.90 -15.65 -56.69
C PRO A 135 85.02 -14.70 -57.88
N ARG A 136 83.91 -14.35 -58.53
CA ARG A 136 83.95 -13.47 -59.70
C ARG A 136 83.72 -12.01 -59.34
N GLY A 137 83.65 -11.68 -58.05
CA GLY A 137 83.59 -10.31 -57.60
C GLY A 137 82.30 -9.90 -56.92
N VAL A 138 81.26 -10.72 -57.02
CA VAL A 138 79.97 -10.37 -56.41
C VAL A 138 80.07 -10.54 -54.91
N LYS A 139 79.68 -9.49 -54.17
CA LYS A 139 79.69 -9.55 -52.71
C LYS A 139 78.41 -10.21 -52.24
N VAL A 140 78.54 -11.39 -51.64
CA VAL A 140 77.40 -12.21 -51.25
C VAL A 140 77.24 -12.12 -49.73
N ARG A 141 76.03 -11.76 -49.30
CA ARG A 141 75.67 -11.75 -47.88
C ARG A 141 74.39 -12.54 -47.69
N ILE A 142 74.41 -13.50 -46.77
CA ILE A 142 73.29 -14.41 -46.55
C ILE A 142 72.88 -14.34 -45.09
N ALA A 143 71.60 -14.08 -44.85
CA ALA A 143 71.01 -14.10 -43.52
C ALA A 143 69.99 -15.23 -43.45
N VAL A 144 70.14 -16.11 -42.45
CA VAL A 144 69.29 -17.27 -42.31
C VAL A 144 68.78 -17.36 -40.88
N SER A 145 67.61 -17.98 -40.72
CA SER A 145 67.10 -18.31 -39.40
C SER A 145 68.02 -19.34 -38.74
N LYS A 146 68.15 -19.23 -37.42
CA LYS A 146 69.06 -20.12 -36.70
C LYS A 146 68.56 -21.56 -36.83
N PRO A 147 69.37 -22.47 -37.38
CA PRO A 147 68.90 -23.83 -37.62
C PRO A 147 69.21 -24.78 -36.48
N ASN A 148 68.75 -26.02 -36.60
CA ASN A 148 69.08 -27.03 -35.59
C ASN A 148 70.52 -27.50 -35.72
N GLY A 149 71.00 -27.63 -36.95
CA GLY A 149 72.36 -28.06 -37.21
C GLY A 149 73.01 -27.27 -38.32
N PRO A 150 74.32 -27.42 -38.47
CA PRO A 150 75.03 -26.74 -39.57
C PRO A 150 74.48 -27.16 -40.93
N LEU A 151 74.47 -26.20 -41.86
CA LEU A 151 73.93 -26.40 -43.20
C LEU A 151 75.05 -26.56 -44.20
N ALA A 152 75.00 -27.65 -44.97
CA ALA A 152 76.05 -27.93 -45.95
C ALA A 152 76.10 -26.85 -47.03
N ASP A 153 74.93 -26.39 -47.50
CA ASP A 153 74.91 -25.34 -48.52
C ASP A 153 75.57 -24.07 -48.00
N LEU A 154 75.25 -23.68 -46.76
CA LEU A 154 75.82 -22.46 -46.20
C LEU A 154 77.31 -22.60 -45.97
N GLN A 155 77.77 -23.77 -45.52
CA GLN A 155 79.20 -24.00 -45.35
C GLN A 155 79.93 -23.93 -46.69
N SER A 156 79.37 -24.55 -47.73
CA SER A 156 80.00 -24.54 -49.04
C SER A 156 80.03 -23.13 -49.62
N LEU A 157 78.96 -22.35 -49.40
CA LEU A 157 78.99 -20.95 -49.83
C LEU A 157 80.00 -20.15 -49.04
N LEU A 158 80.16 -20.45 -47.75
CA LEU A 158 81.16 -19.77 -46.93
C LEU A 158 82.56 -20.04 -47.45
N GLN A 159 82.83 -21.27 -47.86
CA GLN A 159 84.14 -21.58 -48.42
C GLN A 159 84.25 -21.20 -49.89
N SER A 160 83.15 -20.85 -50.54
CA SER A 160 83.19 -20.25 -51.87
C SER A 160 83.44 -18.76 -51.83
N GLY A 161 83.44 -18.14 -50.65
CA GLY A 161 83.68 -16.73 -50.50
C GLY A 161 82.50 -15.90 -50.03
N ALA A 162 81.40 -16.53 -49.63
CA ALA A 162 80.22 -15.80 -49.21
C ALA A 162 80.24 -15.56 -47.70
N GLN A 163 79.39 -14.65 -47.26
CA GLN A 163 79.25 -14.30 -45.85
C GLN A 163 77.89 -14.77 -45.37
N VAL A 164 77.87 -15.58 -44.31
CA VAL A 164 76.65 -16.17 -43.78
C VAL A 164 76.54 -15.81 -42.30
N ARG A 165 75.39 -15.26 -41.91
CA ARG A 165 75.09 -14.95 -40.52
C ARG A 165 73.75 -15.57 -40.16
N MET A 166 73.67 -16.11 -38.95
CA MET A 166 72.45 -16.72 -38.45
C MET A 166 71.76 -15.75 -37.50
N VAL A 167 70.48 -15.48 -37.75
CA VAL A 167 69.70 -14.56 -36.94
C VAL A 167 68.90 -15.40 -35.94
N ASP A 168 69.16 -15.19 -34.65
CA ASP A 168 68.51 -15.95 -33.59
C ASP A 168 67.28 -15.16 -33.12
N MET A 169 66.25 -15.21 -33.96
CA MET A 169 65.01 -14.50 -33.69
C MET A 169 64.25 -15.06 -32.48
N GLN A 170 64.46 -16.33 -32.14
CA GLN A 170 63.77 -16.90 -30.99
C GLN A 170 64.15 -16.20 -29.69
N LYS A 171 65.45 -15.94 -29.49
CA LYS A 171 65.88 -15.19 -28.32
C LYS A 171 65.41 -13.74 -28.38
N LEU A 172 65.42 -13.14 -29.58
CA LEU A 172 65.18 -11.71 -29.70
C LEU A 172 63.70 -11.37 -29.56
N THR A 173 62.87 -11.89 -30.46
CA THR A 173 61.45 -11.56 -30.48
C THR A 173 60.57 -12.80 -30.42
N HIS A 174 61.13 -13.94 -30.01
CA HIS A 174 60.38 -15.19 -29.87
C HIS A 174 59.76 -15.61 -31.20
N GLY A 175 60.56 -15.55 -32.26
CA GLY A 175 60.11 -15.91 -33.59
C GLY A 175 61.20 -16.51 -34.44
N VAL A 176 61.03 -16.53 -35.76
CA VAL A 176 62.01 -17.06 -36.68
C VAL A 176 62.19 -16.09 -37.84
N LEU A 177 63.30 -16.25 -38.55
CA LEU A 177 63.56 -15.48 -39.76
C LEU A 177 62.85 -16.17 -40.93
N HIS A 178 61.56 -15.88 -41.04
CA HIS A 178 60.71 -16.49 -42.06
C HIS A 178 60.77 -15.76 -43.39
N THR A 179 61.45 -14.62 -43.45
CA THR A 179 61.46 -13.82 -44.66
C THR A 179 62.27 -14.51 -45.75
N LYS A 180 61.80 -14.37 -47.00
CA LYS A 180 62.48 -14.95 -48.17
C LYS A 180 62.50 -13.88 -49.27
N PHE A 181 63.63 -13.22 -49.44
CA PHE A 181 63.77 -12.28 -50.56
C PHE A 181 65.22 -12.20 -51.01
N TRP A 182 65.38 -11.74 -52.25
CA TRP A 182 66.67 -11.52 -52.88
C TRP A 182 66.78 -10.07 -53.31
N VAL A 183 67.95 -9.48 -53.10
CA VAL A 183 68.29 -8.16 -53.62
C VAL A 183 69.56 -8.31 -54.43
N VAL A 184 69.52 -7.90 -55.71
CA VAL A 184 70.60 -8.12 -56.65
C VAL A 184 71.13 -6.75 -57.09
N ASP A 185 72.40 -6.50 -56.81
CA ASP A 185 73.14 -5.33 -57.31
C ASP A 185 72.45 -4.02 -56.96
N GLN A 186 71.66 -4.01 -55.88
CA GLN A 186 70.88 -2.85 -55.47
C GLN A 186 69.97 -2.35 -56.59
N THR A 187 69.69 -3.20 -57.58
CA THR A 187 68.87 -2.85 -58.72
C THR A 187 67.64 -3.74 -58.85
N HIS A 188 67.81 -5.05 -58.80
CA HIS A 188 66.70 -5.99 -58.92
C HIS A 188 66.36 -6.57 -57.56
N PHE A 189 65.15 -7.13 -57.45
CA PHE A 189 64.82 -7.86 -56.23
C PHE A 189 63.70 -8.84 -56.48
N TYR A 190 63.80 -10.00 -55.86
CA TYR A 190 62.75 -11.00 -55.82
C TYR A 190 62.13 -11.00 -54.43
N LEU A 191 60.80 -11.04 -54.36
CA LEU A 191 60.09 -11.12 -53.09
C LEU A 191 58.94 -12.10 -53.26
N GLY A 192 58.98 -13.20 -52.51
CA GLY A 192 57.97 -14.21 -52.66
C GLY A 192 58.00 -15.22 -51.54
N SER A 193 57.39 -16.36 -51.79
CA SER A 193 57.26 -17.42 -50.81
C SER A 193 58.24 -18.57 -51.04
N ALA A 194 59.07 -18.50 -52.07
CA ALA A 194 59.97 -19.60 -52.40
C ALA A 194 61.15 -19.60 -51.44
N ASN A 195 61.25 -20.64 -50.61
CA ASN A 195 62.42 -20.80 -49.77
C ASN A 195 63.59 -21.26 -50.61
N MET A 196 64.78 -21.28 -50.00
CA MET A 196 65.96 -21.82 -50.68
C MET A 196 65.92 -23.35 -50.60
N ASP A 197 64.96 -23.90 -51.32
CA ASP A 197 64.66 -25.33 -51.32
C ASP A 197 64.46 -25.78 -52.75
N TRP A 198 65.02 -26.95 -53.09
CA TRP A 198 64.79 -27.49 -54.42
C TRP A 198 63.34 -27.92 -54.60
N ARG A 199 62.71 -28.38 -53.52
CA ARG A 199 61.28 -28.70 -53.58
C ARG A 199 60.45 -27.46 -53.89
N SER A 200 60.95 -26.28 -53.52
CA SER A 200 60.27 -25.03 -53.82
C SER A 200 60.31 -24.66 -55.31
N LEU A 201 61.09 -25.38 -56.11
CA LEU A 201 61.20 -25.09 -57.53
C LEU A 201 60.39 -26.02 -58.42
N THR A 202 60.17 -27.27 -58.00
CA THR A 202 59.51 -28.25 -58.86
C THR A 202 58.39 -29.02 -58.19
N GLN A 203 58.33 -29.08 -56.86
CA GLN A 203 57.35 -29.92 -56.17
C GLN A 203 56.37 -29.15 -55.30
N VAL A 204 56.50 -27.83 -55.19
CA VAL A 204 55.62 -27.03 -54.34
C VAL A 204 55.21 -25.78 -55.12
N LYS A 205 53.92 -25.45 -55.08
CA LYS A 205 53.43 -24.24 -55.74
C LYS A 205 53.88 -23.02 -54.96
N GLU A 206 54.48 -22.06 -55.67
CA GLU A 206 54.99 -20.85 -55.05
C GLU A 206 54.63 -19.64 -55.89
N LEU A 207 54.50 -18.48 -55.24
CA LEU A 207 54.24 -17.23 -55.94
C LEU A 207 55.14 -16.13 -55.40
N GLY A 208 55.63 -15.27 -56.29
CA GLY A 208 56.44 -14.14 -55.91
C GLY A 208 56.47 -13.14 -57.05
N VAL A 209 57.17 -12.03 -56.81
CA VAL A 209 57.32 -10.97 -57.79
C VAL A 209 58.80 -10.66 -57.93
N VAL A 210 59.25 -10.50 -59.17
CA VAL A 210 60.61 -10.06 -59.47
C VAL A 210 60.52 -8.68 -60.08
N MET A 211 61.14 -7.70 -59.44
CA MET A 211 61.20 -6.34 -59.93
C MET A 211 62.59 -6.10 -60.50
N TYR A 212 62.66 -5.80 -61.79
CA TYR A 212 63.90 -5.50 -62.48
C TYR A 212 64.07 -3.99 -62.65
N ASN A 213 65.32 -3.54 -62.58
CA ASN A 213 65.70 -2.18 -62.92
C ASN A 213 64.97 -1.14 -62.06
N CYS A 214 64.88 -1.42 -60.75
CA CYS A 214 64.26 -0.49 -59.79
C CYS A 214 65.23 -0.32 -58.62
N SER A 215 66.23 0.55 -58.82
CA SER A 215 67.27 0.72 -57.82
C SER A 215 66.72 1.28 -56.52
N CYS A 216 65.76 2.20 -56.60
CA CYS A 216 65.23 2.85 -55.40
C CYS A 216 64.56 1.84 -54.46
N LEU A 217 63.63 1.04 -55.01
CA LEU A 217 62.96 0.03 -54.21
C LEU A 217 63.94 -1.04 -53.73
N ALA A 218 64.95 -1.35 -54.55
CA ALA A 218 65.96 -2.31 -54.14
C ALA A 218 66.73 -1.82 -52.92
N ARG A 219 67.08 -0.52 -52.90
CA ARG A 219 67.73 0.05 -51.72
C ARG A 219 66.78 0.05 -50.53
N ASP A 220 65.50 0.31 -50.78
CA ASP A 220 64.51 0.25 -49.70
C ASP A 220 64.47 -1.13 -49.06
N LEU A 221 64.52 -2.19 -49.88
CA LEU A 221 64.58 -3.55 -49.35
C LEU A 221 65.93 -3.85 -48.69
N THR A 222 67.01 -3.29 -49.24
CA THR A 222 68.33 -3.46 -48.64
C THR A 222 68.38 -2.89 -47.23
N LYS A 223 67.55 -1.89 -46.94
CA LYS A 223 67.48 -1.38 -45.56
C LYS A 223 67.00 -2.46 -44.60
N ILE A 224 65.93 -3.18 -44.95
CA ILE A 224 65.45 -4.27 -44.11
C ILE A 224 66.48 -5.38 -44.03
N PHE A 225 67.12 -5.69 -45.16
CA PHE A 225 68.18 -6.71 -45.11
C PHE A 225 69.32 -6.27 -44.21
N GLU A 226 69.64 -4.98 -44.17
CA GLU A 226 70.67 -4.48 -43.29
C GLU A 226 70.27 -4.61 -41.83
N ALA A 227 68.98 -4.41 -41.54
CA ALA A 227 68.49 -4.70 -40.19
C ALA A 227 68.73 -6.15 -39.82
N TYR A 228 68.40 -7.07 -40.73
CA TYR A 228 68.66 -8.48 -40.48
C TYR A 228 70.15 -8.76 -40.29
N TRP A 229 70.98 -8.17 -41.14
CA TRP A 229 72.42 -8.41 -41.10
C TRP A 229 73.02 -7.91 -39.79
N PHE A 230 72.60 -6.73 -39.32
CA PHE A 230 73.04 -6.25 -38.03
C PHE A 230 72.58 -7.18 -36.91
N LEU A 231 71.34 -7.65 -36.99
CA LEU A 231 70.86 -8.59 -35.98
C LEU A 231 71.58 -9.93 -36.05
N GLY A 232 72.28 -10.21 -37.14
CA GLY A 232 73.03 -11.45 -37.24
C GLY A 232 74.33 -11.50 -36.47
N GLN A 233 74.77 -10.38 -35.91
CA GLN A 233 75.98 -10.36 -35.12
C GLN A 233 75.78 -11.05 -33.78
N ALA A 234 76.88 -11.55 -33.20
CA ALA A 234 76.81 -12.35 -31.99
C ALA A 234 76.25 -11.54 -30.83
N GLY A 235 76.96 -10.49 -30.42
CA GLY A 235 76.53 -9.70 -29.28
C GLY A 235 75.68 -8.51 -29.66
N SER A 236 74.62 -8.75 -30.43
CA SER A 236 73.75 -7.70 -30.94
C SER A 236 72.34 -7.90 -30.43
N SER A 237 71.66 -6.79 -30.15
CA SER A 237 70.27 -6.80 -29.71
C SER A 237 69.53 -5.66 -30.38
N ILE A 238 68.21 -5.74 -30.34
CA ILE A 238 67.37 -4.71 -30.98
C ILE A 238 67.52 -3.41 -30.22
N PRO A 239 67.88 -2.31 -30.88
CA PRO A 239 67.93 -1.01 -30.20
C PRO A 239 66.54 -0.46 -29.94
N SER A 240 66.44 0.41 -28.94
CA SER A 240 65.18 1.10 -28.69
C SER A 240 64.79 1.95 -29.89
N THR A 241 65.74 2.67 -30.46
CA THR A 241 65.56 3.37 -31.73
C THR A 241 66.65 2.93 -32.68
N TRP A 242 66.26 2.54 -33.89
CA TRP A 242 67.24 2.12 -34.88
C TRP A 242 68.00 3.33 -35.39
N PRO A 243 69.23 3.13 -35.88
CA PRO A 243 69.97 4.25 -36.48
C PRO A 243 69.22 4.84 -37.66
N ARG A 244 69.39 6.15 -37.85
CA ARG A 244 68.65 6.87 -38.88
C ARG A 244 68.94 6.34 -40.28
N SER A 245 70.07 5.66 -40.47
CA SER A 245 70.35 5.02 -41.76
C SER A 245 69.37 3.91 -42.09
N PHE A 246 68.61 3.43 -41.10
CA PHE A 246 67.62 2.39 -41.34
C PHE A 246 66.25 2.95 -41.70
N ASP A 247 65.99 4.23 -41.44
CA ASP A 247 64.68 4.80 -41.65
C ASP A 247 64.37 4.91 -43.14
N THR A 248 63.07 4.95 -43.45
CA THR A 248 62.58 5.06 -44.81
C THR A 248 61.50 6.13 -44.87
N ARG A 249 61.48 6.89 -45.96
CA ARG A 249 60.45 7.91 -46.18
C ARG A 249 59.26 7.39 -46.95
N TYR A 250 59.27 6.11 -47.34
CA TYR A 250 58.22 5.53 -48.17
C TYR A 250 57.45 4.51 -47.34
N ASN A 251 56.14 4.72 -47.22
CA ASN A 251 55.29 3.92 -46.35
C ASN A 251 53.87 4.02 -46.87
N GLN A 252 52.92 3.58 -46.03
CA GLN A 252 51.51 3.59 -46.43
C GLN A 252 51.02 5.02 -46.72
N GLU A 253 51.39 5.97 -45.86
CA GLU A 253 50.95 7.35 -46.05
C GLU A 253 51.54 7.97 -47.30
N THR A 254 52.84 7.74 -47.54
CA THR A 254 53.54 8.29 -48.69
C THR A 254 54.24 7.15 -49.43
N PRO A 255 53.52 6.43 -50.28
CA PRO A 255 54.15 5.33 -51.03
C PRO A 255 55.10 5.88 -52.08
N MET A 256 56.05 5.02 -52.47
CA MET A 256 57.04 5.43 -53.46
C MET A 256 56.40 5.51 -54.84
N GLU A 257 56.63 6.63 -55.52
CA GLU A 257 56.17 6.83 -56.89
C GLU A 257 57.18 6.21 -57.86
N ILE A 258 56.84 5.08 -58.43
CA ILE A 258 57.70 4.39 -59.39
C ILE A 258 57.05 4.43 -60.78
N CYS A 259 57.83 4.06 -61.78
CA CYS A 259 57.34 3.87 -63.14
C CYS A 259 57.36 2.36 -63.40
N LEU A 260 56.17 1.75 -63.43
CA LEU A 260 56.03 0.30 -63.54
C LEU A 260 55.53 -0.04 -64.94
N ASN A 261 56.38 -0.71 -65.72
CA ASN A 261 56.06 -1.09 -67.09
C ASN A 261 55.63 0.14 -67.90
N GLY A 262 56.35 1.24 -67.71
CA GLY A 262 56.03 2.49 -68.37
C GLY A 262 54.72 3.12 -67.94
N THR A 263 54.39 3.02 -66.64
CA THR A 263 53.17 3.59 -66.10
C THR A 263 53.42 3.97 -64.65
N PRO A 264 53.01 5.16 -64.21
CA PRO A 264 53.19 5.52 -62.80
C PRO A 264 52.44 4.58 -61.87
N ALA A 265 53.04 4.32 -60.72
CA ALA A 265 52.46 3.43 -59.73
C ALA A 265 52.97 3.83 -58.35
N LEU A 266 52.24 3.40 -57.32
CA LEU A 266 52.63 3.62 -55.94
C LEU A 266 52.99 2.27 -55.32
N ALA A 267 54.24 2.12 -54.92
CA ALA A 267 54.72 0.87 -54.36
C ALA A 267 55.50 1.14 -53.08
N TYR A 268 55.38 0.22 -52.13
CA TYR A 268 56.17 0.33 -50.91
C TYR A 268 56.31 -1.04 -50.26
N LEU A 269 57.22 -1.12 -49.29
CA LEU A 269 57.57 -2.36 -48.61
C LEU A 269 57.26 -2.23 -47.13
N ALA A 270 56.53 -3.21 -46.60
CA ALA A 270 56.21 -3.29 -45.19
C ALA A 270 56.99 -4.43 -44.55
N SER A 271 57.29 -4.29 -43.26
CA SER A 271 58.13 -5.24 -42.55
C SER A 271 57.51 -5.60 -41.20
N ALA A 272 57.84 -6.79 -40.73
CA ALA A 272 57.43 -7.34 -39.44
C ALA A 272 58.62 -8.10 -38.87
N PRO A 273 58.72 -8.22 -37.53
CA PRO A 273 57.84 -7.73 -36.46
C PRO A 273 58.00 -6.25 -36.17
N PRO A 274 57.09 -5.66 -35.39
CA PRO A 274 57.20 -4.23 -35.06
C PRO A 274 58.53 -3.86 -34.42
N PRO A 275 59.13 -4.71 -33.58
CA PRO A 275 60.47 -4.38 -33.06
C PRO A 275 61.53 -4.22 -34.15
N LEU A 276 61.33 -4.82 -35.32
CA LEU A 276 62.26 -4.68 -36.44
C LEU A 276 61.77 -3.67 -37.47
N CYS A 277 61.20 -2.55 -37.02
CA CYS A 277 60.63 -1.55 -37.91
C CYS A 277 61.13 -0.16 -37.52
N PRO A 278 61.87 0.53 -38.38
CA PRO A 278 62.21 1.93 -38.10
C PRO A 278 60.98 2.82 -38.07
N SER A 279 61.18 4.10 -37.72
CA SER A 279 60.04 4.99 -37.51
C SER A 279 59.20 5.16 -38.76
N GLY A 280 59.84 5.28 -39.92
CA GLY A 280 59.14 5.51 -41.17
C GLY A 280 58.70 4.27 -41.91
N ARG A 281 58.86 3.09 -41.33
CA ARG A 281 58.50 1.83 -42.00
C ARG A 281 57.12 1.39 -41.53
N THR A 282 56.26 1.10 -42.48
CA THR A 282 54.91 0.64 -42.16
C THR A 282 54.93 -0.82 -41.71
N PRO A 283 54.32 -1.15 -40.57
CA PRO A 283 54.24 -2.56 -40.17
C PRO A 283 53.44 -3.39 -41.17
N ASP A 284 53.80 -4.67 -41.27
CA ASP A 284 53.16 -5.55 -42.24
C ASP A 284 51.67 -5.69 -41.97
N LEU A 285 51.30 -5.81 -40.70
CA LEU A 285 49.87 -5.93 -40.36
C LEU A 285 49.10 -4.67 -40.76
N LYS A 286 49.69 -3.49 -40.53
CA LYS A 286 49.03 -2.25 -40.91
C LYS A 286 48.81 -2.18 -42.42
N ALA A 287 49.83 -2.57 -43.20
CA ALA A 287 49.69 -2.56 -44.65
C ALA A 287 48.61 -3.55 -45.11
N LEU A 288 48.61 -4.75 -44.54
CA LEU A 288 47.61 -5.75 -44.90
C LEU A 288 46.20 -5.25 -44.58
N LEU A 289 46.02 -4.68 -43.39
CA LEU A 289 44.71 -4.22 -42.98
C LEU A 289 44.26 -3.00 -43.79
N ASN A 290 45.21 -2.15 -44.20
CA ASN A 290 44.84 -1.04 -45.08
C ASN A 290 44.36 -1.54 -46.43
N VAL A 291 45.06 -2.52 -47.00
CA VAL A 291 44.62 -3.07 -48.28
C VAL A 291 43.24 -3.71 -48.13
N VAL A 292 43.02 -4.41 -47.02
CA VAL A 292 41.72 -5.05 -46.80
C VAL A 292 40.62 -4.00 -46.66
N ASP A 293 40.88 -2.93 -45.89
CA ASP A 293 39.85 -1.94 -45.59
C ASP A 293 39.56 -1.03 -46.77
N SER A 294 40.53 -0.82 -47.65
CA SER A 294 40.32 0.07 -48.80
C SER A 294 39.58 -0.62 -49.93
N ALA A 295 39.37 -1.93 -49.86
CA ALA A 295 38.68 -2.64 -50.93
C ALA A 295 37.19 -2.31 -50.94
N ARG A 296 36.65 -2.07 -52.13
CA ARG A 296 35.24 -1.77 -52.31
C ARG A 296 34.48 -2.80 -53.13
N SER A 297 35.16 -3.64 -53.90
CA SER A 297 34.50 -4.62 -54.76
C SER A 297 34.79 -6.05 -54.33
N PHE A 298 36.06 -6.44 -54.22
CA PHE A 298 36.38 -7.81 -53.87
C PHE A 298 37.74 -7.87 -53.17
N ILE A 299 37.95 -8.96 -52.44
CA ILE A 299 39.23 -9.30 -51.82
C ILE A 299 39.49 -10.76 -52.10
N TYR A 300 40.58 -11.04 -52.81
CA TYR A 300 41.02 -12.40 -53.07
C TYR A 300 42.28 -12.65 -52.26
N ILE A 301 42.24 -13.66 -51.39
CA ILE A 301 43.35 -14.00 -50.52
C ILE A 301 43.78 -15.45 -50.78
N ALA A 302 45.06 -15.66 -51.00
CA ALA A 302 45.62 -17.01 -51.12
C ALA A 302 46.81 -17.12 -50.20
N VAL A 303 46.65 -17.88 -49.11
CA VAL A 303 47.69 -18.11 -48.13
C VAL A 303 47.67 -19.58 -47.73
N MET A 304 48.84 -20.10 -47.38
CA MET A 304 48.93 -21.50 -46.97
C MET A 304 48.15 -21.75 -45.69
N ASN A 305 48.26 -20.85 -44.71
CA ASN A 305 47.63 -21.01 -43.42
C ASN A 305 46.96 -19.69 -43.02
N TYR A 306 45.69 -19.76 -42.64
CA TYR A 306 44.95 -18.63 -42.11
C TYR A 306 44.41 -19.01 -40.74
N LEU A 307 44.79 -18.27 -39.72
CA LEU A 307 44.38 -18.62 -38.36
C LEU A 307 44.27 -17.37 -37.48
N PRO A 308 43.07 -17.03 -37.02
CA PRO A 308 42.91 -15.79 -36.25
C PRO A 308 43.28 -15.99 -34.78
N THR A 309 44.39 -16.67 -34.53
CA THR A 309 44.93 -16.83 -33.20
C THR A 309 46.46 -16.79 -33.30
N MET A 310 47.11 -16.76 -32.13
CA MET A 310 48.55 -16.93 -32.07
C MET A 310 48.84 -18.42 -32.14
N GLU A 311 49.49 -18.87 -33.22
CA GLU A 311 49.62 -20.30 -33.48
C GLU A 311 50.40 -20.99 -32.37
N PHE A 312 51.55 -20.43 -31.99
CA PHE A 312 52.40 -20.99 -30.95
C PHE A 312 52.53 -19.96 -29.84
N SER A 313 51.91 -20.24 -28.70
CA SER A 313 51.97 -19.36 -27.54
C SER A 313 51.46 -20.09 -26.30
N PRO A 315 50.84 -19.35 -23.36
CA PRO A 315 49.38 -19.45 -23.29
C PRO A 315 48.69 -18.96 -24.57
N ARG A 316 47.74 -19.76 -25.06
CA ARG A 316 47.07 -19.46 -26.32
C ARG A 316 46.35 -18.12 -26.26
N ARG A 317 46.45 -17.36 -27.35
CA ARG A 317 45.85 -16.04 -27.46
C ARG A 317 44.98 -15.95 -28.72
N PHE A 318 43.86 -15.25 -28.62
CA PHE A 318 43.00 -14.99 -29.75
C PHE A 318 43.45 -13.72 -30.47
N TRP A 319 43.33 -13.73 -31.81
CA TRP A 319 43.86 -12.66 -32.65
C TRP A 319 42.92 -12.42 -33.82
N PRO A 320 41.86 -11.65 -33.61
CA PRO A 320 40.82 -11.50 -34.64
C PRO A 320 41.06 -10.34 -35.61
N ALA A 321 42.27 -9.79 -35.65
CA ALA A 321 42.52 -8.57 -36.43
C ALA A 321 42.13 -8.73 -37.89
N ILE A 322 42.79 -9.65 -38.60
CA ILE A 322 42.49 -9.87 -40.01
C ILE A 322 41.06 -10.39 -40.18
N ASP A 323 40.63 -11.26 -39.26
CA ASP A 323 39.28 -11.80 -39.33
C ASP A 323 38.23 -10.70 -39.19
N ASP A 324 38.44 -9.79 -38.22
CA ASP A 324 37.52 -8.68 -38.05
C ASP A 324 37.54 -7.75 -39.26
N GLY A 325 38.72 -7.51 -39.82
CA GLY A 325 38.79 -6.70 -41.03
C GLY A 325 38.02 -7.30 -42.18
N LEU A 326 38.17 -8.61 -42.39
CA LEU A 326 37.43 -9.28 -43.47
C LEU A 326 35.93 -9.22 -43.23
N ARG A 327 35.50 -9.46 -41.98
CA ARG A 327 34.07 -9.39 -41.67
C ARG A 327 33.54 -7.97 -41.88
N ARG A 328 34.31 -6.96 -41.49
CA ARG A 328 33.91 -5.57 -41.71
C ARG A 328 33.78 -5.25 -43.19
N ALA A 329 34.73 -5.72 -43.99
CA ALA A 329 34.66 -5.50 -45.43
C ALA A 329 33.43 -6.18 -46.02
N ALA A 330 33.15 -7.41 -45.59
CA ALA A 330 32.01 -8.13 -46.13
C ALA A 330 30.69 -7.49 -45.75
N TYR A 331 30.56 -7.02 -44.50
CA TYR A 331 29.27 -6.53 -44.02
C TYR A 331 29.04 -5.08 -44.40
N GLU A 332 29.99 -4.20 -44.10
CA GLU A 332 29.76 -2.77 -44.26
C GLU A 332 29.69 -2.36 -45.72
N ARG A 333 30.70 -2.73 -46.50
CA ARG A 333 30.81 -2.28 -47.89
C ARG A 333 30.41 -3.35 -48.89
N GLY A 334 29.89 -4.48 -48.44
CA GLY A 334 29.47 -5.54 -49.35
C GLY A 334 30.58 -6.08 -50.22
N VAL A 335 31.79 -6.16 -49.68
CA VAL A 335 32.96 -6.60 -50.44
C VAL A 335 32.93 -8.12 -50.56
N LYS A 336 33.10 -8.61 -51.78
CA LYS A 336 33.14 -10.05 -52.03
C LYS A 336 34.49 -10.59 -51.58
N VAL A 337 34.47 -11.54 -50.63
CA VAL A 337 35.69 -12.08 -50.05
C VAL A 337 35.80 -13.54 -50.46
N ARG A 338 36.86 -13.87 -51.18
CA ARG A 338 37.21 -15.24 -51.51
C ARG A 338 38.53 -15.58 -50.81
N LEU A 339 38.51 -16.66 -50.03
CA LEU A 339 39.65 -17.07 -49.24
C LEU A 339 40.08 -18.46 -49.67
N LEU A 340 41.29 -18.58 -50.17
CA LEU A 340 41.82 -19.83 -50.72
C LEU A 340 42.94 -20.31 -49.80
N ILE A 341 42.71 -21.42 -49.11
CA ILE A 341 43.64 -21.92 -48.10
C ILE A 341 44.22 -23.24 -48.59
N SER A 342 45.55 -23.36 -48.52
CA SER A 342 46.21 -24.60 -48.88
C SER A 342 46.02 -25.64 -47.79
N CYS A 343 45.87 -26.90 -48.20
CA CYS A 343 45.71 -28.00 -47.26
C CYS A 343 46.57 -29.18 -47.69
N TRP A 344 47.32 -29.73 -46.74
CA TRP A 344 48.07 -30.96 -46.95
C TRP A 344 48.01 -31.77 -45.67
N GLY A 345 48.85 -32.80 -45.57
CA GLY A 345 48.88 -33.64 -44.40
C GLY A 345 49.52 -33.03 -43.17
N HIS A 346 49.93 -31.76 -43.25
CA HIS A 346 50.56 -31.08 -42.13
C HIS A 346 49.80 -29.82 -41.72
N SER A 347 48.56 -29.65 -42.18
CA SER A 347 47.80 -28.46 -41.84
C SER A 347 47.23 -28.58 -40.44
N ASP A 348 47.17 -27.44 -39.75
CA ASP A 348 46.60 -27.40 -38.41
C ASP A 348 45.11 -27.71 -38.48
N PRO A 349 44.63 -28.78 -37.83
CA PRO A 349 43.18 -29.07 -37.88
C PRO A 349 42.33 -27.96 -37.31
N SER A 350 42.83 -27.25 -36.29
CA SER A 350 42.10 -26.12 -35.71
C SER A 350 41.79 -25.04 -36.74
N MET A 351 42.39 -25.10 -37.93
CA MET A 351 42.08 -24.15 -38.98
C MET A 351 40.65 -24.30 -39.48
N ARG A 352 40.08 -25.51 -39.38
CA ARG A 352 38.79 -25.77 -40.02
C ARG A 352 37.68 -24.92 -39.40
N SER A 353 37.51 -25.01 -38.09
CA SER A 353 36.36 -24.38 -37.43
C SER A 353 36.33 -22.88 -37.70
N PHE A 354 37.46 -22.20 -37.48
CA PHE A 354 37.53 -20.76 -37.73
C PHE A 354 37.11 -20.45 -39.16
N LEU A 355 37.58 -21.25 -40.13
CA LEU A 355 37.20 -21.02 -41.52
C LEU A 355 35.70 -21.16 -41.69
N LEU A 356 35.09 -22.17 -41.05
CA LEU A 356 33.64 -22.29 -41.08
C LEU A 356 32.99 -21.04 -40.49
N SER A 357 33.57 -20.49 -39.43
CA SER A 357 33.03 -19.28 -38.82
C SER A 357 32.99 -18.12 -39.81
N LEU A 358 33.79 -18.16 -40.86
CA LEU A 358 33.69 -17.17 -41.92
C LEU A 358 32.68 -17.58 -42.99
N ALA A 359 32.66 -18.86 -43.34
CA ALA A 359 31.77 -19.33 -44.41
C ALA A 359 30.30 -19.16 -44.04
N ALA A 360 29.98 -19.12 -42.74
CA ALA A 360 28.60 -18.90 -42.32
C ALA A 360 28.12 -17.49 -42.58
N LEU A 361 29.02 -16.56 -42.92
CA LEU A 361 28.61 -15.19 -43.17
C LEU A 361 28.01 -14.99 -44.57
N HIS A 362 28.02 -16.01 -45.41
CA HIS A 362 27.37 -15.94 -46.71
C HIS A 362 25.87 -16.05 -46.50
N ASP A 363 25.17 -14.93 -46.61
CA ASP A 363 23.75 -14.88 -46.31
C ASP A 363 23.09 -13.80 -47.16
N ASN A 364 21.89 -14.10 -47.68
CA ASN A 364 21.20 -13.14 -48.53
C ASN A 364 20.62 -11.99 -47.74
N HIS A 365 20.28 -12.20 -46.46
CA HIS A 365 19.72 -11.13 -45.66
C HIS A 365 20.79 -10.09 -45.30
N THR A 366 21.98 -10.54 -44.91
CA THR A 366 23.07 -9.63 -44.63
C THR A 366 23.75 -9.10 -45.89
N HIS A 367 23.50 -9.74 -47.03
CA HIS A 367 24.12 -9.43 -48.31
C HIS A 367 25.64 -9.64 -48.30
N SER A 368 26.19 -10.16 -47.21
CA SER A 368 27.61 -10.48 -47.17
C SER A 368 27.89 -11.74 -47.97
N ASP A 369 29.03 -11.75 -48.65
CA ASP A 369 29.43 -12.87 -49.51
C ASP A 369 30.87 -13.25 -49.16
N ILE A 370 31.02 -14.24 -48.29
CA ILE A 370 32.32 -14.78 -47.92
C ILE A 370 32.35 -16.23 -48.34
N GLN A 371 33.34 -16.59 -49.15
CA GLN A 371 33.49 -17.96 -49.62
C GLN A 371 34.91 -18.44 -49.32
N VAL A 372 35.02 -19.69 -48.91
CA VAL A 372 36.30 -20.30 -48.55
C VAL A 372 36.47 -21.58 -49.35
N LYS A 373 37.62 -21.71 -50.01
CA LYS A 373 37.96 -22.90 -50.76
C LYS A 373 39.31 -23.44 -50.31
N LEU A 374 39.49 -24.74 -50.45
CA LEU A 374 40.73 -25.42 -50.07
C LEU A 374 41.46 -25.88 -51.33
N PHE A 375 42.72 -25.49 -51.45
CA PHE A 375 43.57 -25.88 -52.56
C PHE A 375 44.48 -27.00 -52.10
N VAL A 376 44.41 -28.14 -52.80
CA VAL A 376 45.21 -29.32 -52.47
C VAL A 376 45.94 -29.75 -53.73
N VAL A 377 47.24 -29.99 -53.61
CA VAL A 377 48.06 -30.44 -54.72
C VAL A 377 48.00 -31.96 -54.77
N PRO A 378 47.52 -32.56 -55.85
CA PRO A 378 47.47 -34.02 -55.93
C PRO A 378 48.87 -34.62 -55.91
N THR A 379 48.99 -35.79 -55.30
CA THR A 379 50.24 -36.53 -55.23
C THR A 379 49.99 -37.96 -55.69
N ASP A 380 50.96 -38.52 -56.42
CA ASP A 380 50.88 -39.88 -56.89
C ASP A 380 51.76 -40.77 -56.01
N GLU A 381 51.92 -42.03 -56.44
CA GLU A 381 52.70 -42.98 -55.64
C GLU A 381 54.15 -42.52 -55.51
N SER A 382 54.75 -42.04 -56.60
CA SER A 382 56.15 -41.63 -56.55
C SER A 382 56.32 -40.33 -55.78
N GLN A 383 55.46 -39.34 -56.02
CA GLN A 383 55.60 -38.05 -55.37
C GLN A 383 55.31 -38.11 -53.88
N ALA A 384 54.57 -39.12 -53.42
CA ALA A 384 54.30 -39.25 -52.00
C ALA A 384 55.57 -39.58 -51.22
N ARG A 385 56.61 -40.06 -51.89
CA ARG A 385 57.87 -40.37 -51.23
C ARG A 385 58.74 -39.14 -51.04
N ILE A 386 58.54 -38.09 -51.82
CA ILE A 386 59.28 -36.84 -51.67
C ILE A 386 58.81 -36.19 -50.37
N PRO A 387 59.71 -35.91 -49.44
CA PRO A 387 59.29 -35.40 -48.12
C PRO A 387 58.90 -33.92 -48.18
N TYR A 388 57.78 -33.60 -47.55
CA TYR A 388 57.34 -32.22 -47.32
C TYR A 388 57.23 -31.45 -48.63
N ALA A 389 56.32 -31.92 -49.50
CA ALA A 389 56.12 -31.33 -50.81
C ALA A 389 54.64 -31.41 -51.16
N ARG A 390 54.33 -31.05 -52.41
CA ARG A 390 52.97 -31.09 -52.95
C ARG A 390 52.02 -30.20 -52.13
N VAL A 391 52.35 -28.91 -52.10
CA VAL A 391 51.57 -27.90 -51.39
C VAL A 391 51.56 -26.61 -52.19
N ASN A 392 50.68 -25.71 -51.80
CA ASN A 392 50.67 -24.34 -52.31
C ASN A 392 51.15 -23.39 -51.21
N ASN A 394 51.71 -20.21 -51.51
CA ASN A 394 51.43 -18.84 -51.92
C ASN A 394 51.00 -17.96 -50.75
N LYS A 395 51.38 -16.68 -50.78
CA LYS A 395 51.01 -15.70 -49.75
C LYS A 395 50.77 -14.36 -50.44
N TYR A 396 49.52 -14.12 -50.83
CA TYR A 396 49.21 -12.88 -51.52
C TYR A 396 47.73 -12.52 -51.39
N MET A 397 47.45 -11.25 -51.65
CA MET A 397 46.10 -10.70 -51.63
C MET A 397 45.96 -9.70 -52.78
N VAL A 398 44.80 -9.70 -53.42
CA VAL A 398 44.53 -8.79 -54.52
C VAL A 398 43.10 -8.27 -54.41
N THR A 399 42.93 -6.97 -54.59
CA THR A 399 41.62 -6.35 -54.66
C THR A 399 41.45 -5.75 -56.05
N GLU A 400 40.34 -5.01 -56.23
CA GLU A 400 40.13 -4.33 -57.50
C GLU A 400 41.06 -3.14 -57.69
N ARG A 401 41.80 -2.73 -56.64
CA ARG A 401 42.62 -1.54 -56.72
C ARG A 401 44.00 -1.67 -56.08
N ALA A 402 44.35 -2.83 -55.50
CA ALA A 402 45.61 -2.94 -54.79
C ALA A 402 46.12 -4.38 -54.86
N SER A 403 47.44 -4.52 -54.68
CA SER A 403 48.09 -5.82 -54.66
C SER A 403 49.05 -5.88 -53.48
N TYR A 404 49.03 -7.02 -52.79
CA TYR A 404 49.87 -7.29 -51.63
C TYR A 404 50.51 -8.65 -51.82
N ILE A 405 51.83 -8.72 -51.76
CA ILE A 405 52.56 -9.98 -51.87
C ILE A 405 53.46 -10.11 -50.65
N GLY A 406 53.27 -11.17 -49.86
CA GLY A 406 53.95 -11.30 -48.59
C GLY A 406 54.71 -12.61 -48.49
N THR A 407 55.58 -12.67 -47.48
CA THR A 407 56.37 -13.86 -47.16
C THR A 407 55.98 -14.45 -45.81
N SER A 408 54.70 -14.33 -45.44
CA SER A 408 54.25 -14.76 -44.12
C SER A 408 52.87 -15.38 -44.22
N ASN A 409 52.65 -16.44 -43.45
CA ASN A 409 51.31 -16.99 -43.30
C ASN A 409 50.47 -16.06 -42.44
N TRP A 410 49.14 -16.22 -42.54
CA TRP A 410 48.22 -15.27 -41.92
C TRP A 410 47.81 -15.76 -40.52
N SER A 411 48.65 -15.44 -39.56
CA SER A 411 48.39 -15.71 -38.15
C SER A 411 49.17 -14.68 -37.33
N GLY A 412 48.86 -14.61 -36.04
CA GLY A 412 49.38 -13.53 -35.22
C GLY A 412 50.89 -13.48 -35.15
N SER A 413 51.53 -14.65 -35.01
CA SER A 413 52.98 -14.69 -34.81
C SER A 413 53.71 -14.01 -35.97
N TYR A 414 53.30 -14.31 -37.21
CA TYR A 414 53.96 -13.76 -38.38
C TYR A 414 53.86 -12.24 -38.45
N PHE A 415 52.99 -11.62 -37.65
CA PHE A 415 52.88 -10.17 -37.61
C PHE A 415 53.29 -9.58 -36.26
N THR A 416 53.74 -10.40 -35.32
CA THR A 416 54.09 -9.86 -34.00
C THR A 416 55.48 -10.29 -33.56
N GLU A 417 55.90 -11.49 -33.96
CA GLU A 417 57.16 -12.04 -33.46
C GLU A 417 58.07 -12.52 -34.59
N THR A 418 57.48 -12.92 -35.71
CA THR A 418 58.21 -13.56 -36.79
C THR A 418 58.47 -12.57 -37.91
N ALA A 419 59.70 -12.54 -38.40
CA ALA A 419 60.10 -11.58 -39.43
C ALA A 419 59.43 -11.88 -40.76
N GLY A 420 59.11 -10.81 -41.49
CA GLY A 420 58.53 -10.93 -42.81
C GLY A 420 58.56 -9.59 -43.51
N THR A 421 58.51 -9.64 -44.83
CA THR A 421 58.41 -8.44 -45.65
C THR A 421 57.32 -8.63 -46.70
N SER A 422 56.73 -7.53 -47.13
CA SER A 422 55.65 -7.57 -48.10
C SER A 422 55.74 -6.36 -49.02
N LEU A 423 55.38 -6.58 -50.28
CA LEU A 423 55.36 -5.54 -51.29
C LEU A 423 53.91 -5.17 -51.61
N LEU A 424 53.62 -3.88 -51.60
CA LEU A 424 52.29 -3.35 -51.86
C LEU A 424 52.35 -2.42 -53.06
N VAL A 425 51.48 -2.67 -54.04
CA VAL A 425 51.46 -1.96 -55.31
C VAL A 425 50.05 -1.49 -55.59
N THR A 426 49.92 -0.23 -56.02
CA THR A 426 48.68 0.37 -56.47
C THR A 426 48.92 1.06 -57.81
N GLN A 427 47.98 0.90 -58.74
CA GLN A 427 48.15 1.46 -60.08
C GLN A 427 46.78 1.75 -60.67
N ASN A 428 46.64 2.91 -61.33
CA ASN A 428 45.34 3.36 -61.86
C ASN A 428 45.23 3.01 -63.34
N GLY A 429 45.56 1.80 -63.68
CA GLY A 429 45.47 1.32 -65.04
C GLY A 429 44.36 0.31 -65.20
N HIS A 430 44.24 -0.22 -66.42
CA HIS A 430 43.29 -1.28 -66.69
C HIS A 430 43.86 -2.66 -66.35
N GLY A 431 44.95 -2.72 -65.61
CA GLY A 431 45.56 -4.00 -65.35
C GLY A 431 46.90 -3.92 -64.67
N GLY A 432 47.91 -4.54 -65.30
CA GLY A 432 49.25 -4.52 -64.75
C GLY A 432 49.45 -5.70 -63.82
N LEU A 433 50.28 -5.49 -62.80
CA LEU A 433 50.57 -6.58 -61.86
C LEU A 433 49.31 -7.03 -61.15
N ARG A 434 48.41 -6.09 -60.82
CA ARG A 434 47.18 -6.43 -60.12
C ARG A 434 46.31 -7.36 -60.97
N SER A 435 46.18 -7.08 -62.25
CA SER A 435 45.37 -7.93 -63.12
C SER A 435 46.00 -9.31 -63.28
N GLN A 436 47.32 -9.38 -63.37
CA GLN A 436 47.99 -10.68 -63.45
C GLN A 436 47.77 -11.49 -62.17
N LEU A 437 47.85 -10.83 -61.02
CA LEU A 437 47.57 -11.51 -59.76
C LEU A 437 46.13 -12.00 -59.71
N GLU A 438 45.18 -11.18 -60.17
CA GLU A 438 43.79 -11.60 -60.20
C GLU A 438 43.58 -12.79 -61.14
N ALA A 439 44.25 -12.77 -62.30
CA ALA A 439 44.11 -13.88 -63.23
C ALA A 439 44.68 -15.17 -62.65
N VAL A 440 45.84 -15.08 -61.98
CA VAL A 440 46.41 -16.26 -61.33
C VAL A 440 45.47 -16.78 -60.25
N PHE A 441 44.91 -15.88 -59.45
CA PHE A 441 43.99 -16.30 -58.40
C PHE A 441 42.74 -16.95 -58.99
N LEU A 442 42.20 -16.38 -60.06
CA LEU A 442 41.01 -16.96 -60.68
C LEU A 442 41.31 -18.34 -61.26
N ARG A 443 42.48 -18.50 -61.89
CA ARG A 443 42.85 -19.81 -62.42
C ARG A 443 42.98 -20.83 -61.30
N ASP A 444 43.61 -20.45 -60.18
CA ASP A 444 43.73 -21.37 -59.05
C ASP A 444 42.37 -21.70 -58.45
N TRP A 445 41.52 -20.68 -58.31
CA TRP A 445 40.22 -20.85 -57.65
C TRP A 445 39.29 -21.73 -58.48
N GLU A 446 39.29 -21.56 -59.80
CA GLU A 446 38.44 -22.34 -60.68
C GLU A 446 39.07 -23.65 -61.10
N SER A 447 40.31 -23.91 -60.72
CA SER A 447 40.96 -25.17 -61.05
C SER A 447 40.27 -26.32 -60.30
N PRO A 448 40.33 -27.54 -60.85
CA PRO A 448 39.71 -28.68 -60.17
C PRO A 448 40.39 -29.07 -58.85
N TYR A 449 41.43 -28.36 -58.44
CA TYR A 449 42.12 -28.63 -57.19
C TYR A 449 41.58 -27.81 -56.02
N SER A 450 40.56 -26.98 -56.25
CA SER A 450 39.94 -26.20 -55.19
C SER A 450 38.59 -26.82 -54.84
N HIS A 451 38.36 -27.04 -53.56
CA HIS A 451 37.17 -27.72 -53.08
C HIS A 451 36.56 -26.97 -51.90
N ASP A 452 35.24 -27.08 -51.78
CA ASP A 452 34.52 -26.51 -50.64
C ASP A 452 34.79 -27.34 -49.38
N LEU A 453 34.43 -26.76 -48.23
CA LEU A 453 34.74 -27.36 -46.95
C LEU A 453 33.95 -28.65 -46.67
N ASP A 454 32.95 -28.97 -47.47
CA ASP A 454 32.16 -30.18 -47.29
C ASP A 454 32.56 -31.30 -48.25
N THR A 455 33.65 -31.12 -48.99
CA THR A 455 34.10 -32.13 -49.93
C THR A 455 34.64 -33.36 -49.20
N SER A 456 34.57 -34.50 -49.88
CA SER A 456 35.12 -35.73 -49.32
C SER A 456 36.65 -35.70 -49.46
N ALA A 457 37.32 -36.33 -48.50
CA ALA A 457 38.78 -36.35 -48.51
C ALA A 457 39.33 -37.31 -49.56
N ASN A 458 38.59 -38.37 -49.87
CA ASN A 458 39.10 -39.39 -50.79
C ASN A 458 39.29 -38.82 -52.20
N SER A 459 38.34 -38.02 -52.67
CA SER A 459 38.37 -37.52 -54.05
C SER A 459 39.03 -36.15 -54.13
N VAL A 460 40.19 -36.00 -53.48
CA VAL A 460 40.93 -34.75 -53.50
C VAL A 460 42.30 -34.99 -54.12
N GLY A 461 42.80 -36.21 -53.99
CA GLY A 461 44.07 -36.60 -54.57
C GLY A 461 45.26 -36.53 -53.63
N ASN A 462 45.07 -36.06 -52.40
CA ASN A 462 46.16 -35.95 -51.44
C ASN A 462 45.57 -35.90 -50.04
N ALA A 463 46.42 -36.16 -49.06
CA ALA A 463 46.01 -36.06 -47.66
C ALA A 463 45.70 -34.62 -47.30
N CYS A 464 44.53 -34.38 -46.70
CA CYS A 464 44.10 -33.06 -46.30
C CYS A 464 43.43 -33.19 -44.93
N ARG A 465 44.13 -32.76 -43.91
CA ARG A 465 43.64 -32.83 -42.53
C ARG A 465 42.34 -32.08 -42.34
N LEU A 466 42.14 -30.96 -43.03
CA LEU A 466 40.95 -30.15 -42.84
C LEU A 466 39.69 -30.80 -43.41
N LEU A 467 39.84 -31.76 -44.32
CA LEU A 467 38.69 -32.42 -44.93
C LEU A 467 38.48 -33.79 -44.30
N GLN B 51 41.72 3.49 -1.98
CA GLN B 51 40.74 3.85 -0.96
C GLN B 51 39.32 3.51 -1.41
N ARG B 52 38.79 2.40 -0.90
CA ARG B 52 37.43 2.00 -1.23
C ARG B 52 36.43 2.96 -0.59
N PRO B 53 35.29 3.20 -1.25
CA PRO B 53 34.26 4.06 -0.66
C PRO B 53 33.61 3.43 0.56
N ALA B 54 32.71 4.17 1.21
CA ALA B 54 32.07 3.69 2.43
C ALA B 54 31.17 2.49 2.12
N PRO B 55 31.19 1.46 2.97
CA PRO B 55 30.29 0.33 2.77
C PRO B 55 28.86 0.68 3.17
N CYS B 56 27.92 -0.13 2.69
CA CYS B 56 26.50 0.03 2.96
C CYS B 56 26.03 -1.03 3.95
N TYR B 57 25.10 -0.66 4.82
CA TYR B 57 24.63 -1.52 5.90
C TYR B 57 23.15 -1.87 5.78
N ASP B 58 22.49 -1.47 4.71
CA ASP B 58 21.07 -1.79 4.56
C ASP B 58 20.90 -3.30 4.36
N PRO B 59 19.86 -3.90 4.96
CA PRO B 59 19.62 -5.33 4.74
C PRO B 59 19.04 -5.60 3.36
N CYS B 60 19.89 -5.47 2.33
CA CYS B 60 19.43 -5.66 0.97
C CYS B 60 19.01 -7.10 0.74
N GLU B 61 17.91 -7.28 0.02
CA GLU B 61 17.36 -8.60 -0.29
C GLU B 61 17.00 -8.64 -1.77
N ALA B 62 17.60 -9.55 -2.51
CA ALA B 62 17.39 -9.66 -3.95
C ALA B 62 16.39 -10.78 -4.20
N VAL B 63 15.40 -10.49 -5.05
CA VAL B 63 14.37 -11.45 -5.41
C VAL B 63 14.31 -11.51 -6.93
N LEU B 64 14.51 -12.70 -7.48
CA LEU B 64 14.28 -12.92 -8.90
C LEU B 64 12.79 -12.83 -9.18
N VAL B 65 12.43 -12.14 -10.25
CA VAL B 65 11.03 -11.96 -10.62
C VAL B 65 10.90 -12.31 -12.10
N GLU B 66 9.79 -12.97 -12.45
CA GLU B 66 9.60 -13.46 -13.80
C GLU B 66 8.15 -13.34 -14.23
N SER B 67 7.96 -13.03 -15.51
CA SER B 67 6.66 -13.10 -16.16
C SER B 67 6.68 -14.34 -17.04
N ILE B 68 5.92 -15.35 -16.65
CA ILE B 68 5.79 -16.59 -17.42
C ILE B 68 4.49 -16.51 -18.21
N PRO B 69 4.54 -16.57 -19.54
CA PRO B 69 3.31 -16.43 -20.33
C PRO B 69 2.34 -17.55 -20.03
N GLU B 70 1.05 -17.23 -20.11
CA GLU B 70 0.01 -18.23 -19.89
C GLU B 70 0.13 -19.35 -20.91
N GLY B 71 0.11 -20.58 -20.41
CA GLY B 71 0.29 -21.77 -21.23
C GLY B 71 1.65 -22.41 -21.14
N LEU B 72 2.68 -21.64 -20.75
CA LEU B 72 4.01 -22.20 -20.61
C LEU B 72 4.07 -23.10 -19.37
N GLU B 73 4.51 -24.34 -19.57
CA GLU B 73 4.53 -25.34 -18.50
C GLU B 73 5.96 -25.79 -18.23
N PHE B 74 6.23 -26.06 -16.96
CA PHE B 74 7.55 -26.45 -16.47
C PHE B 74 7.40 -27.63 -15.51
N PRO B 75 8.46 -28.42 -15.31
CA PRO B 75 8.36 -29.57 -14.39
C PRO B 75 8.19 -29.17 -12.94
N ASN B 76 8.20 -30.16 -12.05
CA ASN B 76 7.69 -30.03 -10.69
C ASN B 76 8.32 -28.90 -9.89
N ALA B 77 9.60 -29.04 -9.59
CA ALA B 77 10.23 -28.06 -8.70
C ALA B 77 10.53 -26.77 -9.44
N THR B 78 11.49 -26.82 -10.35
CA THR B 78 11.79 -25.62 -11.17
C THR B 78 11.53 -24.38 -10.31
N THR B 79 12.43 -24.07 -9.39
CA THR B 79 12.22 -22.98 -8.40
C THR B 79 11.38 -21.86 -8.98
N SER B 80 10.15 -21.74 -8.51
CA SER B 80 9.25 -20.71 -9.07
C SER B 80 9.49 -19.43 -8.29
N ASN B 81 9.75 -18.39 -9.05
CA ASN B 81 10.10 -17.10 -8.45
C ASN B 81 8.80 -16.32 -8.42
N PRO B 82 8.68 -15.28 -7.60
CA PRO B 82 7.50 -14.46 -7.63
C PRO B 82 7.22 -13.88 -9.02
N SER B 83 5.96 -13.65 -9.36
CA SER B 83 5.64 -13.04 -10.64
C SER B 83 5.89 -11.54 -10.61
N THR B 84 6.11 -10.97 -11.81
CA THR B 84 6.37 -9.54 -11.92
C THR B 84 5.18 -8.72 -11.45
N SER B 85 3.96 -9.19 -11.75
CA SER B 85 2.76 -8.49 -11.31
C SER B 85 2.69 -8.44 -9.79
N GLN B 86 3.00 -9.55 -9.12
CA GLN B 86 2.96 -9.58 -7.66
C GLN B 86 3.96 -8.60 -7.06
N ALA B 87 5.19 -8.59 -7.59
CA ALA B 87 6.21 -7.68 -7.08
C ALA B 87 5.82 -6.23 -7.30
N TRP B 88 5.30 -5.91 -8.48
CA TRP B 88 4.88 -4.55 -8.77
C TRP B 88 3.75 -4.13 -7.84
N LEU B 89 2.77 -5.00 -7.62
CA LEU B 89 1.66 -4.67 -6.73
C LEU B 89 2.14 -4.46 -5.30
N GLY B 90 3.05 -5.32 -4.83
CA GLY B 90 3.57 -5.13 -3.48
C GLY B 90 4.35 -3.84 -3.33
N LEU B 91 5.19 -3.52 -4.33
CA LEU B 91 5.95 -2.28 -4.28
C LEU B 91 5.03 -1.06 -4.30
N LEU B 92 3.98 -1.10 -5.12
CA LEU B 92 3.05 0.03 -5.17
C LEU B 92 2.26 0.15 -3.86
N ALA B 93 1.90 -0.98 -3.25
CA ALA B 93 1.17 -0.93 -1.98
C ALA B 93 2.05 -0.40 -0.86
N GLY B 94 3.34 -0.75 -0.87
CA GLY B 94 4.24 -0.29 0.18
C GLY B 94 4.84 1.08 -0.05
N ALA B 95 4.60 1.71 -1.19
CA ALA B 95 5.17 3.01 -1.47
C ALA B 95 4.54 4.08 -0.58
N HIS B 96 5.38 4.95 -0.02
CA HIS B 96 4.91 5.99 0.89
C HIS B 96 5.46 7.38 0.61
N SER B 97 6.60 7.52 -0.06
CA SER B 97 7.21 8.83 -0.23
C SER B 97 7.44 9.22 -1.68
N SER B 98 7.90 8.31 -2.52
CA SER B 98 8.25 8.66 -3.89
C SER B 98 8.27 7.41 -4.76
N LEU B 99 8.13 7.62 -6.06
CA LEU B 99 8.26 6.55 -7.04
C LEU B 99 8.86 7.14 -8.31
N ASP B 100 9.89 6.48 -8.82
CA ASP B 100 10.57 6.87 -10.05
C ASP B 100 10.51 5.70 -11.01
N ILE B 101 10.09 5.95 -12.25
CA ILE B 101 9.93 4.89 -13.25
C ILE B 101 10.62 5.32 -14.54
N ALA B 102 11.50 4.46 -15.06
CA ALA B 102 12.08 4.63 -16.39
C ALA B 102 11.47 3.57 -17.30
N SER B 103 10.86 4.02 -18.39
CA SER B 103 10.05 3.14 -19.22
C SER B 103 10.26 3.46 -20.70
N PHE B 104 9.93 2.47 -21.54
CA PHE B 104 9.99 2.61 -22.98
C PHE B 104 8.66 3.12 -23.54
N TYR B 105 7.58 2.41 -23.25
CA TYR B 105 6.24 2.79 -23.68
C TYR B 105 5.25 2.41 -22.59
N TRP B 106 4.01 2.87 -22.74
CA TRP B 106 2.97 2.67 -21.73
C TRP B 106 1.72 2.14 -22.42
N THR B 107 1.50 0.82 -22.32
CA THR B 107 0.26 0.17 -22.77
C THR B 107 -0.16 -0.81 -21.68
N LEU B 108 -0.90 -0.30 -20.69
CA LEU B 108 -1.27 -1.11 -19.53
C LEU B 108 -2.71 -1.58 -19.56
N THR B 109 -3.55 -1.03 -20.43
CA THR B 109 -4.96 -1.36 -20.49
C THR B 109 -5.30 -1.96 -21.85
N ASN B 110 -6.48 -2.57 -21.92
CA ASN B 110 -6.96 -3.14 -23.18
C ASN B 110 -7.21 -2.06 -24.22
N ASN B 111 -7.59 -0.85 -23.78
CA ASN B 111 -7.86 0.23 -24.73
C ASN B 111 -6.60 0.69 -25.46
N ASP B 112 -5.45 0.66 -24.79
CA ASP B 112 -4.20 1.09 -25.42
C ASP B 112 -3.83 0.21 -26.61
N THR B 113 -3.99 -1.10 -26.46
CA THR B 113 -3.65 -2.05 -27.51
C THR B 113 -4.83 -2.44 -28.39
N HIS B 114 -6.01 -1.85 -28.16
CA HIS B 114 -7.23 -2.16 -28.90
C HIS B 114 -7.55 -3.66 -28.79
N THR B 115 -7.67 -4.11 -27.54
CA THR B 115 -7.88 -5.51 -27.23
C THR B 115 -9.03 -5.64 -26.24
N GLN B 116 -9.45 -6.88 -25.99
CA GLN B 116 -10.46 -7.19 -24.98
C GLN B 116 -10.07 -8.46 -24.24
N GLU B 117 -8.77 -8.65 -24.03
CA GLU B 117 -8.28 -9.86 -23.38
C GLU B 117 -8.45 -9.74 -21.87
N PRO B 118 -9.01 -10.76 -21.20
CA PRO B 118 -9.00 -10.75 -19.73
C PRO B 118 -7.59 -10.79 -19.15
N SER B 119 -6.62 -11.31 -19.90
CA SER B 119 -5.24 -11.39 -19.42
C SER B 119 -4.64 -10.02 -19.17
N ALA B 120 -5.25 -8.95 -19.69
CA ALA B 120 -4.78 -7.60 -19.41
C ALA B 120 -5.09 -7.17 -17.98
N GLN B 121 -5.90 -7.94 -17.25
CA GLN B 121 -6.39 -7.54 -15.94
C GLN B 121 -5.23 -7.09 -15.04
N GLN B 122 -4.19 -7.92 -14.95
CA GLN B 122 -3.05 -7.58 -14.09
C GLN B 122 -2.52 -6.20 -14.41
N GLY B 123 -2.22 -5.95 -15.69
CA GLY B 123 -1.70 -4.64 -16.07
C GLY B 123 -2.63 -3.52 -15.65
N GLU B 124 -3.93 -3.69 -15.92
CA GLU B 124 -4.87 -2.63 -15.58
C GLU B 124 -4.87 -2.38 -14.08
N GLU B 125 -4.77 -3.45 -13.28
CA GLU B 125 -4.71 -3.26 -11.83
C GLU B 125 -3.50 -2.43 -11.47
N VAL B 126 -2.34 -2.74 -12.06
CA VAL B 126 -1.14 -1.98 -11.76
C VAL B 126 -1.39 -0.51 -12.05
N LEU B 127 -1.97 -0.22 -13.22
CA LEU B 127 -2.27 1.15 -13.58
C LEU B 127 -3.12 1.81 -12.51
N GLN B 128 -4.17 1.12 -12.06
CA GLN B 128 -5.02 1.67 -11.01
C GLN B 128 -4.21 2.01 -9.78
N GLN B 129 -3.35 1.08 -9.34
CA GLN B 129 -2.52 1.35 -8.17
C GLN B 129 -1.62 2.54 -8.42
N LEU B 130 -1.09 2.67 -9.63
CA LEU B 130 -0.28 3.84 -9.96
C LEU B 130 -1.10 5.11 -9.81
N GLN B 131 -2.34 5.10 -10.31
CA GLN B 131 -3.19 6.28 -10.17
C GLN B 131 -3.51 6.59 -8.72
N ALA B 132 -3.36 5.60 -7.83
CA ALA B 132 -3.59 5.84 -6.41
C ALA B 132 -2.38 6.44 -5.70
N LEU B 133 -1.19 6.40 -6.31
CA LEU B 133 0.01 6.81 -5.59
C LEU B 133 0.02 8.29 -5.29
N ALA B 134 -0.22 9.12 -6.30
CA ALA B 134 -0.10 10.57 -6.12
C ALA B 134 -1.10 11.15 -5.14
N PRO B 135 -2.41 10.85 -5.21
CA PRO B 135 -3.35 11.54 -4.33
C PRO B 135 -3.11 11.26 -2.85
N ARG B 136 -2.44 10.17 -2.50
CA ARG B 136 -2.17 9.85 -1.10
C ARG B 136 -0.81 10.35 -0.63
N GLY B 137 -0.09 11.10 -1.45
CA GLY B 137 1.13 11.75 -1.04
C GLY B 137 2.39 11.26 -1.71
N VAL B 138 2.35 10.13 -2.42
CA VAL B 138 3.55 9.60 -3.05
C VAL B 138 3.91 10.46 -4.26
N LYS B 139 5.17 10.90 -4.33
CA LYS B 139 5.64 11.72 -5.44
C LYS B 139 6.03 10.82 -6.60
N VAL B 140 5.30 10.92 -7.70
CA VAL B 140 5.49 10.07 -8.87
C VAL B 140 6.15 10.91 -9.97
N ARG B 141 7.26 10.40 -10.50
CA ARG B 141 7.95 11.03 -11.62
C ARG B 141 8.15 9.97 -12.70
N ILE B 142 7.74 10.28 -13.93
CA ILE B 142 7.77 9.32 -15.03
C ILE B 142 8.52 9.93 -16.20
N ALA B 143 9.56 9.22 -16.67
CA ALA B 143 10.28 9.56 -17.89
C ALA B 143 10.08 8.43 -18.88
N VAL B 144 9.63 8.77 -20.08
CA VAL B 144 9.31 7.78 -21.11
C VAL B 144 9.97 8.22 -22.40
N SER B 145 10.22 7.24 -23.27
CA SER B 145 10.70 7.56 -24.61
C SER B 145 9.62 8.36 -25.34
N LYS B 146 10.06 9.33 -26.14
CA LYS B 146 9.11 10.20 -26.82
C LYS B 146 8.31 9.41 -27.84
N PRO B 147 6.99 9.38 -27.73
CA PRO B 147 6.17 8.59 -28.65
C PRO B 147 5.70 9.41 -29.84
N ASN B 148 5.05 8.72 -30.79
CA ASN B 148 4.49 9.41 -31.93
C ASN B 148 3.20 10.15 -31.57
N GLY B 149 2.41 9.59 -30.67
CA GLY B 149 1.16 10.19 -30.27
C GLY B 149 0.95 10.17 -28.77
N PRO B 150 -0.06 10.91 -28.30
CA PRO B 150 -0.33 10.95 -26.86
C PRO B 150 -0.68 9.58 -26.29
N LEU B 151 -0.25 9.36 -25.05
CA LEU B 151 -0.46 8.09 -24.36
C LEU B 151 -1.55 8.28 -23.31
N ALA B 152 -2.58 7.43 -23.38
CA ALA B 152 -3.71 7.56 -22.46
C ALA B 152 -3.29 7.28 -21.02
N ASP B 153 -2.44 6.28 -20.80
CA ASP B 153 -1.98 5.97 -19.46
C ASP B 153 -1.24 7.15 -18.85
N LEU B 154 -0.38 7.80 -19.65
CA LEU B 154 0.38 8.93 -19.13
C LEU B 154 -0.52 10.10 -18.80
N GLN B 155 -1.53 10.36 -19.63
CA GLN B 155 -2.47 11.45 -19.32
C GLN B 155 -3.25 11.15 -18.05
N SER B 156 -3.74 9.92 -17.90
CA SER B 156 -4.51 9.57 -16.71
C SER B 156 -3.65 9.65 -15.46
N LEU B 157 -2.38 9.23 -15.55
CA LEU B 157 -1.47 9.39 -14.43
C LEU B 157 -1.18 10.87 -14.15
N LEU B 158 -1.09 11.68 -15.21
CA LEU B 158 -0.81 13.10 -15.06
C LEU B 158 -1.91 13.80 -14.29
N GLN B 159 -3.18 13.49 -14.58
CA GLN B 159 -4.24 14.11 -13.82
C GLN B 159 -4.53 13.39 -12.50
N SER B 160 -3.91 12.24 -12.27
CA SER B 160 -3.96 11.63 -10.94
C SER B 160 -2.98 12.27 -9.97
N GLY B 161 -2.12 13.16 -10.47
CA GLY B 161 -1.15 13.86 -9.65
C GLY B 161 0.30 13.52 -9.92
N ALA B 162 0.59 12.74 -10.95
CA ALA B 162 1.95 12.32 -11.25
C ALA B 162 2.64 13.31 -12.18
N GLN B 163 3.95 13.18 -12.27
CA GLN B 163 4.79 14.01 -13.13
C GLN B 163 5.34 13.14 -14.26
N VAL B 164 5.10 13.56 -15.49
CA VAL B 164 5.52 12.80 -16.67
C VAL B 164 6.35 13.71 -17.56
N ARG B 165 7.55 13.24 -17.92
CA ARG B 165 8.43 13.94 -18.84
C ARG B 165 8.86 12.98 -19.94
N MET B 166 8.94 13.48 -21.17
CA MET B 166 9.34 12.69 -22.31
C MET B 166 10.78 13.04 -22.70
N VAL B 167 11.63 12.01 -22.81
CA VAL B 167 13.03 12.19 -23.16
C VAL B 167 13.18 11.88 -24.65
N ASP B 168 13.64 12.88 -25.41
CA ASP B 168 13.82 12.76 -26.86
C ASP B 168 15.26 12.37 -27.17
N MET B 169 15.55 11.08 -26.96
CA MET B 169 16.89 10.55 -27.20
C MET B 169 17.26 10.56 -28.68
N GLN B 170 16.26 10.56 -29.57
CA GLN B 170 16.55 10.60 -31.01
C GLN B 170 17.27 11.90 -31.37
N LYS B 171 16.79 13.03 -30.83
CA LYS B 171 17.44 14.31 -31.05
C LYS B 171 18.81 14.37 -30.39
N LEU B 172 18.94 13.77 -29.21
CA LEU B 172 20.16 13.92 -28.42
C LEU B 172 21.28 13.04 -28.95
N THR B 173 21.09 11.72 -28.90
CA THR B 173 22.13 10.77 -29.29
C THR B 173 21.65 9.77 -30.33
N HIS B 174 20.55 10.07 -31.03
CA HIS B 174 20.02 9.20 -32.08
C HIS B 174 19.64 7.82 -31.54
N GLY B 175 18.90 7.83 -30.43
CA GLY B 175 18.46 6.59 -29.80
C GLY B 175 17.10 6.70 -29.14
N VAL B 176 16.79 5.78 -28.24
CA VAL B 176 15.51 5.77 -27.53
C VAL B 176 15.75 5.53 -26.04
N LEU B 177 14.74 5.86 -25.24
CA LEU B 177 14.75 5.59 -23.80
C LEU B 177 14.26 4.16 -23.59
N HIS B 178 15.19 3.23 -23.73
CA HIS B 178 14.88 1.80 -23.63
C HIS B 178 14.91 1.28 -22.20
N THR B 179 15.34 2.09 -21.24
CA THR B 179 15.49 1.63 -19.86
C THR B 179 14.13 1.38 -19.21
N LYS B 180 14.06 0.34 -18.37
CA LYS B 180 12.85 0.01 -17.62
C LYS B 180 13.27 -0.34 -16.19
N PHE B 181 13.07 0.60 -15.26
CA PHE B 181 13.33 0.30 -13.86
C PHE B 181 12.41 1.13 -12.98
N TRP B 182 12.25 0.66 -11.75
CA TRP B 182 11.46 1.32 -10.72
C TRP B 182 12.34 1.59 -9.50
N VAL B 183 12.18 2.78 -8.91
CA VAL B 183 12.79 3.12 -7.64
C VAL B 183 11.67 3.54 -6.70
N VAL B 184 11.57 2.88 -5.55
CA VAL B 184 10.47 3.08 -4.61
C VAL B 184 11.06 3.58 -3.30
N ASP B 185 10.63 4.80 -2.91
CA ASP B 185 10.94 5.39 -1.61
C ASP B 185 12.44 5.46 -1.34
N GLN B 186 13.24 5.53 -2.40
CA GLN B 186 14.71 5.52 -2.31
C GLN B 186 15.22 4.32 -1.53
N THR B 187 14.41 3.28 -1.39
CA THR B 187 14.77 2.09 -0.64
C THR B 187 14.74 0.83 -1.50
N HIS B 188 13.67 0.60 -2.24
CA HIS B 188 13.56 -0.58 -3.10
C HIS B 188 13.76 -0.16 -4.54
N PHE B 189 14.09 -1.15 -5.39
CA PHE B 189 14.13 -0.87 -6.81
C PHE B 189 13.99 -2.16 -7.60
N TYR B 190 13.24 -2.09 -8.70
CA TYR B 190 13.12 -3.16 -9.67
C TYR B 190 13.93 -2.82 -10.91
N LEU B 191 14.66 -3.80 -11.43
CA LEU B 191 15.42 -3.63 -12.66
C LEU B 191 15.26 -4.89 -13.50
N GLY B 192 14.70 -4.74 -14.69
CA GLY B 192 14.45 -5.89 -15.52
C GLY B 192 14.08 -5.50 -16.94
N SER B 193 13.47 -6.43 -17.64
CA SER B 193 13.10 -6.25 -19.04
C SER B 193 11.63 -5.94 -19.24
N ALA B 194 10.84 -5.90 -18.17
CA ALA B 194 9.39 -5.71 -18.29
C ALA B 194 9.09 -4.24 -18.56
N ASN B 195 8.54 -3.96 -19.75
CA ASN B 195 8.07 -2.63 -20.06
C ASN B 195 6.76 -2.34 -19.32
N MET B 196 6.31 -1.10 -19.42
CA MET B 196 5.01 -0.72 -18.87
C MET B 196 3.91 -1.18 -19.83
N ASP B 197 3.78 -2.50 -19.89
CA ASP B 197 2.89 -3.17 -20.83
C ASP B 197 2.15 -4.28 -20.10
N TRP B 198 0.85 -4.40 -20.37
CA TRP B 198 0.09 -5.49 -19.77
C TRP B 198 0.49 -6.84 -20.36
N ARG B 199 0.88 -6.87 -21.63
CA ARG B 199 1.38 -8.11 -22.22
C ARG B 199 2.67 -8.57 -21.55
N SER B 200 3.42 -7.64 -20.96
CA SER B 200 4.64 -7.99 -20.23
C SER B 200 4.36 -8.71 -18.93
N LEU B 201 3.10 -8.79 -18.50
CA LEU B 201 2.76 -9.45 -17.26
C LEU B 201 2.19 -10.84 -17.44
N THR B 202 1.51 -11.10 -18.56
CA THR B 202 0.85 -12.39 -18.78
C THR B 202 1.11 -13.02 -20.14
N GLN B 203 1.54 -12.27 -21.14
CA GLN B 203 1.68 -12.80 -22.49
C GLN B 203 3.11 -12.76 -23.02
N VAL B 204 4.06 -12.24 -22.26
CA VAL B 204 5.45 -12.15 -22.68
C VAL B 204 6.33 -12.59 -21.51
N LYS B 205 7.29 -13.47 -21.79
CA LYS B 205 8.22 -13.91 -20.76
C LYS B 205 9.20 -12.79 -20.43
N GLU B 206 9.33 -12.48 -19.14
CA GLU B 206 10.20 -11.40 -18.70
C GLU B 206 11.00 -11.86 -17.49
N LEU B 207 12.18 -11.28 -17.32
CA LEU B 207 13.02 -11.56 -16.16
C LEU B 207 13.54 -10.25 -15.58
N GLY B 208 13.60 -10.18 -14.25
CA GLY B 208 14.13 -9.00 -13.59
C GLY B 208 14.49 -9.33 -12.16
N VAL B 209 15.03 -8.33 -11.48
CA VAL B 209 15.42 -8.46 -10.08
C VAL B 209 14.81 -7.31 -9.30
N VAL B 210 14.26 -7.63 -8.13
CA VAL B 210 13.74 -6.62 -7.20
C VAL B 210 14.66 -6.63 -5.98
N MET B 211 15.26 -5.48 -5.69
CA MET B 211 16.09 -5.32 -4.52
C MET B 211 15.30 -4.55 -3.47
N TYR B 212 15.05 -5.20 -2.34
CA TYR B 212 14.33 -4.60 -1.22
C TYR B 212 15.32 -4.16 -0.16
N ASN B 213 14.98 -3.06 0.51
CA ASN B 213 15.69 -2.60 1.70
C ASN B 213 17.17 -2.35 1.43
N CYS B 214 17.46 -1.72 0.28
CA CYS B 214 18.82 -1.37 -0.13
C CYS B 214 18.83 0.11 -0.53
N SER B 215 18.91 0.99 0.46
CA SER B 215 18.81 2.43 0.20
C SER B 215 19.98 2.93 -0.65
N CYS B 216 21.18 2.42 -0.41
CA CYS B 216 22.36 2.92 -1.10
C CYS B 216 22.27 2.69 -2.61
N LEU B 217 21.98 1.45 -3.01
CA LEU B 217 21.84 1.16 -4.44
C LEU B 217 20.64 1.89 -5.04
N ALA B 218 19.58 2.08 -4.26
CA ALA B 218 18.43 2.81 -4.77
C ALA B 218 18.79 4.26 -5.08
N ARG B 219 19.56 4.90 -4.20
CA ARG B 219 20.01 6.27 -4.49
C ARG B 219 20.97 6.29 -5.67
N ASP B 220 21.84 5.29 -5.78
CA ASP B 220 22.74 5.21 -6.93
C ASP B 220 21.95 5.14 -8.23
N LEU B 221 20.88 4.36 -8.25
CA LEU B 221 20.01 4.30 -9.43
C LEU B 221 19.25 5.61 -9.62
N THR B 222 18.88 6.27 -8.53
CA THR B 222 18.20 7.57 -8.62
C THR B 222 19.11 8.60 -9.29
N LYS B 223 20.43 8.42 -9.20
CA LYS B 223 21.33 9.31 -9.94
C LYS B 223 21.10 9.21 -11.45
N ILE B 224 21.05 7.99 -11.98
CA ILE B 224 20.76 7.80 -13.40
C ILE B 224 19.37 8.32 -13.73
N PHE B 225 18.43 8.07 -12.83
CA PHE B 225 17.08 8.59 -13.04
C PHE B 225 17.08 10.12 -13.09
N GLU B 226 17.93 10.76 -12.29
CA GLU B 226 18.03 12.21 -12.32
C GLU B 226 18.59 12.69 -13.65
N ALA B 227 19.55 11.95 -14.20
CA ALA B 227 20.02 12.25 -15.56
C ALA B 227 18.86 12.19 -16.56
N TYR B 228 18.07 11.13 -16.49
CA TYR B 228 16.91 11.00 -17.39
C TYR B 228 15.92 12.15 -17.19
N TRP B 229 15.63 12.48 -15.93
CA TRP B 229 14.66 13.51 -15.62
C TRP B 229 15.12 14.89 -16.10
N PHE B 230 16.40 15.20 -15.92
CA PHE B 230 16.93 16.46 -16.44
C PHE B 230 16.84 16.51 -17.96
N LEU B 231 17.14 15.38 -18.63
CA LEU B 231 17.04 15.38 -20.08
C LEU B 231 15.62 15.56 -20.59
N GLY B 232 14.61 15.38 -19.73
CA GLY B 232 13.23 15.58 -20.12
C GLY B 232 12.80 17.02 -20.23
N GLN B 233 13.63 17.96 -19.79
CA GLN B 233 13.29 19.37 -19.90
C GLN B 233 13.35 19.85 -21.34
N ALA B 234 12.61 20.92 -21.62
CA ALA B 234 12.46 21.40 -22.99
C ALA B 234 13.80 21.86 -23.56
N GLY B 235 14.39 22.89 -22.97
CA GLY B 235 15.64 23.45 -23.49
C GLY B 235 16.87 22.86 -22.85
N SER B 236 16.96 21.53 -22.82
CA SER B 236 18.06 20.83 -22.18
C SER B 236 18.83 19.99 -23.18
N SER B 237 20.15 19.91 -22.98
CA SER B 237 21.03 19.09 -23.79
C SER B 237 22.05 18.44 -22.87
N ILE B 238 22.71 17.41 -23.39
CA ILE B 238 23.70 16.66 -22.60
C ILE B 238 24.90 17.57 -22.35
N PRO B 239 25.28 17.77 -21.09
CA PRO B 239 26.48 18.57 -20.81
C PRO B 239 27.76 17.80 -21.12
N SER B 240 28.82 18.55 -21.38
CA SER B 240 30.13 17.93 -21.57
C SER B 240 30.58 17.19 -20.33
N THR B 241 30.38 17.80 -19.16
CA THR B 241 30.58 17.14 -17.88
C THR B 241 29.29 17.27 -17.06
N TRP B 242 28.85 16.16 -16.50
CA TRP B 242 27.64 16.18 -15.69
C TRP B 242 27.90 16.89 -14.36
N PRO B 243 26.87 17.47 -13.76
CA PRO B 243 27.03 18.06 -12.42
C PRO B 243 27.47 16.99 -11.43
N ARG B 244 28.28 17.42 -10.45
CA ARG B 244 28.84 16.48 -9.49
C ARG B 244 27.77 15.74 -8.69
N SER B 245 26.55 16.27 -8.62
CA SER B 245 25.46 15.55 -7.99
C SER B 245 25.06 14.30 -8.74
N PHE B 246 25.46 14.18 -10.01
CA PHE B 246 25.15 13.00 -10.82
C PHE B 246 26.22 11.92 -10.73
N ASP B 247 27.42 12.25 -10.26
CA ASP B 247 28.52 11.30 -10.22
C ASP B 247 28.27 10.21 -9.17
N THR B 248 28.93 9.07 -9.37
CA THR B 248 28.82 7.93 -8.49
C THR B 248 30.22 7.42 -8.15
N ARG B 249 30.40 7.02 -6.89
CA ARG B 249 31.68 6.47 -6.42
C ARG B 249 31.75 4.95 -6.51
N TYR B 250 30.69 4.30 -6.97
CA TYR B 250 30.63 2.84 -7.03
C TYR B 250 30.59 2.41 -8.48
N ASN B 251 31.54 1.57 -8.88
CA ASN B 251 31.72 1.18 -10.27
C ASN B 251 32.43 -0.16 -10.33
N GLN B 252 32.91 -0.52 -11.51
CA GLN B 252 33.56 -1.82 -11.69
C GLN B 252 34.82 -1.95 -10.85
N GLU B 253 35.65 -0.90 -10.80
CA GLU B 253 36.89 -0.97 -10.03
C GLU B 253 36.62 -1.05 -8.54
N THR B 254 35.68 -0.25 -8.04
CA THR B 254 35.31 -0.23 -6.62
C THR B 254 33.80 -0.42 -6.53
N PRO B 255 33.32 -1.66 -6.58
CA PRO B 255 31.88 -1.89 -6.48
C PRO B 255 31.37 -1.60 -5.09
N MET B 256 30.07 -1.33 -5.01
CA MET B 256 29.46 -1.04 -3.71
C MET B 256 29.40 -2.31 -2.89
N GLU B 257 29.87 -2.22 -1.65
CA GLU B 257 29.79 -3.32 -0.70
C GLU B 257 28.41 -3.33 -0.06
N ILE B 258 27.56 -4.26 -0.46
CA ILE B 258 26.22 -4.39 0.09
C ILE B 258 26.13 -5.70 0.87
N CYS B 259 25.06 -5.85 1.63
CA CYS B 259 24.75 -7.08 2.34
C CYS B 259 23.54 -7.72 1.66
N LEU B 260 23.77 -8.83 0.95
CA LEU B 260 22.74 -9.49 0.17
C LEU B 260 22.36 -10.80 0.86
N ASN B 261 21.12 -10.87 1.35
CA ASN B 261 20.60 -12.05 2.03
C ASN B 261 21.49 -12.46 3.19
N GLY B 262 21.96 -11.48 3.95
CA GLY B 262 22.84 -11.73 5.08
C GLY B 262 24.21 -12.26 4.71
N THR B 263 24.78 -11.77 3.61
CA THR B 263 26.10 -12.18 3.17
C THR B 263 26.71 -11.02 2.40
N PRO B 264 27.96 -10.68 2.65
CA PRO B 264 28.59 -9.57 1.91
C PRO B 264 28.64 -9.85 0.42
N ALA B 265 28.46 -8.80 -0.38
CA ALA B 265 28.49 -8.91 -1.82
C ALA B 265 28.93 -7.58 -2.42
N LEU B 266 29.41 -7.65 -3.66
CA LEU B 266 29.81 -6.46 -4.41
C LEU B 266 28.84 -6.24 -5.56
N ALA B 267 28.14 -5.11 -5.53
CA ALA B 267 27.13 -4.80 -6.53
C ALA B 267 27.33 -3.39 -7.05
N TYR B 268 27.03 -3.21 -8.33
CA TYR B 268 27.08 -1.87 -8.90
C TYR B 268 26.18 -1.80 -10.13
N LEU B 269 25.93 -0.58 -10.59
CA LEU B 269 25.04 -0.32 -11.71
C LEU B 269 25.81 0.35 -12.83
N ALA B 270 25.68 -0.19 -14.03
CA ALA B 270 26.28 0.37 -15.23
C ALA B 270 25.20 1.00 -16.10
N SER B 271 25.59 2.02 -16.86
CA SER B 271 24.64 2.78 -17.66
C SER B 271 25.19 3.00 -19.06
N ALA B 272 24.27 3.18 -20.01
CA ALA B 272 24.58 3.49 -21.40
C ALA B 272 23.54 4.48 -21.90
N PRO B 273 23.88 5.31 -22.90
CA PRO B 273 25.13 5.44 -23.66
C PRO B 273 26.21 6.21 -22.89
N PRO B 274 27.45 6.17 -23.37
CA PRO B 274 28.54 6.90 -22.71
C PRO B 274 28.26 8.39 -22.56
N PRO B 275 27.59 9.05 -23.52
CA PRO B 275 27.22 10.46 -23.28
C PRO B 275 26.32 10.66 -22.08
N LEU B 276 25.58 9.64 -21.65
CA LEU B 276 24.75 9.71 -20.45
C LEU B 276 25.43 9.07 -19.25
N CYS B 277 26.75 9.25 -19.11
CA CYS B 277 27.51 8.61 -18.05
C CYS B 277 28.41 9.63 -17.37
N PRO B 278 28.22 9.91 -16.08
CA PRO B 278 29.18 10.75 -15.36
C PRO B 278 30.56 10.10 -15.27
N SER B 279 31.53 10.82 -14.70
CA SER B 279 32.91 10.35 -14.72
C SER B 279 33.06 9.02 -13.99
N GLY B 280 32.39 8.85 -12.85
CA GLY B 280 32.51 7.67 -12.04
C GLY B 280 31.57 6.53 -12.40
N ARG B 281 30.81 6.65 -13.48
CA ARG B 281 29.85 5.65 -13.88
C ARG B 281 30.46 4.69 -14.90
N THR B 282 30.37 3.40 -14.63
CA THR B 282 30.90 2.39 -15.53
C THR B 282 29.97 2.21 -16.73
N PRO B 283 30.47 2.28 -17.96
CA PRO B 283 29.62 2.01 -19.12
C PRO B 283 29.11 0.57 -19.12
N ASP B 284 27.92 0.38 -19.68
CA ASP B 284 27.31 -0.94 -19.71
C ASP B 284 28.17 -1.94 -20.48
N LEU B 285 28.75 -1.50 -21.61
CA LEU B 285 29.60 -2.39 -22.39
C LEU B 285 30.83 -2.81 -21.60
N LYS B 286 31.44 -1.89 -20.86
CA LYS B 286 32.61 -2.23 -20.06
C LYS B 286 32.27 -3.27 -19.00
N ALA B 287 31.13 -3.11 -18.33
CA ALA B 287 30.72 -4.07 -17.31
C ALA B 287 30.44 -5.43 -17.93
N LEU B 288 29.74 -5.45 -19.06
CA LEU B 288 29.43 -6.72 -19.74
C LEU B 288 30.71 -7.43 -20.16
N LEU B 289 31.64 -6.68 -20.75
CA LEU B 289 32.89 -7.29 -21.20
C LEU B 289 33.75 -7.73 -20.04
N ASN B 290 33.70 -7.02 -18.92
CA ASN B 290 34.42 -7.46 -17.73
C ASN B 290 33.87 -8.80 -17.22
N VAL B 291 32.54 -8.93 -17.19
CA VAL B 291 31.96 -10.20 -16.76
C VAL B 291 32.34 -11.32 -17.73
N VAL B 292 32.35 -11.02 -19.03
CA VAL B 292 32.71 -12.03 -20.03
C VAL B 292 34.17 -12.45 -19.85
N ASP B 293 35.06 -11.47 -19.68
CA ASP B 293 36.50 -11.76 -19.62
C ASP B 293 36.90 -12.40 -18.30
N SER B 294 36.20 -12.10 -17.21
CA SER B 294 36.53 -12.66 -15.92
C SER B 294 36.00 -14.08 -15.74
N ALA B 295 35.15 -14.55 -16.65
CA ALA B 295 34.60 -15.89 -16.53
C ALA B 295 35.68 -16.92 -16.80
N ARG B 296 35.75 -17.95 -15.96
CA ARG B 296 36.74 -19.00 -16.09
C ARG B 296 36.15 -20.39 -16.37
N SER B 297 34.86 -20.60 -16.09
CA SER B 297 34.22 -21.89 -16.29
C SER B 297 33.17 -21.87 -17.39
N PHE B 298 32.18 -21.00 -17.30
CA PHE B 298 31.12 -20.96 -18.30
C PHE B 298 30.51 -19.57 -18.37
N ILE B 299 29.84 -19.29 -19.49
CA ILE B 299 29.08 -18.06 -19.69
C ILE B 299 27.72 -18.45 -20.25
N TYR B 300 26.65 -18.12 -19.53
CA TYR B 300 25.29 -18.34 -19.99
C TYR B 300 24.67 -16.99 -20.31
N ILE B 301 24.21 -16.81 -21.54
CA ILE B 301 23.62 -15.57 -22.02
C ILE B 301 22.21 -15.84 -22.50
N ALA B 302 21.25 -15.06 -22.00
CA ALA B 302 19.88 -15.13 -22.47
C ALA B 302 19.42 -13.73 -22.82
N VAL B 303 19.29 -13.46 -24.13
CA VAL B 303 18.85 -12.16 -24.62
C VAL B 303 17.88 -12.37 -25.77
N MET B 304 16.94 -11.43 -25.91
CA MET B 304 15.98 -11.51 -27.00
C MET B 304 16.66 -11.41 -28.35
N ASN B 305 17.61 -10.50 -28.48
CA ASN B 305 18.29 -10.24 -29.74
C ASN B 305 19.80 -10.19 -29.51
N TYR B 306 20.54 -10.93 -30.33
CA TYR B 306 22.00 -10.86 -30.35
C TYR B 306 22.44 -10.56 -31.77
N LEU B 307 23.12 -9.44 -31.95
CA LEU B 307 23.52 -9.01 -33.28
C LEU B 307 24.80 -8.19 -33.20
N PRO B 308 25.92 -8.68 -33.74
CA PRO B 308 27.19 -7.95 -33.59
C PRO B 308 27.36 -6.85 -34.62
N THR B 309 26.30 -6.08 -34.87
CA THR B 309 26.35 -4.91 -35.72
C THR B 309 25.44 -3.84 -35.15
N MET B 310 25.50 -2.65 -35.73
CA MET B 310 24.56 -1.59 -35.43
C MET B 310 23.25 -1.84 -36.18
N GLU B 311 22.17 -2.06 -35.44
CA GLU B 311 20.92 -2.50 -36.04
C GLU B 311 20.41 -1.50 -37.07
N PHE B 312 20.36 -0.22 -36.70
CA PHE B 312 19.84 0.84 -37.55
C PHE B 312 20.96 1.85 -37.78
N SER B 313 21.49 1.89 -39.00
CA SER B 313 22.53 2.82 -39.37
C SER B 313 22.70 2.88 -40.88
N PRO B 315 24.77 4.58 -42.48
CA PRO B 315 25.67 3.57 -43.04
C PRO B 315 25.94 2.42 -42.07
N ARG B 316 25.84 1.19 -42.59
CA ARG B 316 25.98 0.00 -41.76
C ARG B 316 27.35 -0.07 -41.11
N ARG B 317 27.39 -0.47 -39.84
CA ARG B 317 28.64 -0.61 -39.10
C ARG B 317 28.74 -2.02 -38.52
N PHE B 318 29.95 -2.56 -38.53
CA PHE B 318 30.24 -3.83 -37.88
C PHE B 318 30.65 -3.57 -36.43
N TRP B 319 30.24 -4.47 -35.54
CA TRP B 319 30.40 -4.27 -34.09
C TRP B 319 30.75 -5.59 -33.41
N PRO B 320 32.02 -5.98 -33.43
CA PRO B 320 32.41 -7.29 -32.91
C PRO B 320 32.78 -7.32 -31.42
N ALA B 321 32.44 -6.30 -30.65
CA ALA B 321 32.92 -6.21 -29.27
C ALA B 321 32.51 -7.43 -28.45
N ILE B 322 31.20 -7.64 -28.29
CA ILE B 322 30.71 -8.77 -27.51
C ILE B 322 31.10 -10.09 -28.19
N ASP B 323 31.03 -10.13 -29.52
CA ASP B 323 31.41 -11.33 -30.24
C ASP B 323 32.88 -11.67 -30.02
N ASP B 324 33.76 -10.65 -30.08
CA ASP B 324 35.17 -10.90 -29.83
C ASP B 324 35.40 -11.35 -28.39
N GLY B 325 34.68 -10.76 -27.44
CA GLY B 325 34.81 -11.21 -26.06
C GLY B 325 34.41 -12.66 -25.88
N LEU B 326 33.29 -13.07 -26.49
CA LEU B 326 32.84 -14.45 -26.38
C LEU B 326 33.83 -15.40 -27.03
N ARG B 327 34.34 -15.04 -28.22
CA ARG B 327 35.32 -15.89 -28.89
C ARG B 327 36.61 -16.01 -28.08
N ARG B 328 37.06 -14.89 -27.49
CA ARG B 328 38.25 -14.92 -26.65
C ARG B 328 38.05 -15.80 -25.44
N ALA B 329 36.89 -15.70 -24.80
CA ALA B 329 36.60 -16.57 -23.66
C ALA B 329 36.58 -18.03 -24.05
N ALA B 330 35.96 -18.34 -25.20
CA ALA B 330 35.85 -19.74 -25.63
C ALA B 330 37.21 -20.33 -25.99
N TYR B 331 38.05 -19.56 -26.68
CA TYR B 331 39.30 -20.12 -27.18
C TYR B 331 40.43 -20.07 -26.14
N GLU B 332 40.66 -18.90 -25.54
CA GLU B 332 41.82 -18.73 -24.67
C GLU B 332 41.66 -19.51 -23.38
N ARG B 333 40.54 -19.31 -22.67
CA ARG B 333 40.34 -19.89 -21.36
C ARG B 333 39.41 -21.11 -21.37
N GLY B 334 39.01 -21.57 -22.55
CA GLY B 334 38.15 -22.74 -22.64
C GLY B 334 36.82 -22.58 -21.97
N VAL B 335 36.26 -21.37 -22.02
CA VAL B 335 35.00 -21.08 -21.34
C VAL B 335 33.84 -21.63 -22.16
N LYS B 336 32.96 -22.38 -21.49
CA LYS B 336 31.77 -22.91 -22.14
C LYS B 336 30.75 -21.80 -22.31
N VAL B 337 30.35 -21.53 -23.55
CA VAL B 337 29.46 -20.43 -23.86
C VAL B 337 28.14 -21.01 -24.36
N ARG B 338 27.06 -20.69 -23.65
CA ARG B 338 25.70 -21.04 -24.06
C ARG B 338 24.98 -19.74 -24.41
N LEU B 339 24.43 -19.69 -25.62
CA LEU B 339 23.76 -18.50 -26.13
C LEU B 339 22.31 -18.85 -26.42
N LEU B 340 21.38 -18.19 -25.73
CA LEU B 340 19.96 -18.46 -25.84
C LEU B 340 19.30 -17.21 -26.41
N ILE B 341 18.81 -17.32 -27.65
CA ILE B 341 18.24 -16.19 -28.38
C ILE B 341 16.76 -16.44 -28.61
N SER B 342 15.94 -15.46 -28.27
CA SER B 342 14.51 -15.54 -28.53
C SER B 342 14.23 -15.32 -30.01
N CYS B 343 13.23 -16.05 -30.53
CA CYS B 343 12.84 -15.93 -31.93
C CYS B 343 11.33 -15.86 -32.02
N TRP B 344 10.81 -14.90 -32.78
CA TRP B 344 9.39 -14.81 -33.09
C TRP B 344 9.26 -14.33 -34.54
N GLY B 345 8.05 -13.94 -34.93
CA GLY B 345 7.81 -13.49 -36.28
C GLY B 345 8.32 -12.11 -36.61
N HIS B 346 9.00 -11.46 -35.67
CA HIS B 346 9.54 -10.13 -35.88
C HIS B 346 11.05 -10.09 -35.66
N SER B 347 11.71 -11.24 -35.60
CA SER B 347 13.14 -11.29 -35.37
C SER B 347 13.88 -10.94 -36.66
N ASP B 348 15.02 -10.27 -36.50
CA ASP B 348 15.85 -9.91 -37.63
C ASP B 348 16.39 -11.18 -38.28
N PRO B 349 16.08 -11.45 -39.55
CA PRO B 349 16.64 -12.65 -40.19
C PRO B 349 18.16 -12.64 -40.25
N SER B 350 18.76 -11.46 -40.41
CA SER B 350 20.22 -11.33 -40.42
C SER B 350 20.86 -11.84 -39.14
N MET B 351 20.07 -12.09 -38.10
CA MET B 351 20.61 -12.67 -36.87
C MET B 351 21.10 -14.09 -37.07
N ARG B 352 20.51 -14.82 -38.02
CA ARG B 352 20.80 -16.24 -38.15
C ARG B 352 22.27 -16.50 -38.50
N SER B 353 22.75 -15.88 -39.58
CA SER B 353 24.08 -16.19 -40.08
C SER B 353 25.14 -15.94 -39.02
N PHE B 354 25.11 -14.76 -38.39
CA PHE B 354 26.05 -14.46 -37.32
C PHE B 354 26.01 -15.52 -36.23
N LEU B 355 24.81 -15.95 -35.86
CA LEU B 355 24.69 -17.00 -34.84
C LEU B 355 25.38 -18.28 -35.31
N LEU B 356 25.17 -18.65 -36.58
CA LEU B 356 25.90 -19.80 -37.12
C LEU B 356 27.40 -19.57 -37.03
N SER B 357 27.84 -18.35 -37.32
CA SER B 357 29.25 -18.01 -37.24
C SER B 357 29.82 -18.23 -35.85
N LEU B 358 28.98 -18.26 -34.82
CA LEU B 358 29.44 -18.61 -33.49
C LEU B 358 29.38 -20.12 -33.27
N ALA B 359 28.32 -20.77 -33.74
CA ALA B 359 28.17 -22.21 -33.52
C ALA B 359 29.26 -23.00 -34.22
N ALA B 360 29.87 -22.45 -35.26
CA ALA B 360 30.97 -23.11 -35.95
C ALA B 360 32.24 -23.15 -35.12
N LEU B 361 32.30 -22.41 -34.00
CA LEU B 361 33.48 -22.43 -33.16
C LEU B 361 33.54 -23.67 -32.27
N HIS B 362 32.50 -24.49 -32.29
CA HIS B 362 32.49 -25.76 -31.57
C HIS B 362 33.37 -26.77 -32.28
N ASP B 363 34.55 -27.04 -31.72
CA ASP B 363 35.52 -27.90 -32.37
C ASP B 363 36.35 -28.62 -31.31
N ASN B 364 36.61 -29.90 -31.54
CA ASN B 364 37.38 -30.69 -30.57
C ASN B 364 38.86 -30.34 -30.62
N HIS B 365 39.36 -29.90 -31.78
CA HIS B 365 40.76 -29.53 -31.88
C HIS B 365 41.07 -28.24 -31.14
N THR B 366 40.19 -27.24 -31.27
CA THR B 366 40.34 -25.98 -30.55
C THR B 366 39.90 -26.07 -29.09
N HIS B 367 39.18 -27.12 -28.71
CA HIS B 367 38.62 -27.31 -27.38
C HIS B 367 37.60 -26.25 -27.01
N SER B 368 37.22 -25.39 -27.94
CA SER B 368 36.19 -24.39 -27.67
C SER B 368 34.81 -25.05 -27.62
N ASP B 369 33.96 -24.52 -26.74
CA ASP B 369 32.62 -25.06 -26.52
C ASP B 369 31.63 -23.90 -26.61
N ILE B 370 31.09 -23.67 -27.81
CA ILE B 370 30.08 -22.65 -28.05
C ILE B 370 28.84 -23.34 -28.61
N GLN B 371 27.70 -23.13 -27.96
CA GLN B 371 26.42 -23.67 -28.40
C GLN B 371 25.39 -22.56 -28.45
N VAL B 372 24.54 -22.59 -29.49
CA VAL B 372 23.51 -21.58 -29.70
C VAL B 372 22.17 -22.30 -29.80
N LYS B 373 21.19 -21.83 -29.02
CA LYS B 373 19.84 -22.36 -29.06
C LYS B 373 18.84 -21.21 -29.19
N LEU B 374 17.69 -21.52 -29.78
CA LEU B 374 16.61 -20.56 -29.99
C LEU B 374 15.46 -20.89 -29.06
N PHE B 375 15.00 -19.90 -28.30
CA PHE B 375 13.87 -20.04 -27.39
C PHE B 375 12.65 -19.42 -28.06
N VAL B 376 11.60 -20.22 -28.24
CA VAL B 376 10.36 -19.77 -28.88
C VAL B 376 9.19 -20.09 -27.97
N VAL B 377 8.33 -19.10 -27.74
CA VAL B 377 7.14 -19.27 -26.92
C VAL B 377 6.01 -19.79 -27.81
N PRO B 378 5.47 -20.98 -27.56
CA PRO B 378 4.38 -21.47 -28.39
C PRO B 378 3.13 -20.62 -28.26
N THR B 379 2.40 -20.50 -29.37
CA THR B 379 1.13 -19.78 -29.39
C THR B 379 0.07 -20.66 -30.04
N ASP B 380 -1.14 -20.59 -29.49
CA ASP B 380 -2.29 -21.33 -30.01
C ASP B 380 -3.18 -20.37 -30.81
N GLU B 381 -4.38 -20.86 -31.17
CA GLU B 381 -5.29 -20.07 -31.99
C GLU B 381 -5.69 -18.77 -31.31
N SER B 382 -6.03 -18.83 -30.01
CA SER B 382 -6.50 -17.64 -29.31
C SER B 382 -5.38 -16.64 -29.05
N GLN B 383 -4.23 -17.14 -28.57
CA GLN B 383 -3.14 -16.25 -28.19
C GLN B 383 -2.47 -15.57 -29.37
N ALA B 384 -2.59 -16.12 -30.57
CA ALA B 384 -1.97 -15.52 -31.74
C ALA B 384 -2.59 -14.17 -32.12
N ARG B 385 -3.77 -13.86 -31.59
CA ARG B 385 -4.42 -12.59 -31.89
C ARG B 385 -3.92 -11.43 -31.05
N ILE B 386 -3.32 -11.70 -29.89
CA ILE B 386 -2.75 -10.64 -29.07
C ILE B 386 -1.55 -10.06 -29.80
N PRO B 387 -1.52 -8.75 -30.06
CA PRO B 387 -0.44 -8.19 -30.87
C PRO B 387 0.85 -8.04 -30.08
N TYR B 388 1.95 -8.44 -30.72
CA TYR B 388 3.30 -8.26 -30.19
C TYR B 388 3.44 -8.93 -28.81
N ALA B 389 3.25 -10.25 -28.80
CA ALA B 389 3.32 -11.02 -27.57
C ALA B 389 3.91 -12.40 -27.89
N ARG B 390 3.90 -13.28 -26.90
CA ARG B 390 4.40 -14.65 -27.04
C ARG B 390 5.88 -14.65 -27.43
N VAL B 391 6.70 -14.05 -26.56
CA VAL B 391 8.14 -13.95 -26.76
C VAL B 391 8.84 -14.12 -25.41
N ASN B 392 10.16 -14.28 -25.48
CA ASN B 392 11.02 -14.26 -24.31
C ASN B 392 11.83 -12.97 -24.34
N HIS B 393 11.60 -12.11 -23.35
CA HIS B 393 12.20 -10.78 -23.32
C HIS B 393 13.40 -10.68 -22.37
N ASN B 394 13.91 -11.81 -21.87
CA ASN B 394 14.98 -11.76 -20.88
C ASN B 394 16.25 -11.16 -21.47
N LYS B 395 16.99 -10.45 -20.63
CA LYS B 395 18.28 -9.85 -21.00
C LYS B 395 19.20 -9.99 -19.80
N TYR B 396 19.96 -11.09 -19.76
CA TYR B 396 20.84 -11.32 -18.62
C TYR B 396 21.96 -12.28 -19.01
N MET B 397 23.00 -12.27 -18.17
CA MET B 397 24.15 -13.14 -18.30
C MET B 397 24.57 -13.63 -16.92
N VAL B 398 24.98 -14.89 -16.85
CA VAL B 398 25.43 -15.47 -15.59
C VAL B 398 26.65 -16.35 -15.85
N THR B 399 27.66 -16.18 -15.02
CA THR B 399 28.86 -17.03 -15.04
C THR B 399 28.94 -17.77 -13.72
N GLU B 400 30.05 -18.48 -13.52
CA GLU B 400 30.27 -19.18 -12.26
C GLU B 400 30.57 -18.24 -11.10
N ARG B 401 30.79 -16.95 -11.37
CA ARG B 401 31.19 -16.03 -10.32
C ARG B 401 30.50 -14.67 -10.37
N ALA B 402 29.64 -14.40 -11.34
CA ALA B 402 29.06 -13.08 -11.47
C ALA B 402 27.67 -13.17 -12.09
N SER B 403 26.88 -12.12 -11.85
CA SER B 403 25.53 -12.00 -12.41
C SER B 403 25.35 -10.62 -13.00
N TYR B 404 24.76 -10.57 -14.19
CA TYR B 404 24.50 -9.33 -14.92
C TYR B 404 23.06 -9.37 -15.38
N ILE B 405 22.28 -8.35 -15.02
CA ILE B 405 20.89 -8.24 -15.45
C ILE B 405 20.71 -6.87 -16.10
N GLY B 406 20.30 -6.86 -17.37
CA GLY B 406 20.23 -5.63 -18.13
C GLY B 406 18.86 -5.43 -18.74
N THR B 407 18.63 -4.20 -19.22
CA THR B 407 17.40 -3.83 -19.89
C THR B 407 17.64 -3.49 -21.36
N SER B 408 18.62 -4.15 -21.98
CA SER B 408 19.01 -3.84 -23.35
C SER B 408 19.33 -5.12 -24.10
N ASN B 409 18.95 -5.15 -25.37
CA ASN B 409 19.39 -6.23 -26.25
C ASN B 409 20.86 -6.05 -26.60
N TRP B 410 21.47 -7.14 -27.06
CA TRP B 410 22.92 -7.15 -27.28
C TRP B 410 23.20 -6.77 -28.73
N SER B 411 23.26 -5.47 -28.97
CA SER B 411 23.60 -4.91 -30.28
C SER B 411 24.22 -3.55 -30.04
N GLY B 412 24.84 -3.01 -31.10
CA GLY B 412 25.65 -1.81 -30.93
C GLY B 412 24.89 -0.60 -30.42
N SER B 413 23.70 -0.36 -30.96
CA SER B 413 22.96 0.86 -30.62
C SER B 413 22.70 0.94 -29.11
N TYR B 414 22.26 -0.16 -28.51
CA TYR B 414 21.95 -0.17 -27.09
C TYR B 414 23.16 0.10 -26.22
N PHE B 415 24.37 0.05 -26.78
CA PHE B 415 25.57 0.37 -26.02
C PHE B 415 26.28 1.61 -26.54
N THR B 416 25.73 2.31 -27.53
CA THR B 416 26.39 3.50 -28.05
C THR B 416 25.46 4.69 -28.12
N GLU B 417 24.16 4.44 -28.35
CA GLU B 417 23.22 5.52 -28.58
C GLU B 417 21.97 5.41 -27.71
N THR B 418 21.60 4.19 -27.35
CA THR B 418 20.33 3.92 -26.69
C THR B 418 20.53 3.76 -25.19
N ALA B 419 19.66 4.42 -24.41
CA ALA B 419 19.79 4.40 -22.96
C ALA B 419 19.48 3.01 -22.39
N GLY B 420 20.20 2.66 -21.34
CA GLY B 420 19.98 1.41 -20.64
C GLY B 420 20.74 1.39 -19.33
N THR B 421 20.27 0.55 -18.42
CA THR B 421 20.92 0.34 -17.14
C THR B 421 21.04 -1.15 -16.87
N SER B 422 22.06 -1.52 -16.09
CA SER B 422 22.30 -2.92 -15.79
C SER B 422 22.84 -3.05 -14.36
N LEU B 423 22.45 -4.12 -13.69
CA LEU B 423 22.90 -4.43 -12.35
C LEU B 423 23.88 -5.59 -12.40
N LEU B 424 25.03 -5.43 -11.74
CA LEU B 424 26.06 -6.45 -11.68
C LEU B 424 26.31 -6.80 -10.23
N VAL B 425 26.26 -8.09 -9.93
CA VAL B 425 26.39 -8.60 -8.57
C VAL B 425 27.41 -9.73 -8.55
N THR B 426 28.29 -9.70 -7.54
CA THR B 426 29.25 -10.76 -7.27
C THR B 426 29.17 -11.13 -5.80
N GLN B 427 29.21 -12.44 -5.52
CA GLN B 427 29.07 -12.94 -4.16
C GLN B 427 29.83 -14.25 -4.04
N ASN B 428 30.65 -14.36 -3.00
CA ASN B 428 31.43 -15.60 -2.79
C ASN B 428 30.65 -16.49 -1.84
N GLY B 429 29.54 -17.01 -2.30
CA GLY B 429 28.75 -18.01 -1.62
C GLY B 429 28.64 -19.29 -2.43
N HIS B 430 27.88 -20.23 -1.87
CA HIS B 430 27.63 -21.48 -2.59
C HIS B 430 26.48 -21.31 -3.58
N GLY B 431 25.47 -20.52 -3.22
CA GLY B 431 24.32 -20.33 -4.07
C GLY B 431 24.03 -18.86 -4.29
N GLY B 432 22.83 -18.42 -3.94
CA GLY B 432 22.45 -17.03 -4.03
C GLY B 432 21.85 -16.59 -5.35
N LEU B 433 22.00 -15.30 -5.66
CA LEU B 433 21.39 -14.74 -6.87
C LEU B 433 22.00 -15.35 -8.12
N ARG B 434 23.32 -15.57 -8.12
CA ARG B 434 23.96 -16.16 -9.28
C ARG B 434 23.45 -17.57 -9.53
N SER B 435 23.30 -18.36 -8.46
CA SER B 435 22.78 -19.71 -8.61
C SER B 435 21.33 -19.71 -9.07
N GLN B 436 20.52 -18.78 -8.57
CA GLN B 436 19.14 -18.70 -9.03
C GLN B 436 19.05 -18.33 -10.50
N LEU B 437 19.89 -17.37 -10.93
CA LEU B 437 19.94 -17.01 -12.35
C LEU B 437 20.38 -18.19 -13.21
N GLU B 438 21.40 -18.92 -12.75
CA GLU B 438 21.86 -20.10 -13.50
C GLU B 438 20.78 -21.16 -13.57
N ALA B 439 20.04 -21.36 -12.48
CA ALA B 439 18.95 -22.33 -12.50
C ALA B 439 17.86 -21.93 -13.47
N VAL B 440 17.52 -20.64 -13.52
CA VAL B 440 16.54 -20.16 -14.48
C VAL B 440 17.02 -20.41 -15.90
N PHE B 441 18.29 -20.09 -16.16
CA PHE B 441 18.84 -20.31 -17.51
C PHE B 441 18.82 -21.78 -17.88
N LEU B 442 19.20 -22.65 -16.95
CA LEU B 442 19.20 -24.09 -17.24
C LEU B 442 17.79 -24.60 -17.49
N ARG B 443 16.82 -24.14 -16.71
CA ARG B 443 15.43 -24.54 -16.93
C ARG B 443 14.95 -24.12 -18.30
N ASP B 444 15.24 -22.88 -18.70
CA ASP B 444 14.84 -22.42 -20.03
C ASP B 444 15.57 -23.20 -21.13
N TRP B 445 16.87 -23.44 -20.93
CA TRP B 445 17.69 -24.09 -21.95
C TRP B 445 17.27 -25.53 -22.18
N GLU B 446 16.98 -26.26 -21.11
CA GLU B 446 16.56 -27.66 -21.23
C GLU B 446 15.07 -27.82 -21.44
N SER B 447 14.31 -26.73 -21.42
CA SER B 447 12.88 -26.81 -21.67
C SER B 447 12.61 -27.19 -23.12
N PRO B 448 11.47 -27.81 -23.40
CA PRO B 448 11.14 -28.18 -24.79
C PRO B 448 10.93 -26.98 -25.71
N TYR B 449 11.05 -25.76 -25.21
CA TYR B 449 10.89 -24.56 -26.02
C TYR B 449 12.22 -24.06 -26.58
N SER B 450 13.32 -24.76 -26.31
CA SER B 450 14.63 -24.42 -26.85
C SER B 450 14.99 -25.42 -27.93
N HIS B 451 15.43 -24.91 -29.09
CA HIS B 451 15.71 -25.74 -30.25
C HIS B 451 17.03 -25.34 -30.87
N ASP B 452 17.68 -26.31 -31.51
CA ASP B 452 18.91 -26.02 -32.22
C ASP B 452 18.60 -25.24 -33.51
N LEU B 453 19.66 -24.64 -34.08
CA LEU B 453 19.49 -23.75 -35.22
C LEU B 453 19.05 -24.46 -36.50
N ASP B 454 19.10 -25.79 -36.55
CA ASP B 454 18.69 -26.54 -37.71
C ASP B 454 17.29 -27.15 -37.58
N THR B 455 16.56 -26.80 -36.53
CA THR B 455 15.23 -27.34 -36.31
C THR B 455 14.24 -26.78 -37.32
N SER B 456 13.18 -27.55 -37.58
CA SER B 456 12.11 -27.10 -38.45
C SER B 456 11.21 -26.10 -37.73
N ALA B 457 10.67 -25.16 -38.51
CA ALA B 457 9.79 -24.13 -37.93
C ALA B 457 8.40 -24.67 -37.61
N ASN B 458 7.96 -25.71 -38.33
CA ASN B 458 6.61 -26.22 -38.14
C ASN B 458 6.40 -26.79 -36.74
N SER B 459 7.38 -27.52 -36.23
CA SER B 459 7.29 -28.21 -34.94
C SER B 459 7.89 -27.37 -33.82
N VAL B 460 7.66 -26.06 -33.84
CA VAL B 460 8.22 -25.16 -32.84
C VAL B 460 7.08 -24.53 -32.04
N GLY B 461 5.92 -24.39 -32.67
CA GLY B 461 4.75 -23.84 -32.03
C GLY B 461 4.49 -22.38 -32.29
N ASN B 462 5.38 -21.69 -33.02
CA ASN B 462 5.20 -20.28 -33.33
C ASN B 462 6.02 -19.95 -34.55
N ALA B 463 5.69 -18.82 -35.18
CA ALA B 463 6.46 -18.34 -36.32
C ALA B 463 7.85 -17.90 -35.85
N CYS B 464 8.88 -18.39 -36.52
CA CYS B 464 10.27 -18.07 -36.18
C CYS B 464 11.04 -17.87 -37.48
N ARG B 465 11.33 -16.62 -37.79
CA ARG B 465 12.03 -16.32 -39.07
C ARG B 465 13.43 -16.96 -39.07
N LEU B 466 14.09 -17.07 -37.93
CA LEU B 466 15.45 -17.60 -37.88
C LEU B 466 15.53 -19.07 -38.24
N LEU B 467 14.41 -19.80 -38.17
CA LEU B 467 14.40 -21.22 -38.50
C LEU B 467 13.85 -21.45 -39.89
N ARG C 52 -1.27 5.74 36.17
CA ARG C 52 -1.68 5.60 34.78
C ARG C 52 -0.74 4.66 34.02
N PRO C 53 -1.29 3.89 33.07
CA PRO C 53 -0.44 3.02 32.25
C PRO C 53 0.50 3.80 31.34
N ALA C 54 1.32 3.09 30.58
CA ALA C 54 2.33 3.72 29.76
C ALA C 54 1.70 4.57 28.65
N PRO C 55 2.23 5.75 28.38
CA PRO C 55 1.70 6.58 27.29
C PRO C 55 2.10 6.04 25.93
N CYS C 56 1.39 6.52 24.91
CA CYS C 56 1.64 6.13 23.52
C CYS C 56 2.34 7.27 22.79
N TYR C 57 3.27 6.90 21.89
CA TYR C 57 4.11 7.88 21.22
C TYR C 57 3.91 7.91 19.71
N ASP C 58 2.93 7.17 19.19
CA ASP C 58 2.70 7.18 17.76
C ASP C 58 2.17 8.55 17.32
N PRO C 59 2.58 9.04 16.15
CA PRO C 59 2.05 10.33 15.67
C PRO C 59 0.63 10.20 15.16
N CYS C 60 -0.32 10.06 16.09
CA CYS C 60 -1.71 9.87 15.72
C CYS C 60 -2.26 11.11 15.03
N GLU C 61 -3.04 10.88 13.96
CA GLU C 61 -3.65 11.95 13.19
C GLU C 61 -5.10 11.58 12.92
N ALA C 62 -6.03 12.41 13.38
CA ALA C 62 -7.46 12.16 13.25
C ALA C 62 -8.02 12.96 12.09
N VAL C 63 -8.78 12.29 11.23
CA VAL C 63 -9.43 12.95 10.09
C VAL C 63 -10.91 12.59 10.13
N LEU C 64 -11.75 13.63 10.19
CA LEU C 64 -13.18 13.42 10.03
C LEU C 64 -13.49 13.06 8.58
N VAL C 65 -14.35 12.06 8.39
CA VAL C 65 -14.75 11.61 7.07
C VAL C 65 -16.27 11.51 7.04
N GLU C 66 -16.86 11.93 5.92
CA GLU C 66 -18.31 11.96 5.83
C GLU C 66 -18.75 11.59 4.41
N SER C 67 -19.89 10.91 4.35
CA SER C 67 -20.57 10.62 3.10
C SER C 67 -21.74 11.58 2.97
N ILE C 68 -21.67 12.49 2.01
CA ILE C 68 -22.72 13.46 1.73
C ILE C 68 -23.56 12.90 0.58
N PRO C 69 -24.85 12.66 0.79
CA PRO C 69 -25.68 12.07 -0.27
C PRO C 69 -25.75 12.98 -1.50
N GLU C 70 -25.87 12.36 -2.66
CA GLU C 70 -25.99 13.12 -3.91
C GLU C 70 -27.22 14.01 -3.84
N GLY C 71 -27.02 15.29 -4.13
CA GLY C 71 -28.07 16.28 -4.07
C GLY C 71 -28.02 17.16 -2.83
N LEU C 72 -27.42 16.67 -1.75
CA LEU C 72 -27.30 17.48 -0.53
C LEU C 72 -26.23 18.55 -0.74
N GLU C 73 -26.62 19.82 -0.58
CA GLU C 73 -25.72 20.94 -0.79
C GLU C 73 -25.64 21.79 0.47
N PHE C 74 -24.45 22.33 0.73
CA PHE C 74 -24.21 23.16 1.91
C PHE C 74 -23.41 24.39 1.50
N PRO C 75 -23.53 25.49 2.25
CA PRO C 75 -22.75 26.70 1.93
C PRO C 75 -21.27 26.53 2.26
N THR C 79 -15.47 24.33 4.87
CA THR C 79 -14.33 23.42 4.71
C THR C 79 -14.79 21.97 4.75
N SER C 80 -14.80 21.33 3.58
CA SER C 80 -15.29 19.97 3.45
C SER C 80 -14.23 18.95 3.88
N ASN C 81 -14.67 17.97 4.66
CA ASN C 81 -13.80 16.89 5.08
C ASN C 81 -13.74 15.83 3.99
N PRO C 82 -12.69 15.02 3.95
CA PRO C 82 -12.62 13.97 2.91
C PRO C 82 -13.78 13.00 3.02
N SER C 83 -14.17 12.45 1.87
CA SER C 83 -15.29 11.53 1.82
C SER C 83 -14.87 10.14 2.30
N THR C 84 -15.85 9.37 2.75
CA THR C 84 -15.59 8.03 3.25
C THR C 84 -15.04 7.14 2.13
N SER C 85 -15.53 7.32 0.90
CA SER C 85 -15.03 6.51 -0.20
C SER C 85 -13.55 6.76 -0.44
N GLN C 86 -13.13 8.03 -0.43
CA GLN C 86 -11.72 8.34 -0.64
C GLN C 86 -10.86 7.76 0.48
N ALA C 87 -11.29 7.90 1.73
CA ALA C 87 -10.51 7.37 2.84
C ALA C 87 -10.42 5.85 2.79
N TRP C 88 -11.53 5.18 2.48
CA TRP C 88 -11.52 3.72 2.37
C TRP C 88 -10.60 3.26 1.26
N LEU C 89 -10.67 3.93 0.10
CA LEU C 89 -9.81 3.54 -1.03
C LEU C 89 -8.34 3.75 -0.69
N GLY C 90 -8.02 4.88 -0.04
CA GLY C 90 -6.64 5.12 0.35
C GLY C 90 -6.14 4.10 1.37
N LEU C 91 -6.97 3.76 2.35
CA LEU C 91 -6.60 2.76 3.34
C LEU C 91 -6.36 1.40 2.69
N LEU C 92 -7.22 1.04 1.74
CA LEU C 92 -7.05 -0.24 1.05
C LEU C 92 -5.79 -0.23 0.18
N ALA C 93 -5.49 0.91 -0.45
CA ALA C 93 -4.29 1.01 -1.28
C ALA C 93 -3.02 0.93 -0.44
N GLY C 94 -3.03 1.53 0.75
CA GLY C 94 -1.86 1.52 1.61
C GLY C 94 -1.70 0.29 2.49
N ALA C 95 -2.68 -0.62 2.49
CA ALA C 95 -2.60 -1.79 3.35
C ALA C 95 -1.51 -2.74 2.86
N HIS C 96 -0.71 -3.25 3.81
CA HIS C 96 0.40 -4.13 3.48
C HIS C 96 0.49 -5.38 4.34
N SER C 97 -0.08 -5.41 5.55
CA SER C 97 0.10 -6.54 6.44
C SER C 97 -1.20 -7.21 6.87
N SER C 98 -2.23 -6.44 7.23
CA SER C 98 -3.45 -7.04 7.76
C SER C 98 -4.60 -6.05 7.63
N LEU C 99 -5.81 -6.60 7.63
CA LEU C 99 -7.03 -5.80 7.67
C LEU C 99 -8.11 -6.55 8.41
N ASP C 100 -8.73 -5.88 9.37
CA ASP C 100 -9.81 -6.43 10.18
C ASP C 100 -11.04 -5.54 10.03
N ILE C 101 -12.19 -6.14 9.77
CA ILE C 101 -13.42 -5.39 9.54
C ILE C 101 -14.53 -5.97 10.41
N ALA C 102 -15.19 -5.11 11.16
CA ALA C 102 -16.42 -5.45 11.87
C ALA C 102 -17.58 -4.73 11.19
N SER C 103 -18.57 -5.49 10.72
CA SER C 103 -19.61 -4.94 9.86
C SER C 103 -20.96 -5.54 10.21
N PHE C 104 -22.00 -4.81 9.81
CA PHE C 104 -23.38 -5.27 9.98
C PHE C 104 -23.86 -6.06 8.76
N TYR C 105 -23.78 -5.46 7.58
CA TYR C 105 -24.19 -6.10 6.34
C TYR C 105 -23.26 -5.65 5.22
N TRP C 106 -23.37 -6.31 4.07
CA TRP C 106 -22.48 -6.08 2.93
C TRP C 106 -23.33 -5.93 1.66
N THR C 107 -23.53 -4.70 1.20
CA THR C 107 -24.18 -4.45 -0.09
C THR C 107 -23.36 -3.40 -0.84
N LEU C 108 -22.33 -3.84 -1.56
CA LEU C 108 -21.43 -2.93 -2.24
C LEU C 108 -21.64 -2.87 -3.75
N THR C 109 -22.38 -3.81 -4.32
CA THR C 109 -22.57 -3.87 -5.76
C THR C 109 -24.03 -3.68 -6.10
N ASN C 110 -24.29 -3.40 -7.37
CA ASN C 110 -25.66 -3.27 -7.86
C ASN C 110 -26.40 -4.60 -7.78
N ASN C 111 -25.69 -5.72 -7.92
CA ASN C 111 -26.33 -7.03 -7.84
C ASN C 111 -26.86 -7.32 -6.45
N ASP C 112 -26.18 -6.83 -5.41
CA ASP C 112 -26.64 -7.08 -4.04
C ASP C 112 -27.98 -6.43 -3.77
N THR C 113 -28.16 -5.18 -4.21
CA THR C 113 -29.39 -4.44 -3.99
C THR C 113 -30.37 -4.52 -5.14
N HIS C 114 -30.04 -5.26 -6.20
CA HIS C 114 -30.89 -5.38 -7.38
C HIS C 114 -31.20 -4.00 -7.97
N THR C 115 -30.12 -3.27 -8.29
CA THR C 115 -30.21 -1.92 -8.78
C THR C 115 -29.33 -1.76 -10.01
N GLN C 116 -29.42 -0.59 -10.64
CA GLN C 116 -28.56 -0.25 -11.76
C GLN C 116 -28.09 1.20 -11.65
N GLU C 117 -27.84 1.64 -10.42
CA GLU C 117 -27.43 3.02 -10.18
C GLU C 117 -25.94 3.20 -10.47
N PRO C 118 -25.56 4.20 -11.25
CA PRO C 118 -24.13 4.52 -11.37
C PRO C 118 -23.49 4.95 -10.06
N SER C 119 -24.30 5.47 -9.13
CA SER C 119 -23.77 5.90 -7.83
C SER C 119 -23.21 4.74 -7.03
N ALA C 120 -23.55 3.49 -7.39
CA ALA C 120 -22.97 2.33 -6.72
C ALA C 120 -21.51 2.12 -7.10
N GLN C 121 -21.03 2.80 -8.15
CA GLN C 121 -19.70 2.55 -8.68
C GLN C 121 -18.64 2.60 -7.58
N GLN C 122 -18.68 3.66 -6.76
CA GLN C 122 -17.72 3.81 -5.67
C GLN C 122 -17.67 2.56 -4.81
N GLY C 123 -18.84 2.09 -4.35
CA GLY C 123 -18.86 0.86 -3.58
C GLY C 123 -18.26 -0.30 -4.34
N GLU C 124 -18.64 -0.44 -5.61
CA GLU C 124 -18.09 -1.50 -6.44
C GLU C 124 -16.58 -1.40 -6.53
N GLU C 125 -16.05 -0.17 -6.48
CA GLU C 125 -14.61 -0.01 -6.46
C GLU C 125 -13.99 -0.63 -5.20
N VAL C 126 -14.51 -0.27 -4.03
CA VAL C 126 -13.87 -0.70 -2.78
C VAL C 126 -13.85 -2.23 -2.70
N LEU C 127 -14.97 -2.87 -3.00
CA LEU C 127 -15.02 -4.33 -2.97
C LEU C 127 -13.93 -4.92 -3.86
N GLN C 128 -13.78 -4.38 -5.08
CA GLN C 128 -12.74 -4.87 -5.96
C GLN C 128 -11.38 -4.74 -5.30
N GLN C 129 -11.11 -3.57 -4.73
CA GLN C 129 -9.84 -3.37 -4.03
C GLN C 129 -9.73 -4.33 -2.86
N LEU C 130 -10.85 -4.59 -2.17
CA LEU C 130 -10.84 -5.58 -1.10
C LEU C 130 -10.43 -6.94 -1.63
N GLN C 131 -10.98 -7.34 -2.79
CA GLN C 131 -10.61 -8.61 -3.39
C GLN C 131 -9.14 -8.63 -3.80
N ALA C 132 -8.52 -7.46 -3.95
CA ALA C 132 -7.11 -7.37 -4.28
C ALA C 132 -6.21 -7.51 -3.05
N LEU C 133 -6.76 -7.40 -1.84
CA LEU C 133 -5.93 -7.35 -0.65
C LEU C 133 -5.25 -8.69 -0.38
N ALA C 134 -6.04 -9.77 -0.40
CA ALA C 134 -5.51 -11.08 -0.02
C ALA C 134 -4.39 -11.60 -0.93
N PRO C 135 -4.52 -11.60 -2.26
CA PRO C 135 -3.48 -12.24 -3.09
C PRO C 135 -2.11 -11.62 -2.97
N ARG C 136 -2.00 -10.37 -2.53
CA ARG C 136 -0.71 -9.70 -2.42
C ARG C 136 -0.12 -9.79 -1.02
N GLY C 137 -0.72 -10.56 -0.13
CA GLY C 137 -0.14 -10.86 1.17
C GLY C 137 -0.88 -10.32 2.36
N VAL C 138 -1.85 -9.43 2.18
CA VAL C 138 -2.55 -8.88 3.33
C VAL C 138 -3.52 -9.91 3.89
N LYS C 139 -3.43 -10.14 5.19
CA LYS C 139 -4.32 -11.07 5.88
C LYS C 139 -5.61 -10.36 6.24
N VAL C 140 -6.71 -10.77 5.62
CA VAL C 140 -8.01 -10.12 5.79
C VAL C 140 -8.89 -11.00 6.66
N ARG C 141 -9.44 -10.42 7.72
CA ARG C 141 -10.39 -11.09 8.60
C ARG C 141 -11.63 -10.21 8.72
N ILE C 142 -12.80 -10.79 8.48
CA ILE C 142 -14.05 -10.05 8.43
C ILE C 142 -15.04 -10.69 9.38
N ALA C 143 -15.59 -9.87 10.28
CA ALA C 143 -16.66 -10.30 11.17
C ALA C 143 -17.93 -9.54 10.80
N VAL C 144 -19.00 -10.28 10.54
CA VAL C 144 -20.26 -9.70 10.09
C VAL C 144 -21.39 -10.31 10.90
N SER C 145 -22.49 -9.56 11.02
CA SER C 145 -23.69 -10.11 11.63
C SER C 145 -24.22 -11.26 10.79
N LYS C 146 -24.74 -12.28 11.46
CA LYS C 146 -25.23 -13.46 10.76
C LYS C 146 -26.44 -13.09 9.92
N PRO C 147 -26.42 -13.30 8.61
CA PRO C 147 -27.54 -12.87 7.77
C PRO C 147 -28.57 -13.97 7.55
N ASN C 148 -29.66 -13.63 6.88
CA ASN C 148 -30.67 -14.63 6.56
C ASN C 148 -30.21 -15.52 5.41
N GLY C 149 -29.47 -14.96 4.45
CA GLY C 149 -29.00 -15.72 3.31
C GLY C 149 -27.55 -15.44 2.99
N PRO C 150 -26.97 -16.25 2.10
CA PRO C 150 -25.56 -16.06 1.73
C PRO C 150 -25.32 -14.70 1.10
N LEU C 151 -24.13 -14.15 1.37
CA LEU C 151 -23.74 -12.83 0.90
C LEU C 151 -22.74 -12.99 -0.23
N ALA C 152 -23.05 -12.41 -1.39
CA ALA C 152 -22.15 -12.53 -2.55
C ALA C 152 -20.82 -11.82 -2.30
N ASP C 153 -20.84 -10.64 -1.68
CA ASP C 153 -19.59 -9.95 -1.38
C ASP C 153 -18.73 -10.80 -0.45
N LEU C 154 -19.34 -11.41 0.56
CA LEU C 154 -18.58 -12.22 1.50
C LEU C 154 -18.01 -13.47 0.82
N GLN C 155 -18.78 -14.10 -0.07
CA GLN C 155 -18.27 -15.27 -0.79
C GLN C 155 -17.10 -14.89 -1.70
N SER C 156 -17.25 -13.79 -2.45
CA SER C 156 -16.20 -13.38 -3.38
C SER C 156 -14.94 -12.99 -2.63
N LEU C 157 -15.09 -12.32 -1.48
CA LEU C 157 -13.93 -12.04 -0.65
C LEU C 157 -13.35 -13.33 -0.06
N LEU C 158 -14.21 -14.31 0.25
CA LEU C 158 -13.77 -15.55 0.87
C LEU C 158 -12.83 -16.35 -0.05
N GLN C 159 -13.20 -16.51 -1.32
CA GLN C 159 -12.23 -17.21 -2.18
C GLN C 159 -11.20 -16.30 -2.80
N SER C 160 -11.27 -14.99 -2.57
CA SER C 160 -10.16 -14.14 -2.98
C SER C 160 -8.99 -14.28 -2.04
N GLY C 161 -9.18 -15.01 -0.93
CA GLY C 161 -8.15 -15.30 0.04
C GLY C 161 -8.40 -14.70 1.41
N ALA C 162 -9.58 -14.12 1.61
CA ALA C 162 -9.93 -13.51 2.88
C ALA C 162 -10.64 -14.51 3.78
N GLN C 163 -10.71 -14.17 5.07
CA GLN C 163 -11.38 -14.98 6.08
C GLN C 163 -12.62 -14.25 6.58
N VAL C 164 -13.77 -14.92 6.52
CA VAL C 164 -15.05 -14.35 6.90
C VAL C 164 -15.70 -15.26 7.94
N ARG C 165 -16.15 -14.67 9.05
CA ARG C 165 -16.84 -15.38 10.11
C ARG C 165 -18.16 -14.70 10.43
N MET C 166 -19.18 -15.50 10.72
CA MET C 166 -20.51 -14.99 11.05
C MET C 166 -20.72 -15.01 12.56
N VAL C 167 -21.09 -13.86 13.12
CA VAL C 167 -21.35 -13.72 14.54
C VAL C 167 -22.85 -13.76 14.78
N ASP C 168 -23.32 -14.76 15.53
CA ASP C 168 -24.74 -14.92 15.83
C ASP C 168 -25.03 -14.26 17.17
N MET C 169 -25.11 -12.93 17.14
CA MET C 169 -25.36 -12.17 18.37
C MET C 169 -26.73 -12.46 18.96
N GLN C 170 -27.68 -12.89 18.13
CA GLN C 170 -29.02 -13.22 18.64
C GLN C 170 -28.95 -14.38 19.62
N LYS C 171 -28.19 -15.42 19.28
CA LYS C 171 -28.04 -16.56 20.20
C LYS C 171 -27.30 -16.14 21.46
N LEU C 172 -26.30 -15.26 21.32
CA LEU C 172 -25.42 -14.94 22.44
C LEU C 172 -26.07 -13.97 23.43
N THR C 173 -26.36 -12.74 22.99
CA THR C 173 -26.85 -11.71 23.89
C THR C 173 -28.16 -11.06 23.43
N HIS C 174 -28.92 -11.75 22.57
CA HIS C 174 -30.21 -11.22 22.08
C HIS C 174 -30.02 -9.92 21.30
N GLY C 175 -29.02 -9.90 20.42
CA GLY C 175 -28.75 -8.72 19.64
C GLY C 175 -28.20 -9.00 18.24
N VAL C 176 -27.57 -7.97 17.64
CA VAL C 176 -26.95 -8.09 16.33
C VAL C 176 -25.57 -7.45 16.38
N LEU C 177 -24.74 -7.81 15.40
CA LEU C 177 -23.41 -7.22 15.25
C LEU C 177 -23.53 -5.91 14.48
N HIS C 178 -23.86 -4.85 15.21
CA HIS C 178 -24.05 -3.53 14.61
C HIS C 178 -22.76 -2.73 14.48
N THR C 179 -21.66 -3.23 15.02
CA THR C 179 -20.41 -2.48 14.99
C THR C 179 -19.85 -2.42 13.58
N LYS C 180 -19.29 -1.24 13.24
CA LYS C 180 -18.70 -0.96 11.92
C LYS C 180 -17.31 -0.31 12.08
N PHE C 181 -16.22 -1.08 12.02
CA PHE C 181 -14.91 -0.44 12.07
C PHE C 181 -13.91 -1.23 11.25
N TRP C 182 -12.84 -0.54 10.87
CA TRP C 182 -11.73 -1.11 10.14
C TRP C 182 -10.44 -0.89 10.92
N VAL C 183 -9.59 -1.92 10.96
CA VAL C 183 -8.24 -1.82 11.50
C VAL C 183 -7.28 -2.26 10.41
N VAL C 184 -6.33 -1.39 10.06
CA VAL C 184 -5.42 -1.62 8.95
C VAL C 184 -4.00 -1.68 9.50
N ASP C 185 -3.36 -2.85 9.31
CA ASP C 185 -1.93 -3.06 9.61
C ASP C 185 -1.60 -2.73 11.06
N GLN C 186 -2.58 -2.84 11.95
CA GLN C 186 -2.44 -2.49 13.36
C GLN C 186 -1.96 -1.05 13.55
N THR C 187 -2.12 -0.22 12.52
CA THR C 187 -1.67 1.18 12.55
C THR C 187 -2.82 2.16 12.35
N HIS C 188 -3.64 1.96 11.33
CA HIS C 188 -4.75 2.87 11.06
C HIS C 188 -6.06 2.22 11.47
N PHE C 189 -7.08 3.05 11.67
CA PHE C 189 -8.41 2.48 11.90
C PHE C 189 -9.48 3.50 11.56
N TYR C 190 -10.57 3.00 10.97
CA TYR C 190 -11.78 3.78 10.73
C TYR C 190 -12.86 3.36 11.71
N LEU C 191 -13.55 4.34 12.29
CA LEU C 191 -14.67 4.11 13.20
C LEU C 191 -15.75 5.11 12.87
N GLY C 192 -16.90 4.65 12.43
CA GLY C 192 -17.94 5.56 12.02
C GLY C 192 -19.27 4.87 11.83
N SER C 193 -20.15 5.53 11.08
CA SER C 193 -21.49 5.04 10.84
C SER C 193 -21.66 4.39 9.46
N ALA C 194 -20.62 4.37 8.65
CA ALA C 194 -20.72 3.86 7.28
C ALA C 194 -20.73 2.34 7.30
N ASN C 195 -21.84 1.75 6.87
CA ASN C 195 -21.92 0.31 6.69
C ASN C 195 -21.13 -0.10 5.44
N MET C 196 -20.99 -1.41 5.26
CA MET C 196 -20.41 -1.94 4.02
C MET C 196 -21.48 -1.93 2.94
N ASP C 197 -21.85 -0.71 2.55
CA ASP C 197 -22.95 -0.47 1.63
C ASP C 197 -22.52 0.58 0.62
N TRP C 198 -22.87 0.35 -0.65
CA TRP C 198 -22.59 1.36 -1.66
C TRP C 198 -23.47 2.59 -1.45
N ARG C 199 -24.69 2.40 -0.95
CA ARG C 199 -25.54 3.54 -0.61
C ARG C 199 -24.93 4.35 0.53
N SER C 200 -24.12 3.70 1.38
CA SER C 200 -23.43 4.40 2.45
C SER C 200 -22.32 5.30 1.93
N LEU C 201 -21.99 5.21 0.65
CA LEU C 201 -20.93 6.02 0.05
C LEU C 201 -21.45 7.21 -0.74
N THR C 202 -22.64 7.09 -1.33
CA THR C 202 -23.16 8.15 -2.20
C THR C 202 -24.60 8.54 -1.94
N GLN C 203 -25.41 7.71 -1.27
CA GLN C 203 -26.83 7.99 -1.12
C GLN C 203 -27.30 8.15 0.32
N VAL C 204 -26.42 7.99 1.30
CA VAL C 204 -26.78 8.14 2.71
C VAL C 204 -25.69 8.95 3.39
N LYS C 205 -26.09 9.94 4.17
CA LYS C 205 -25.12 10.75 4.91
C LYS C 205 -24.55 9.95 6.06
N GLU C 206 -23.22 9.91 6.15
CA GLU C 206 -22.52 9.15 7.18
C GLU C 206 -21.40 10.00 7.75
N LEU C 207 -21.05 9.75 9.01
CA LEU C 207 -19.95 10.43 9.66
C LEU C 207 -19.08 9.41 10.40
N GLY C 208 -17.77 9.62 10.34
CA GLY C 208 -16.83 8.75 11.05
C GLY C 208 -15.49 9.44 11.17
N VAL C 209 -14.57 8.75 11.83
CA VAL C 209 -13.22 9.25 12.03
C VAL C 209 -12.23 8.18 11.57
N VAL C 210 -11.20 8.61 10.85
CA VAL C 210 -10.09 7.76 10.46
C VAL C 210 -8.86 8.23 11.22
N MET C 211 -8.27 7.32 11.99
CA MET C 211 -7.06 7.60 12.74
C MET C 211 -5.89 6.95 12.02
N TYR C 212 -4.95 7.77 11.57
CA TYR C 212 -3.72 7.33 10.92
C TYR C 212 -2.57 7.38 11.91
N ASN C 213 -1.63 6.44 11.75
CA ASN C 213 -0.36 6.45 12.49
C ASN C 213 -0.60 6.44 13.99
N CYS C 214 -1.56 5.62 14.43
CA CYS C 214 -1.95 5.49 15.85
C CYS C 214 -2.00 4.01 16.22
N SER C 215 -0.84 3.34 16.19
CA SER C 215 -0.79 1.90 16.36
C SER C 215 -1.40 1.46 17.70
N CYS C 216 -1.19 2.25 18.76
CA CYS C 216 -1.68 1.86 20.08
C CYS C 216 -3.21 1.73 20.09
N LEU C 217 -3.89 2.77 19.60
CA LEU C 217 -5.35 2.71 19.52
C LEU C 217 -5.82 1.63 18.56
N ALA C 218 -5.05 1.38 17.50
CA ALA C 218 -5.40 0.31 16.58
C ALA C 218 -5.36 -1.05 17.26
N ARG C 219 -4.36 -1.30 18.11
CA ARG C 219 -4.32 -2.54 18.87
C ARG C 219 -5.47 -2.60 19.87
N ASP C 220 -5.80 -1.46 20.49
CA ASP C 220 -6.92 -1.43 21.41
C ASP C 220 -8.22 -1.83 20.72
N LEU C 221 -8.43 -1.33 19.49
CA LEU C 221 -9.62 -1.73 18.72
C LEU C 221 -9.52 -3.18 18.26
N THR C 222 -8.32 -3.64 17.93
CA THR C 222 -8.12 -5.03 17.53
C THR C 222 -8.49 -5.98 18.67
N LYS C 223 -8.39 -5.53 19.92
CA LYS C 223 -8.85 -6.36 21.03
C LYS C 223 -10.35 -6.64 20.91
N ILE C 224 -11.15 -5.60 20.67
CA ILE C 224 -12.59 -5.80 20.49
C ILE C 224 -12.87 -6.64 19.26
N PHE C 225 -12.15 -6.38 18.16
CA PHE C 225 -12.37 -7.18 16.96
C PHE C 225 -12.04 -8.65 17.22
N GLU C 226 -11.00 -8.91 18.02
CA GLU C 226 -10.64 -10.28 18.36
C GLU C 226 -11.71 -10.92 19.22
N ALA C 227 -12.35 -10.14 20.11
CA ALA C 227 -13.51 -10.65 20.82
C ALA C 227 -14.59 -11.10 19.83
N TYR C 228 -14.87 -10.25 18.84
CA TYR C 228 -15.84 -10.63 17.81
C TYR C 228 -15.40 -11.88 17.06
N TRP C 229 -14.11 -11.96 16.72
CA TRP C 229 -13.58 -13.08 15.95
C TRP C 229 -13.70 -14.38 16.73
N PHE C 230 -13.42 -14.35 18.03
CA PHE C 230 -13.63 -15.53 18.86
C PHE C 230 -15.11 -15.90 18.90
N LEU C 231 -15.98 -14.90 19.01
CA LEU C 231 -17.42 -15.18 18.98
C LEU C 231 -17.89 -15.69 17.62
N GLY C 232 -17.08 -15.54 16.58
CA GLY C 232 -17.43 -16.06 15.27
C GLY C 232 -17.28 -17.56 15.09
N GLN C 233 -16.68 -18.25 16.05
CA GLN C 233 -16.54 -19.69 15.97
C GLN C 233 -17.90 -20.37 16.18
N ALA C 234 -18.03 -21.57 15.64
CA ALA C 234 -19.31 -22.28 15.66
C ALA C 234 -19.79 -22.61 17.06
N GLY C 235 -19.05 -23.45 17.78
CA GLY C 235 -19.46 -23.84 19.12
C GLY C 235 -18.84 -23.00 20.21
N SER C 236 -18.94 -21.68 20.07
CA SER C 236 -18.32 -20.75 21.00
C SER C 236 -19.38 -19.86 21.64
N SER C 237 -19.17 -19.53 22.92
CA SER C 237 -20.05 -18.64 23.65
C SER C 237 -19.20 -17.72 24.52
N ILE C 238 -19.82 -16.66 25.01
CA ILE C 238 -19.09 -15.68 25.82
C ILE C 238 -18.69 -16.32 27.14
N PRO C 239 -17.41 -16.31 27.50
CA PRO C 239 -17.01 -16.83 28.81
C PRO C 239 -17.41 -15.87 29.92
N SER C 240 -17.50 -16.43 31.13
CA SER C 240 -17.78 -15.60 32.30
C SER C 240 -16.69 -14.56 32.49
N THR C 241 -15.44 -14.96 32.30
CA THR C 241 -14.31 -14.04 32.28
C THR C 241 -13.56 -14.21 30.95
N TRP C 242 -13.30 -13.09 30.28
CA TRP C 242 -12.56 -13.13 29.03
C TRP C 242 -11.09 -13.45 29.30
N PRO C 243 -10.39 -14.03 28.32
CA PRO C 243 -8.95 -14.24 28.50
C PRO C 243 -8.21 -12.93 28.73
N ARG C 244 -7.14 -13.01 29.53
CA ARG C 244 -6.40 -11.83 29.93
C ARG C 244 -5.80 -11.07 28.74
N SER C 245 -5.62 -11.74 27.60
CA SER C 245 -5.15 -11.05 26.41
C SER C 245 -6.17 -10.04 25.89
N PHE C 246 -7.42 -10.14 26.33
CA PHE C 246 -8.48 -9.23 25.91
C PHE C 246 -8.64 -8.02 26.82
N ASP C 247 -8.07 -8.06 28.01
CA ASP C 247 -8.26 -6.96 28.95
C ASP C 247 -7.53 -5.71 28.46
N THR C 248 -7.98 -4.56 28.96
CA THR C 248 -7.40 -3.28 28.58
C THR C 248 -7.10 -2.46 29.81
N ARG C 249 -5.96 -1.77 29.79
CA ARG C 249 -5.58 -0.87 30.86
C ARG C 249 -6.00 0.57 30.60
N TYR C 250 -6.64 0.81 29.45
CA TYR C 250 -7.02 2.15 29.03
C TYR C 250 -8.54 2.24 28.99
N ASN C 251 -9.10 3.19 29.74
CA ASN C 251 -10.53 3.31 29.91
C ASN C 251 -10.85 4.75 30.30
N GLN C 252 -12.07 4.97 30.78
CA GLN C 252 -12.48 6.31 31.17
C GLN C 252 -11.62 6.84 32.31
N GLU C 253 -11.34 5.99 33.31
CA GLU C 253 -10.54 6.43 34.44
C GLU C 253 -9.10 6.72 34.04
N THR C 254 -8.52 5.89 33.18
CA THR C 254 -7.14 6.05 32.70
C THR C 254 -7.15 6.04 31.18
N PRO C 255 -7.46 7.17 30.56
CA PRO C 255 -7.47 7.24 29.10
C PRO C 255 -6.07 7.19 28.52
N MET C 256 -5.99 6.78 27.26
CA MET C 256 -4.70 6.70 26.58
C MET C 256 -4.20 8.11 26.27
N GLU C 257 -2.96 8.38 26.64
CA GLU C 257 -2.29 9.65 26.33
C GLU C 257 -1.66 9.52 24.94
N ILE C 258 -2.29 10.15 23.95
CA ILE C 258 -1.78 10.13 22.58
C ILE C 258 -1.33 11.53 22.19
N CYS C 259 -0.62 11.62 21.07
CA CYS C 259 -0.26 12.88 20.44
C CYS C 259 -1.10 13.01 19.17
N LEU C 260 -2.09 13.90 19.21
CA LEU C 260 -3.04 14.06 18.11
C LEU C 260 -2.75 15.36 17.40
N ASN C 261 -2.31 15.26 16.14
CA ASN C 261 -1.97 16.42 15.32
C ASN C 261 -0.95 17.31 16.03
N GLY C 262 0.05 16.68 16.64
CA GLY C 262 1.07 17.39 17.38
C GLY C 262 0.58 18.07 18.64
N THR C 263 -0.37 17.46 19.35
CA THR C 263 -0.91 18.00 20.58
C THR C 263 -1.34 16.85 21.47
N PRO C 264 -1.01 16.86 22.76
CA PRO C 264 -1.45 15.78 23.65
C PRO C 264 -2.97 15.70 23.73
N ALA C 265 -3.46 14.47 23.86
CA ALA C 265 -4.90 14.23 23.95
C ALA C 265 -5.13 12.95 24.74
N LEU C 266 -6.35 12.84 25.28
CA LEU C 266 -6.77 11.65 26.02
C LEU C 266 -7.86 10.95 25.20
N ALA C 267 -7.58 9.72 24.77
CA ALA C 267 -8.51 8.99 23.92
C ALA C 267 -8.71 7.57 24.46
N TYR C 268 -9.93 7.06 24.29
CA TYR C 268 -10.20 5.67 24.63
C TYR C 268 -11.41 5.18 23.85
N LEU C 269 -11.59 3.86 23.87
CA LEU C 269 -12.64 3.19 23.12
C LEU C 269 -13.55 2.44 24.08
N ALA C 270 -14.86 2.66 23.95
CA ALA C 270 -15.86 1.97 24.74
C ALA C 270 -16.60 0.96 23.89
N SER C 271 -17.05 -0.13 24.52
CA SER C 271 -17.70 -1.22 23.82
C SER C 271 -18.94 -1.68 24.56
N ALA C 272 -19.88 -2.24 23.81
CA ALA C 272 -21.10 -2.83 24.32
C ALA C 272 -21.39 -4.10 23.54
N PRO C 273 -22.12 -5.07 24.14
CA PRO C 273 -22.75 -5.16 25.47
C PRO C 273 -21.80 -5.48 26.64
N PRO C 274 -22.24 -5.26 27.87
CA PRO C 274 -21.36 -5.53 29.03
C PRO C 274 -20.82 -6.94 29.10
N PRO C 275 -21.64 -7.96 28.76
CA PRO C 275 -21.06 -9.30 28.70
C PRO C 275 -19.95 -9.44 27.63
N LEU C 276 -19.91 -8.57 26.63
CA LEU C 276 -18.83 -8.54 25.68
C LEU C 276 -17.80 -7.46 26.04
N CYS C 277 -17.50 -7.28 27.33
CA CYS C 277 -16.58 -6.25 27.79
C CYS C 277 -15.60 -6.87 28.80
N PRO C 278 -14.30 -6.88 28.52
CA PRO C 278 -13.33 -7.31 29.56
C PRO C 278 -13.36 -6.38 30.77
N SER C 279 -12.59 -6.74 31.80
CA SER C 279 -12.66 -6.01 33.07
C SER C 279 -12.25 -4.55 32.90
N GLY C 280 -11.20 -4.28 32.12
CA GLY C 280 -10.70 -2.93 31.96
C GLY C 280 -11.33 -2.10 30.86
N ARG C 281 -12.37 -2.60 30.21
CA ARG C 281 -13.02 -1.87 29.12
C ARG C 281 -14.23 -1.13 29.66
N THR C 282 -14.30 0.17 29.35
CA THR C 282 -15.43 0.99 29.79
C THR C 282 -16.66 0.68 28.92
N PRO C 283 -17.81 0.41 29.53
CA PRO C 283 -19.03 0.21 28.73
C PRO C 283 -19.39 1.46 27.95
N ASP C 284 -20.01 1.25 26.78
CA ASP C 284 -20.38 2.37 25.93
C ASP C 284 -21.35 3.31 26.62
N LEU C 285 -22.32 2.76 27.34
CA LEU C 285 -23.28 3.60 28.07
C LEU C 285 -22.58 4.45 29.12
N LYS C 286 -21.63 3.87 29.84
CA LYS C 286 -20.89 4.64 30.86
C LYS C 286 -20.12 5.78 30.22
N ALA C 287 -19.46 5.52 29.08
CA ALA C 287 -18.72 6.57 28.39
C ALA C 287 -19.64 7.68 27.91
N LEU C 288 -20.78 7.31 27.32
CA LEU C 288 -21.75 8.30 26.85
C LEU C 288 -22.27 9.15 28.00
N LEU C 289 -22.62 8.50 29.12
CA LEU C 289 -23.14 9.25 30.26
C LEU C 289 -22.08 10.12 30.90
N ASN C 290 -20.82 9.68 30.88
CA ASN C 290 -19.73 10.52 31.38
C ASN C 290 -19.57 11.77 30.51
N VAL C 291 -19.62 11.60 29.19
CA VAL C 291 -19.53 12.76 28.30
C VAL C 291 -20.70 13.72 28.54
N VAL C 292 -21.90 13.16 28.72
CA VAL C 292 -23.07 14.01 28.94
C VAL C 292 -22.95 14.75 30.26
N ASP C 293 -22.53 14.06 31.32
CA ASP C 293 -22.50 14.65 32.66
C ASP C 293 -21.34 15.62 32.85
N SER C 294 -20.23 15.42 32.14
CA SER C 294 -19.10 16.32 32.30
C SER C 294 -19.24 17.62 31.51
N ALA C 295 -20.24 17.71 30.63
CA ALA C 295 -20.43 18.92 29.85
C ALA C 295 -20.96 20.05 30.73
N ARG C 296 -20.39 21.25 30.55
CA ARG C 296 -20.79 22.42 31.30
C ARG C 296 -21.37 23.54 30.45
N SER C 297 -21.14 23.54 29.14
CA SER C 297 -21.59 24.62 28.27
C SER C 297 -22.67 24.16 27.30
N PHE C 298 -22.42 23.13 26.51
CA PHE C 298 -23.40 22.68 25.53
C PHE C 298 -23.21 21.19 25.26
N ILE C 299 -24.27 20.57 24.74
CA ILE C 299 -24.23 19.19 24.27
C ILE C 299 -24.94 19.14 22.92
N TYR C 300 -24.21 18.74 21.89
CA TYR C 300 -24.76 18.57 20.54
C TYR C 300 -24.79 17.08 20.25
N ILE C 301 -25.97 16.56 19.94
CA ILE C 301 -26.16 15.13 19.66
C ILE C 301 -26.75 15.00 18.27
N ALA C 302 -26.13 14.16 17.45
CA ALA C 302 -26.65 13.84 16.13
C ALA C 302 -26.65 12.31 16.00
N VAL C 303 -27.84 11.72 16.06
CA VAL C 303 -27.99 10.27 15.95
C VAL C 303 -29.21 9.99 15.08
N MET C 304 -29.15 8.86 14.36
CA MET C 304 -30.27 8.48 13.51
C MET C 304 -31.52 8.18 14.33
N ASN C 305 -31.36 7.48 15.45
CA ASN C 305 -32.49 7.04 16.26
C ASN C 305 -32.22 7.34 17.72
N TYR C 306 -33.17 8.02 18.37
CA TYR C 306 -33.12 8.28 19.81
C TYR C 306 -34.43 7.80 20.43
N LEU C 307 -34.35 6.85 21.37
CA LEU C 307 -35.55 6.30 21.97
C LEU C 307 -35.25 5.82 23.39
N PRO C 308 -35.81 6.47 24.42
CA PRO C 308 -35.49 6.16 25.82
C PRO C 308 -36.28 4.99 26.43
N THR C 309 -36.42 3.90 25.68
CA THR C 309 -37.06 2.69 26.17
C THR C 309 -36.34 1.48 25.58
N MET C 310 -36.79 0.29 25.96
CA MET C 310 -36.30 -0.94 25.34
C MET C 310 -36.91 -1.06 23.95
N GLU C 311 -36.05 -0.96 22.92
CA GLU C 311 -36.54 -0.80 21.55
C GLU C 311 -37.36 -2.00 21.08
N PHE C 312 -36.80 -3.21 21.22
CA PHE C 312 -37.41 -4.42 20.69
C PHE C 312 -37.62 -5.41 21.82
N SER C 313 -38.87 -5.66 22.17
CA SER C 313 -39.23 -6.63 23.20
C SER C 313 -40.72 -6.95 23.15
N PRO C 315 -41.44 -8.38 27.48
CA PRO C 315 -42.28 -7.27 27.93
C PRO C 315 -41.61 -5.90 27.76
N ARG C 316 -42.35 -4.94 27.21
CA ARG C 316 -41.77 -3.64 26.91
C ARG C 316 -41.25 -2.97 28.19
N ARG C 317 -40.08 -2.36 28.09
CA ARG C 317 -39.43 -1.72 29.22
C ARG C 317 -39.06 -0.28 28.88
N PHE C 318 -39.21 0.60 29.88
CA PHE C 318 -38.78 1.99 29.78
C PHE C 318 -37.33 2.10 30.21
N TRP C 319 -36.59 2.99 29.57
CA TRP C 319 -35.13 3.09 29.73
C TRP C 319 -34.72 4.55 29.73
N PRO C 320 -34.84 5.25 30.86
CA PRO C 320 -34.62 6.69 30.87
C PRO C 320 -33.19 7.13 31.16
N ALA C 321 -32.21 6.22 31.06
CA ALA C 321 -30.85 6.53 31.48
C ALA C 321 -30.31 7.76 30.76
N ILE C 322 -30.19 7.68 29.44
CA ILE C 322 -29.68 8.82 28.66
C ILE C 322 -30.62 10.00 28.76
N ASP C 323 -31.93 9.74 28.73
CA ASP C 323 -32.91 10.82 28.82
C ASP C 323 -32.80 11.55 30.16
N ASP C 324 -32.70 10.80 31.25
CA ASP C 324 -32.55 11.43 32.57
C ASP C 324 -31.24 12.18 32.67
N GLY C 325 -30.16 11.62 32.10
CA GLY C 325 -28.89 12.33 32.11
C GLY C 325 -28.96 13.65 31.37
N LEU C 326 -29.61 13.66 30.20
CA LEU C 326 -29.75 14.89 29.43
C LEU C 326 -30.59 15.92 30.18
N ARG C 327 -31.70 15.48 30.79
CA ARG C 327 -32.53 16.40 31.55
C ARG C 327 -31.78 16.97 32.75
N ARG C 328 -31.02 16.12 33.45
CA ARG C 328 -30.23 16.57 34.58
C ARG C 328 -29.17 17.59 34.15
N ALA C 329 -28.50 17.32 33.03
CA ALA C 329 -27.51 18.26 32.51
C ALA C 329 -28.16 19.59 32.15
N ALA C 330 -29.33 19.55 31.52
CA ALA C 330 -29.99 20.78 31.11
C ALA C 330 -30.46 21.59 32.31
N TYR C 331 -30.97 20.93 33.35
CA TYR C 331 -31.57 21.66 34.45
C TYR C 331 -30.53 22.10 35.48
N GLU C 332 -29.67 21.18 35.93
CA GLU C 332 -28.77 21.48 37.03
C GLU C 332 -27.70 22.48 36.62
N ARG C 333 -26.99 22.20 35.54
CA ARG C 333 -25.84 23.01 35.12
C ARG C 333 -26.16 23.96 33.98
N GLY C 334 -27.43 24.05 33.58
CA GLY C 334 -27.83 24.96 32.51
C GLY C 334 -27.16 24.68 31.17
N VAL C 335 -26.94 23.41 30.86
CA VAL C 335 -26.26 23.04 29.61
C VAL C 335 -27.26 23.14 28.46
N LYS C 336 -26.86 23.86 27.41
CA LYS C 336 -27.68 23.97 26.21
C LYS C 336 -27.57 22.70 25.40
N VAL C 337 -28.69 22.00 25.27
CA VAL C 337 -28.73 20.69 24.56
C VAL C 337 -29.43 20.84 23.22
N ARG C 338 -28.70 20.66 22.12
CA ARG C 338 -29.25 20.68 20.76
C ARG C 338 -29.23 19.23 20.25
N LEU C 339 -30.35 18.69 19.78
CA LEU C 339 -30.44 17.26 19.39
C LEU C 339 -31.03 17.11 17.98
N LEU C 340 -30.29 16.52 17.04
CA LEU C 340 -30.75 16.32 15.63
C LEU C 340 -31.06 14.85 15.37
N ILE C 341 -32.32 14.51 15.11
CA ILE C 341 -32.76 13.13 14.81
C ILE C 341 -33.13 13.02 13.34
N SER C 342 -32.52 12.08 12.63
CA SER C 342 -32.84 11.81 11.22
C SER C 342 -34.24 11.19 11.10
N CYS C 343 -34.94 11.55 10.03
CA CYS C 343 -36.28 11.04 9.80
C CYS C 343 -36.49 10.65 8.35
N TRP C 344 -37.07 9.46 8.13
CA TRP C 344 -37.54 9.04 6.82
C TRP C 344 -38.84 8.27 7.01
N GLY C 345 -39.26 7.60 5.95
CA GLY C 345 -40.44 6.76 5.96
C GLY C 345 -40.20 5.45 6.67
N HIS C 346 -39.01 5.28 7.26
CA HIS C 346 -38.61 4.06 7.96
C HIS C 346 -38.26 4.33 9.42
N SER C 347 -38.59 5.52 9.93
CA SER C 347 -38.39 5.89 11.32
C SER C 347 -39.56 5.41 12.20
N ASP C 348 -39.23 5.06 13.44
CA ASP C 348 -40.25 4.65 14.41
C ASP C 348 -41.13 5.84 14.78
N PRO C 349 -42.44 5.78 14.52
CA PRO C 349 -43.32 6.91 14.89
C PRO C 349 -43.38 7.20 16.38
N SER C 350 -43.31 6.16 17.22
CA SER C 350 -43.35 6.35 18.67
C SER C 350 -42.24 7.26 19.18
N MET C 351 -41.26 7.59 18.34
CA MET C 351 -40.20 8.51 18.74
C MET C 351 -40.73 9.92 18.96
N ARG C 352 -41.85 10.29 18.33
CA ARG C 352 -42.27 11.69 18.36
C ARG C 352 -42.55 12.16 19.78
N SER C 353 -43.42 11.44 20.49
CA SER C 353 -43.87 11.90 21.81
C SER C 353 -42.69 12.10 22.75
N PHE C 354 -41.81 11.10 22.86
CA PHE C 354 -40.64 11.23 23.71
C PHE C 354 -39.83 12.46 23.36
N LEU C 355 -39.63 12.71 22.06
CA LEU C 355 -38.90 13.90 21.65
C LEU C 355 -39.62 15.16 22.13
N LEU C 356 -40.94 15.21 21.98
CA LEU C 356 -41.71 16.32 22.52
C LEU C 356 -41.51 16.43 24.03
N SER C 357 -41.48 15.28 24.71
CA SER C 357 -41.27 15.28 26.16
C SER C 357 -39.95 15.94 26.55
N LEU C 358 -38.99 16.01 25.63
CA LEU C 358 -37.78 16.78 25.88
C LEU C 358 -37.94 18.22 25.44
N ALA C 359 -38.58 18.46 24.29
CA ALA C 359 -38.70 19.81 23.76
C ALA C 359 -39.53 20.71 24.67
N ALA C 360 -40.42 20.13 25.47
CA ALA C 360 -41.21 20.92 26.41
C ALA C 360 -40.37 21.44 27.58
N LEU C 361 -39.13 20.96 27.74
CA LEU C 361 -38.30 21.41 28.85
C LEU C 361 -37.65 22.77 28.59
N HIS C 362 -37.80 23.32 27.39
CA HIS C 362 -37.29 24.65 27.10
C HIS C 362 -38.20 25.69 27.77
N ASP C 363 -37.73 26.28 28.86
CA ASP C 363 -38.54 27.20 29.64
C ASP C 363 -37.63 28.25 30.27
N ASN C 364 -38.09 29.50 30.27
CA ASN C 364 -37.27 30.59 30.78
C ASN C 364 -37.18 30.59 32.31
N HIS C 365 -38.22 30.08 32.99
CA HIS C 365 -38.19 30.05 34.44
C HIS C 365 -37.22 28.98 34.96
N THR C 366 -37.20 27.81 34.33
CA THR C 366 -36.25 26.78 34.72
C THR C 366 -34.84 27.03 34.18
N HIS C 367 -34.69 27.96 33.24
CA HIS C 367 -33.44 28.29 32.56
C HIS C 367 -32.88 27.12 31.75
N SER C 368 -33.62 26.02 31.64
CA SER C 368 -33.19 24.90 30.81
C SER C 368 -33.37 25.23 29.33
N ASP C 369 -32.43 24.74 28.52
CA ASP C 369 -32.41 25.01 27.08
C ASP C 369 -32.25 23.68 26.35
N ILE C 370 -33.38 23.06 25.99
CA ILE C 370 -33.39 21.82 25.20
C ILE C 370 -34.13 22.10 23.90
N GLN C 371 -33.48 21.83 22.78
CA GLN C 371 -34.06 22.01 21.46
C GLN C 371 -33.90 20.73 20.65
N VAL C 372 -34.94 20.39 19.89
CA VAL C 372 -34.95 19.18 19.07
C VAL C 372 -35.29 19.57 17.64
N LYS C 373 -34.47 19.12 16.69
CA LYS C 373 -34.70 19.35 15.27
C LYS C 373 -34.63 18.02 14.53
N LEU C 374 -35.33 17.95 13.40
CA LEU C 374 -35.36 16.76 12.56
C LEU C 374 -34.60 17.01 11.27
N PHE C 375 -33.65 16.13 10.96
CA PHE C 375 -32.84 16.21 9.75
C PHE C 375 -33.40 15.25 8.72
N VAL C 376 -33.77 15.77 7.56
CA VAL C 376 -34.35 14.98 6.48
C VAL C 376 -33.57 15.26 5.20
N VAL C 377 -33.17 14.20 4.50
CA VAL C 377 -32.45 14.31 3.24
C VAL C 377 -33.47 14.40 2.12
N PRO C 378 -33.48 15.48 1.32
CA PRO C 378 -34.44 15.57 0.22
C PRO C 378 -34.21 14.48 -0.82
N THR C 379 -35.31 14.00 -1.40
CA THR C 379 -35.27 12.98 -2.45
C THR C 379 -36.08 13.43 -3.64
N ASP C 380 -35.59 13.14 -4.84
CA ASP C 380 -36.29 13.46 -6.07
C ASP C 380 -36.98 12.22 -6.62
N GLU C 381 -37.54 12.34 -7.83
CA GLU C 381 -38.24 11.21 -8.43
C GLU C 381 -37.32 10.03 -8.70
N SER C 382 -36.12 10.30 -9.22
CA SER C 382 -35.21 9.21 -9.56
C SER C 382 -34.62 8.57 -8.32
N GLN C 383 -34.18 9.38 -7.35
CA GLN C 383 -33.54 8.85 -6.16
C GLN C 383 -34.50 8.07 -5.27
N ALA C 384 -35.81 8.31 -5.41
CA ALA C 384 -36.79 7.57 -4.62
C ALA C 384 -36.83 6.09 -4.99
N ARG C 385 -36.28 5.72 -6.14
CA ARG C 385 -36.26 4.33 -6.56
C ARG C 385 -35.14 3.54 -5.89
N ILE C 386 -34.09 4.21 -5.41
CA ILE C 386 -33.00 3.55 -4.70
C ILE C 386 -33.52 3.07 -3.35
N PRO C 387 -33.44 1.78 -3.04
CA PRO C 387 -34.02 1.27 -1.80
C PRO C 387 -33.15 1.56 -0.59
N TYR C 388 -33.81 1.98 0.49
CA TYR C 388 -33.18 2.18 1.80
C TYR C 388 -32.03 3.19 1.72
N ALA C 389 -32.36 4.43 1.37
CA ALA C 389 -31.36 5.47 1.20
C ALA C 389 -31.93 6.81 1.65
N ARG C 390 -31.18 7.88 1.38
CA ARG C 390 -31.57 9.26 1.66
C ARG C 390 -31.79 9.51 3.17
N VAL C 391 -30.72 9.31 3.95
CA VAL C 391 -30.75 9.48 5.41
C VAL C 391 -29.45 10.12 5.87
N ASN C 392 -29.47 10.58 7.12
CA ASN C 392 -28.28 10.98 7.86
C ASN C 392 -28.07 9.89 8.90
N ASN C 394 -25.53 9.37 10.78
CA ASN C 394 -24.51 9.78 11.75
C ASN C 394 -24.87 9.42 13.19
N LYS C 395 -23.85 9.15 14.00
CA LYS C 395 -24.05 8.78 15.41
C LYS C 395 -22.90 9.36 16.23
N TYR C 396 -23.02 10.61 16.66
CA TYR C 396 -21.94 11.28 17.36
C TYR C 396 -22.51 12.32 18.32
N MET C 397 -21.66 12.73 19.26
CA MET C 397 -21.96 13.74 20.26
C MET C 397 -20.73 14.59 20.48
N VAL C 398 -20.93 15.90 20.65
CA VAL C 398 -19.83 16.82 20.90
C VAL C 398 -20.25 17.84 21.94
N THR C 399 -19.40 18.06 22.93
CA THR C 399 -19.61 19.10 23.92
C THR C 399 -18.47 20.11 23.80
N GLU C 400 -18.44 21.06 24.74
CA GLU C 400 -17.35 22.03 24.77
C GLU C 400 -16.05 21.40 25.26
N ARG C 401 -16.07 20.16 25.73
CA ARG C 401 -14.90 19.55 26.34
C ARG C 401 -14.64 18.11 25.92
N ALA C 402 -15.49 17.50 25.10
CA ALA C 402 -15.33 16.10 24.77
C ALA C 402 -15.90 15.81 23.39
N SER C 403 -15.43 14.71 22.79
CA SER C 403 -15.92 14.25 21.50
C SER C 403 -16.20 12.76 21.58
N TYR C 404 -17.35 12.34 21.05
CA TYR C 404 -17.79 10.96 21.07
C TYR C 404 -18.28 10.59 19.68
N ILE C 405 -17.71 9.53 19.09
CA ILE C 405 -18.16 9.04 17.79
C ILE C 405 -18.48 7.56 17.95
N GLY C 406 -19.74 7.19 17.71
CA GLY C 406 -20.20 5.84 17.98
C GLY C 406 -20.86 5.20 16.78
N THR C 407 -21.07 3.89 16.89
CA THR C 407 -21.76 3.10 15.88
C THR C 407 -23.07 2.52 16.40
N SER C 408 -23.75 3.25 17.29
CA SER C 408 -24.94 2.73 17.93
C SER C 408 -25.97 3.84 18.10
N ASN C 409 -27.23 3.50 17.88
CA ASN C 409 -28.32 4.41 18.20
C ASN C 409 -28.48 4.52 19.71
N TRP C 410 -29.17 5.58 20.15
CA TRP C 410 -29.24 5.90 21.57
C TRP C 410 -30.48 5.25 22.18
N SER C 411 -30.32 3.98 22.55
CA SER C 411 -31.35 3.22 23.24
C SER C 411 -30.70 2.08 24.01
N GLY C 412 -31.49 1.46 24.89
CA GLY C 412 -30.95 0.45 25.78
C GLY C 412 -30.36 -0.73 25.05
N SER C 413 -31.04 -1.18 23.98
CA SER C 413 -30.61 -2.39 23.27
C SER C 413 -29.18 -2.25 22.74
N TYR C 414 -28.86 -1.10 22.14
CA TYR C 414 -27.53 -0.89 21.59
C TYR C 414 -26.44 -0.86 22.65
N PHE C 415 -26.79 -0.76 23.93
CA PHE C 415 -25.82 -0.78 25.01
C PHE C 415 -25.98 -1.97 25.94
N THR C 416 -26.92 -2.87 25.67
CA THR C 416 -27.13 -4.01 26.56
C THR C 416 -27.15 -5.34 25.80
N GLU C 417 -27.58 -5.31 24.54
CA GLU C 417 -27.74 -6.55 23.79
C GLU C 417 -27.02 -6.48 22.45
N THR C 418 -26.92 -5.29 21.88
CA THR C 418 -26.38 -5.10 20.55
C THR C 418 -24.95 -4.59 20.64
N ALA C 419 -24.06 -5.22 19.90
CA ALA C 419 -22.64 -4.86 19.94
C ALA C 419 -22.41 -3.49 19.32
N GLY C 420 -21.45 -2.76 19.89
CA GLY C 420 -21.07 -1.46 19.35
C GLY C 420 -19.79 -0.97 19.98
N THR C 421 -19.11 -0.08 19.26
CA THR C 421 -17.89 0.55 19.76
C THR C 421 -17.96 2.04 19.49
N SER C 422 -17.27 2.81 20.33
CA SER C 422 -17.25 4.25 20.22
C SER C 422 -15.90 4.78 20.65
N LEU C 423 -15.45 5.85 20.00
CA LEU C 423 -14.20 6.53 20.31
C LEU C 423 -14.50 7.84 21.02
N LEU C 424 -13.82 8.06 22.15
CA LEU C 424 -13.98 9.25 22.98
C LEU C 424 -12.64 9.96 23.09
N VAL C 425 -12.65 11.26 22.80
CA VAL C 425 -11.44 12.07 22.72
C VAL C 425 -11.64 13.35 23.54
N THR C 426 -10.60 13.73 24.29
CA THR C 426 -10.55 14.96 25.05
C THR C 426 -9.24 15.68 24.72
N GLN C 427 -9.32 17.00 24.53
CA GLN C 427 -8.18 17.81 24.12
C GLN C 427 -8.33 19.22 24.65
N ASN C 428 -7.22 19.70 25.24
CA ASN C 428 -7.14 21.08 25.76
C ASN C 428 -6.48 21.91 24.69
N GLY C 429 -7.19 22.11 23.61
CA GLY C 429 -6.77 23.02 22.59
C GLY C 429 -7.84 24.03 22.21
N HIS C 430 -7.50 24.86 21.24
CA HIS C 430 -8.46 25.82 20.72
C HIS C 430 -9.39 25.18 19.70
N GLY C 431 -8.85 24.29 18.86
CA GLY C 431 -9.62 23.64 17.83
C GLY C 431 -9.50 22.13 17.87
N GLY C 432 -9.04 21.55 16.76
CA GLY C 432 -8.83 20.11 16.68
C GLY C 432 -10.03 19.32 16.22
N LEU C 433 -10.10 18.05 16.61
CA LEU C 433 -11.18 17.18 16.17
C LEU C 433 -12.52 17.63 16.75
N ARG C 434 -12.54 18.05 18.02
CA ARG C 434 -13.79 18.45 18.65
C ARG C 434 -14.40 19.67 17.96
N SER C 435 -13.56 20.63 17.59
CA SER C 435 -14.06 21.82 16.89
C SER C 435 -14.63 21.46 15.52
N GLN C 436 -13.98 20.53 14.82
CA GLN C 436 -14.50 20.09 13.53
C GLN C 436 -15.83 19.38 13.69
N LEU C 437 -15.97 18.54 14.72
CA LEU C 437 -17.25 17.89 14.97
C LEU C 437 -18.34 18.91 15.28
N GLU C 438 -18.01 19.92 16.10
CA GLU C 438 -18.98 20.97 16.40
C GLU C 438 -19.36 21.75 15.16
N ALA C 439 -18.39 22.04 14.30
CA ALA C 439 -18.67 22.77 13.07
C ALA C 439 -19.58 21.97 12.14
N VAL C 440 -19.32 20.67 12.01
CA VAL C 440 -20.19 19.82 11.20
C VAL C 440 -21.61 19.80 11.76
N PHE C 441 -21.72 19.67 13.09
CA PHE C 441 -23.04 19.67 13.70
C PHE C 441 -23.76 21.00 13.47
N LEU C 442 -23.05 22.11 13.59
CA LEU C 442 -23.66 23.42 13.38
C LEU C 442 -24.11 23.59 11.94
N ARG C 443 -23.28 23.13 10.98
CA ARG C 443 -23.67 23.19 9.58
C ARG C 443 -24.93 22.38 9.33
N ASP C 444 -25.01 21.18 9.89
CA ASP C 444 -26.23 20.38 9.73
C ASP C 444 -27.43 21.04 10.38
N TRP C 445 -27.23 21.62 11.57
CA TRP C 445 -28.32 22.22 12.33
C TRP C 445 -28.89 23.44 11.63
N GLU C 446 -28.02 24.28 11.06
CA GLU C 446 -28.46 25.49 10.37
C GLU C 446 -28.80 25.24 8.90
N SER C 447 -28.59 24.03 8.40
CA SER C 447 -28.92 23.71 7.03
C SER C 447 -30.45 23.71 6.85
N PRO C 448 -30.93 24.01 5.64
CA PRO C 448 -32.39 23.99 5.40
C PRO C 448 -33.00 22.60 5.47
N TYR C 449 -32.21 21.56 5.74
CA TYR C 449 -32.70 20.20 5.86
C TYR C 449 -33.05 19.84 7.30
N SER C 450 -32.91 20.77 8.23
CA SER C 450 -33.28 20.58 9.63
C SER C 450 -34.57 21.34 9.90
N HIS C 451 -35.54 20.67 10.51
CA HIS C 451 -36.86 21.25 10.75
C HIS C 451 -37.30 21.00 12.18
N ASP C 452 -38.09 21.92 12.71
CA ASP C 452 -38.68 21.75 14.02
C ASP C 452 -39.80 20.72 13.97
N LEU C 453 -40.22 20.26 15.15
CA LEU C 453 -41.21 19.19 15.24
C LEU C 453 -42.60 19.62 14.79
N ASP C 454 -42.84 20.91 14.59
CA ASP C 454 -44.13 21.41 14.16
C ASP C 454 -44.15 21.75 12.67
N THR C 455 -43.11 21.39 11.93
CA THR C 455 -43.04 21.70 10.51
C THR C 455 -44.03 20.84 9.72
N SER C 456 -44.43 21.37 8.57
CA SER C 456 -45.32 20.62 7.68
C SER C 456 -44.55 19.52 6.96
N ALA C 457 -45.24 18.42 6.67
CA ALA C 457 -44.59 17.30 6.01
C ALA C 457 -44.35 17.59 4.53
N ASN C 458 -45.19 18.42 3.91
CA ASN C 458 -45.06 18.67 2.48
C ASN C 458 -43.76 19.39 2.15
N SER C 459 -43.38 20.38 2.96
CA SER C 459 -42.20 21.20 2.68
C SER C 459 -40.97 20.66 3.41
N VAL C 460 -40.75 19.35 3.31
CA VAL C 460 -39.62 18.71 3.96
C VAL C 460 -38.74 18.07 2.90
N GLY C 461 -39.34 17.66 1.79
CA GLY C 461 -38.62 17.08 0.67
C GLY C 461 -38.56 15.57 0.65
N ASN C 462 -39.07 14.90 1.68
CA ASN C 462 -39.03 13.44 1.76
C ASN C 462 -40.12 13.00 2.72
N ALA C 463 -40.44 11.71 2.68
CA ALA C 463 -41.41 11.14 3.61
C ALA C 463 -40.82 11.19 5.02
N CYS C 464 -41.62 11.70 5.96
CA CYS C 464 -41.18 11.86 7.35
C CYS C 464 -42.33 11.45 8.26
N ARG C 465 -42.22 10.28 8.88
CA ARG C 465 -43.32 9.75 9.74
C ARG C 465 -43.49 10.60 11.01
N LEU C 466 -42.41 11.16 11.52
CA LEU C 466 -42.51 11.93 12.74
C LEU C 466 -43.20 13.28 12.54
N LEU C 467 -43.25 13.77 11.31
CA LEU C 467 -43.87 15.06 11.03
C LEU C 467 -45.27 14.90 10.44
N ARG D 52 -45.67 -13.68 59.85
CA ARG D 52 -46.34 -12.40 60.03
C ARG D 52 -46.52 -12.07 61.50
N PRO D 53 -46.44 -10.78 61.85
CA PRO D 53 -46.69 -10.36 63.23
C PRO D 53 -48.16 -10.54 63.60
N ALA D 54 -48.49 -10.24 64.85
CA ALA D 54 -49.85 -10.45 65.32
C ALA D 54 -50.82 -9.52 64.59
N PRO D 55 -51.98 -10.01 64.16
CA PRO D 55 -52.97 -9.15 63.54
C PRO D 55 -53.68 -8.28 64.57
N CYS D 56 -54.33 -7.23 64.06
CA CYS D 56 -55.07 -6.32 64.92
C CYS D 56 -56.56 -6.58 64.78
N TYR D 57 -57.28 -6.46 65.90
CA TYR D 57 -58.70 -6.81 65.95
C TYR D 57 -59.58 -5.62 66.31
N ASP D 58 -59.02 -4.42 66.38
CA ASP D 58 -59.82 -3.24 66.69
C ASP D 58 -60.80 -2.96 65.55
N PRO D 59 -62.01 -2.51 65.86
CA PRO D 59 -62.95 -2.17 64.79
C PRO D 59 -62.57 -0.86 64.11
N CYS D 60 -61.50 -0.91 63.30
CA CYS D 60 -61.03 0.30 62.64
C CYS D 60 -62.09 0.81 61.67
N GLU D 61 -62.28 2.13 61.67
CA GLU D 61 -63.31 2.77 60.84
C GLU D 61 -62.71 3.97 60.15
N ALA D 62 -62.72 3.96 58.82
CA ALA D 62 -62.11 5.02 58.03
C ALA D 62 -63.17 5.98 57.51
N VAL D 63 -62.91 7.28 57.67
CA VAL D 63 -63.82 8.32 57.19
C VAL D 63 -63.00 9.31 56.36
N LEU D 64 -63.38 9.49 55.10
CA LEU D 64 -62.82 10.56 54.30
C LEU D 64 -63.32 11.91 54.78
N VAL D 65 -62.41 12.88 54.90
CA VAL D 65 -62.76 14.21 55.38
C VAL D 65 -62.16 15.23 54.43
N GLU D 66 -62.92 16.29 54.14
CA GLU D 66 -62.46 17.29 53.20
C GLU D 66 -62.95 18.67 53.63
N SER D 67 -62.12 19.67 53.35
CA SER D 67 -62.46 21.08 53.53
C SER D 67 -62.76 21.66 52.15
N ILE D 68 -64.01 22.03 51.92
CA ILE D 68 -64.46 22.62 50.67
C ILE D 68 -64.49 24.14 50.85
N PRO D 69 -63.74 24.90 50.05
CA PRO D 69 -63.70 26.35 50.23
C PRO D 69 -65.07 26.98 50.00
N GLU D 70 -65.32 28.07 50.72
CA GLU D 70 -66.58 28.79 50.57
C GLU D 70 -66.75 29.27 49.13
N GLY D 71 -67.91 28.98 48.53
CA GLY D 71 -68.20 29.33 47.17
C GLY D 71 -68.06 28.18 46.19
N LEU D 72 -67.27 27.17 46.53
CA LEU D 72 -67.10 26.01 45.65
C LEU D 72 -68.36 25.15 45.66
N GLU D 73 -68.92 24.90 44.48
CA GLU D 73 -70.15 24.14 44.34
C GLU D 73 -69.89 22.90 43.50
N PHE D 74 -70.56 21.81 43.85
CA PHE D 74 -70.40 20.53 43.17
C PHE D 74 -71.78 19.92 42.93
N PRO D 75 -71.91 19.06 41.90
CA PRO D 75 -73.20 18.41 41.63
C PRO D 75 -73.55 17.37 42.70
N THR D 79 -72.47 12.36 46.61
CA THR D 79 -72.29 12.08 48.03
C THR D 79 -71.21 12.99 48.62
N SER D 80 -71.57 13.70 49.69
CA SER D 80 -70.67 14.66 50.32
C SER D 80 -70.08 14.05 51.59
N ASN D 81 -68.77 14.20 51.75
CA ASN D 81 -68.08 13.73 52.93
C ASN D 81 -68.13 14.79 54.03
N PRO D 82 -68.02 14.36 55.29
CA PRO D 82 -67.99 15.33 56.40
C PRO D 82 -66.81 16.28 56.29
N SER D 83 -67.00 17.49 56.82
CA SER D 83 -65.98 18.53 56.79
C SER D 83 -64.92 18.29 57.85
N THR D 84 -63.74 18.87 57.62
CA THR D 84 -62.62 18.71 58.56
C THR D 84 -62.95 19.33 59.91
N SER D 85 -63.65 20.47 59.91
CA SER D 85 -63.99 21.11 61.17
C SER D 85 -64.87 20.21 62.05
N GLN D 86 -65.85 19.56 61.43
CA GLN D 86 -66.72 18.66 62.20
C GLN D 86 -65.93 17.51 62.81
N ALA D 87 -65.03 16.90 62.02
CA ALA D 87 -64.23 15.80 62.53
C ALA D 87 -63.33 16.25 63.67
N TRP D 88 -62.68 17.40 63.52
CA TRP D 88 -61.81 17.91 64.58
C TRP D 88 -62.62 18.20 65.85
N LEU D 89 -63.79 18.81 65.71
CA LEU D 89 -64.62 19.11 66.87
C LEU D 89 -65.07 17.84 67.56
N GLY D 90 -65.48 16.83 66.79
CA GLY D 90 -65.87 15.56 67.39
C GLY D 90 -64.72 14.87 68.11
N LEU D 91 -63.53 14.88 67.49
CA LEU D 91 -62.36 14.28 68.12
C LEU D 91 -62.01 14.99 69.42
N LEU D 92 -62.09 16.31 69.43
CA LEU D 92 -61.79 17.06 70.65
C LEU D 92 -62.84 16.83 71.72
N ALA D 93 -64.12 16.70 71.32
CA ALA D 93 -65.19 16.47 72.28
C ALA D 93 -65.09 15.09 72.90
N GLY D 94 -64.71 14.08 72.11
CA GLY D 94 -64.60 12.74 72.63
C GLY D 94 -63.31 12.40 73.33
N ALA D 95 -62.34 13.30 73.34
CA ALA D 95 -61.04 13.02 73.94
C ALA D 95 -61.16 12.91 75.46
N HIS D 96 -60.54 11.88 76.03
CA HIS D 96 -60.59 11.66 77.47
C HIS D 96 -59.25 11.35 78.12
N SER D 97 -58.26 10.88 77.37
CA SER D 97 -56.99 10.47 77.98
C SER D 97 -55.77 11.18 77.41
N SER D 98 -55.67 11.35 76.10
CA SER D 98 -54.48 11.95 75.52
C SER D 98 -54.78 12.46 74.13
N LEU D 99 -53.97 13.43 73.69
CA LEU D 99 -54.00 13.94 72.33
C LEU D 99 -52.61 14.39 71.94
N ASP D 100 -52.16 13.95 70.77
CA ASP D 100 -50.85 14.28 70.23
C ASP D 100 -51.05 14.92 68.86
N ILE D 101 -50.36 16.04 68.61
CA ILE D 101 -50.53 16.79 67.38
C ILE D 101 -49.16 17.05 66.76
N ALA D 102 -49.01 16.70 65.49
CA ALA D 102 -47.85 17.10 64.70
C ALA D 102 -48.33 18.09 63.65
N SER D 103 -47.73 19.28 63.63
CA SER D 103 -48.25 20.37 62.82
C SER D 103 -47.10 21.14 62.18
N PHE D 104 -47.44 21.85 61.10
CA PHE D 104 -46.49 22.69 60.38
C PHE D 104 -46.47 24.11 60.95
N TYR D 105 -47.64 24.77 60.98
CA TYR D 105 -47.75 26.11 61.54
C TYR D 105 -49.10 26.24 62.23
N TRP D 106 -49.26 27.31 63.00
CA TRP D 106 -50.46 27.52 63.81
C TRP D 106 -50.97 28.95 63.64
N THR D 107 -52.02 29.11 62.83
CA THR D 107 -52.75 30.37 62.70
C THR D 107 -54.23 30.01 62.74
N LEU D 108 -54.79 29.91 63.94
CA LEU D 108 -56.16 29.45 64.12
C LEU D 108 -57.16 30.55 64.44
N THR D 109 -56.71 31.75 64.82
CA THR D 109 -57.59 32.82 65.23
C THR D 109 -57.48 33.99 64.26
N ASN D 110 -58.44 34.91 64.37
CA ASN D 110 -58.40 36.11 63.54
C ASN D 110 -57.18 36.97 63.85
N ASN D 111 -56.72 36.95 65.10
CA ASN D 111 -55.54 37.72 65.46
C ASN D 111 -54.27 37.17 64.81
N ASP D 112 -54.19 35.85 64.63
CA ASP D 112 -53.01 35.26 64.00
C ASP D 112 -52.86 35.73 62.57
N THR D 113 -53.96 35.79 61.82
CA THR D 113 -53.93 36.29 60.46
C THR D 113 -54.26 37.77 60.40
N HIS D 114 -54.59 38.36 61.55
CA HIS D 114 -54.91 39.77 61.68
C HIS D 114 -56.01 40.19 60.68
N THR D 115 -57.12 39.47 60.78
CA THR D 115 -58.27 39.63 59.92
C THR D 115 -59.52 39.71 60.80
N GLN D 116 -60.67 39.91 60.16
CA GLN D 116 -61.94 39.91 60.87
C GLN D 116 -62.98 39.11 60.08
N GLU D 117 -62.54 38.01 59.48
CA GLU D 117 -63.42 37.18 58.67
C GLU D 117 -64.29 36.31 59.57
N PRO D 118 -65.62 36.31 59.39
CA PRO D 118 -66.45 35.37 60.15
C PRO D 118 -66.18 33.91 59.86
N SER D 119 -65.66 33.59 58.67
CA SER D 119 -65.38 32.19 58.34
C SER D 119 -64.32 31.57 59.23
N ALA D 120 -63.56 32.39 59.95
CA ALA D 120 -62.58 31.87 60.91
C ALA D 120 -63.24 31.29 62.15
N GLN D 121 -64.53 31.51 62.35
CA GLN D 121 -65.20 31.14 63.59
C GLN D 121 -64.93 29.68 63.95
N GLN D 122 -65.14 28.77 62.99
CA GLN D 122 -64.90 27.35 63.25
C GLN D 122 -63.49 27.13 63.78
N GLY D 123 -62.49 27.67 63.09
CA GLY D 123 -61.12 27.55 63.57
C GLY D 123 -60.97 28.12 64.96
N GLU D 124 -61.53 29.31 65.19
CA GLU D 124 -61.44 29.92 66.51
C GLU D 124 -62.09 29.03 67.57
N GLU D 125 -63.16 28.34 67.20
CA GLU D 125 -63.74 27.36 68.11
C GLU D 125 -62.77 26.23 68.38
N VAL D 126 -62.15 25.70 67.32
CA VAL D 126 -61.27 24.54 67.47
C VAL D 126 -60.17 24.85 68.47
N LEU D 127 -59.51 26.00 68.31
CA LEU D 127 -58.47 26.42 69.24
C LEU D 127 -59.01 26.45 70.66
N GLN D 128 -60.19 27.04 70.85
CA GLN D 128 -60.80 27.08 72.17
C GLN D 128 -60.98 25.68 72.72
N GLN D 129 -61.49 24.76 71.89
CA GLN D 129 -61.67 23.38 72.35
C GLN D 129 -60.33 22.77 72.73
N LEU D 130 -59.27 23.11 71.99
CA LEU D 130 -57.94 22.64 72.38
C LEU D 130 -57.59 23.11 73.78
N GLN D 131 -57.87 24.38 74.08
CA GLN D 131 -57.61 24.91 75.41
C GLN D 131 -58.44 24.20 76.47
N ALA D 132 -59.51 23.52 76.07
CA ALA D 132 -60.33 22.77 77.02
C ALA D 132 -59.76 21.40 77.33
N LEU D 133 -58.81 20.91 76.53
CA LEU D 133 -58.37 19.52 76.70
C LEU D 133 -57.56 19.35 77.97
N ALA D 134 -56.54 20.17 78.18
CA ALA D 134 -55.63 19.98 79.30
C ALA D 134 -56.28 20.13 80.67
N PRO D 135 -57.08 21.16 80.96
CA PRO D 135 -57.57 21.33 82.35
C PRO D 135 -58.46 20.20 82.84
N ARG D 136 -59.07 19.41 81.96
CA ARG D 136 -59.95 18.35 82.38
C ARG D 136 -59.25 17.00 82.50
N GLY D 137 -57.92 16.98 82.37
CA GLY D 137 -57.12 15.80 82.62
C GLY D 137 -56.42 15.23 81.40
N VAL D 138 -56.78 15.67 80.20
CA VAL D 138 -56.16 15.14 78.99
C VAL D 138 -54.75 15.72 78.84
N LYS D 139 -53.77 14.83 78.68
CA LYS D 139 -52.38 15.24 78.52
C LYS D 139 -52.13 15.56 77.04
N VAL D 140 -51.85 16.81 76.73
CA VAL D 140 -51.71 17.28 75.36
C VAL D 140 -50.24 17.46 75.02
N ARG D 141 -49.81 16.83 73.92
CA ARG D 141 -48.46 17.01 73.39
C ARG D 141 -48.56 17.40 71.93
N ILE D 142 -47.95 18.53 71.56
CA ILE D 142 -48.01 19.05 70.21
C ILE D 142 -46.60 19.39 69.76
N ALA D 143 -46.20 18.88 68.60
CA ALA D 143 -44.89 19.18 68.01
C ALA D 143 -45.08 20.00 66.74
N VAL D 144 -44.39 21.13 66.66
CA VAL D 144 -44.52 22.06 65.54
C VAL D 144 -43.13 22.44 65.04
N SER D 145 -43.07 22.82 63.76
CA SER D 145 -41.84 23.34 63.18
C SER D 145 -41.47 24.66 63.84
N LYS D 146 -40.16 24.88 63.98
CA LYS D 146 -39.66 26.08 64.64
C LYS D 146 -40.04 27.32 63.84
N PRO D 147 -40.78 28.27 64.41
CA PRO D 147 -41.25 29.43 63.65
C PRO D 147 -40.30 30.62 63.76
N ASN D 148 -40.64 31.66 62.98
CA ASN D 148 -39.88 32.90 63.01
C ASN D 148 -40.21 33.74 64.24
N GLY D 149 -41.47 33.73 64.69
CA GLY D 149 -41.88 34.52 65.82
C GLY D 149 -42.78 33.76 66.78
N PRO D 150 -43.01 34.33 67.95
CA PRO D 150 -43.88 33.66 68.94
C PRO D 150 -45.28 33.41 68.40
N LEU D 151 -45.85 32.29 68.84
CA LEU D 151 -47.16 31.83 68.39
C LEU D 151 -48.16 32.08 69.52
N ALA D 152 -49.22 32.82 69.21
CA ALA D 152 -50.24 33.12 70.22
C ALA D 152 -50.99 31.86 70.62
N ASP D 153 -51.34 31.02 69.64
CA ASP D 153 -52.05 29.78 69.94
C ASP D 153 -51.22 28.86 70.83
N LEU D 154 -49.93 28.73 70.52
CA LEU D 154 -49.08 27.84 71.30
C LEU D 154 -48.89 28.34 72.72
N GLN D 155 -48.70 29.65 72.89
CA GLN D 155 -48.57 30.21 74.23
C GLN D 155 -49.86 30.02 75.03
N SER D 156 -51.00 30.28 74.39
CA SER D 156 -52.28 30.13 75.09
C SER D 156 -52.54 28.67 75.45
N LEU D 157 -52.19 27.73 74.56
CA LEU D 157 -52.32 26.32 74.88
C LEU D 157 -51.38 25.92 76.02
N LEU D 158 -50.17 26.50 76.03
CA LEU D 158 -49.24 26.24 77.12
C LEU D 158 -49.79 26.73 78.45
N GLN D 159 -50.51 27.86 78.42
CA GLN D 159 -51.13 28.36 79.64
C GLN D 159 -52.42 27.64 79.97
N SER D 160 -52.97 26.86 79.05
CA SER D 160 -54.07 25.96 79.37
C SER D 160 -53.61 24.62 79.95
N GLY D 161 -52.31 24.33 79.93
CA GLY D 161 -51.79 23.09 80.46
C GLY D 161 -51.20 22.12 79.45
N ALA D 162 -51.00 22.55 78.21
CA ALA D 162 -50.49 21.67 77.16
C ALA D 162 -48.96 21.69 77.11
N GLN D 163 -48.40 20.72 76.39
CA GLN D 163 -46.97 20.58 76.22
C GLN D 163 -46.61 20.96 74.79
N VAL D 164 -45.70 21.92 74.64
CA VAL D 164 -45.32 22.44 73.32
C VAL D 164 -43.81 22.35 73.18
N ARG D 165 -43.36 21.72 72.10
CA ARG D 165 -41.94 21.65 71.75
C ARG D 165 -41.77 22.03 70.28
N MET D 166 -40.73 22.78 69.99
CA MET D 166 -40.41 23.19 68.63
C MET D 166 -39.26 22.33 68.10
N VAL D 167 -39.48 21.72 66.94
CA VAL D 167 -38.48 20.87 66.30
C VAL D 167 -37.78 21.69 65.23
N ASP D 168 -36.46 21.84 65.38
CA ASP D 168 -35.65 22.62 64.44
C ASP D 168 -35.13 21.68 63.37
N MET D 169 -36.02 21.31 62.45
CA MET D 169 -35.66 20.40 61.37
C MET D 169 -34.65 21.02 60.43
N GLN D 170 -34.58 22.35 60.34
CA GLN D 170 -33.59 22.98 59.48
C GLN D 170 -32.18 22.67 59.93
N LYS D 171 -31.93 22.75 61.25
CA LYS D 171 -30.62 22.39 61.78
C LYS D 171 -30.35 20.90 61.62
N LEU D 172 -31.37 20.06 61.81
CA LEU D 172 -31.18 18.62 61.87
C LEU D 172 -31.01 18.00 60.48
N THR D 173 -32.04 18.10 59.63
CA THR D 173 -32.06 17.43 58.34
C THR D 173 -32.31 18.40 57.19
N HIS D 174 -32.09 19.70 57.40
CA HIS D 174 -32.28 20.71 56.35
C HIS D 174 -33.72 20.73 55.86
N GLY D 175 -34.67 20.67 56.79
CA GLY D 175 -36.07 20.67 56.42
C GLY D 175 -36.97 21.33 57.44
N VAL D 176 -38.27 21.02 57.37
CA VAL D 176 -39.27 21.53 58.30
C VAL D 176 -40.16 20.39 58.74
N LEU D 177 -40.86 20.60 59.85
CA LEU D 177 -41.84 19.64 60.35
C LEU D 177 -43.15 19.92 59.62
N HIS D 178 -43.27 19.33 58.43
CA HIS D 178 -44.43 19.55 57.57
C HIS D 178 -45.59 18.62 57.89
N THR D 179 -45.40 17.65 58.77
CA THR D 179 -46.46 16.67 59.05
C THR D 179 -47.60 17.33 59.81
N LYS D 180 -48.82 16.89 59.50
CA LYS D 180 -50.03 17.37 60.19
C LYS D 180 -50.89 16.15 60.48
N PHE D 181 -50.85 15.67 61.72
CA PHE D 181 -51.71 14.57 62.11
C PHE D 181 -52.05 14.68 63.60
N TRP D 182 -53.13 14.00 63.98
CA TRP D 182 -53.65 13.93 65.33
C TRP D 182 -53.72 12.48 65.78
N VAL D 183 -53.35 12.21 67.02
CA VAL D 183 -53.53 10.91 67.67
C VAL D 183 -54.34 11.14 68.93
N VAL D 184 -55.47 10.45 69.06
CA VAL D 184 -56.43 10.68 70.13
C VAL D 184 -56.55 9.42 70.99
N ASP D 185 -56.18 9.55 72.27
CA ASP D 185 -56.45 8.52 73.29
C ASP D 185 -55.92 7.15 72.91
N GLN D 186 -54.85 7.10 72.12
CA GLN D 186 -54.27 5.86 71.61
C GLN D 186 -55.29 5.03 70.83
N THR D 187 -56.40 5.64 70.40
CA THR D 187 -57.45 4.93 69.69
C THR D 187 -57.73 5.50 68.31
N HIS D 188 -57.93 6.81 68.20
CA HIS D 188 -58.25 7.47 66.95
C HIS D 188 -57.04 8.21 66.39
N PHE D 189 -57.10 8.52 65.10
CA PHE D 189 -56.08 9.40 64.53
C PHE D 189 -56.58 10.04 63.25
N TYR D 190 -56.23 11.31 63.07
CA TYR D 190 -56.47 12.04 61.83
C TYR D 190 -55.14 12.18 61.10
N LEU D 191 -55.17 11.95 59.79
CA LEU D 191 -53.99 12.10 58.94
C LEU D 191 -54.42 12.76 57.65
N GLY D 192 -53.91 13.96 57.38
CA GLY D 192 -54.31 14.67 56.20
C GLY D 192 -53.43 15.86 55.92
N SER D 193 -53.94 16.76 55.10
CA SER D 193 -53.20 17.95 54.67
C SER D 193 -53.65 19.21 55.39
N ALA D 194 -54.64 19.13 56.29
CA ALA D 194 -55.19 20.30 56.94
C ALA D 194 -54.23 20.76 58.03
N ASN D 195 -53.66 21.95 57.87
CA ASN D 195 -52.83 22.55 58.90
C ASN D 195 -53.71 23.06 60.04
N MET D 196 -53.05 23.48 61.12
CA MET D 196 -53.75 24.12 62.23
C MET D 196 -54.03 25.58 61.86
N ASP D 197 -54.92 25.73 60.88
CA ASP D 197 -55.25 27.01 60.28
C ASP D 197 -56.75 27.10 60.11
N TRP D 198 -57.31 28.29 60.43
CA TRP D 198 -58.74 28.49 60.18
C TRP D 198 -59.05 28.54 58.70
N ARG D 199 -58.12 29.04 57.89
CA ARG D 199 -58.31 29.01 56.44
C ARG D 199 -58.36 27.59 55.91
N SER D 200 -57.72 26.65 56.61
CA SER D 200 -57.75 25.25 56.22
C SER D 200 -59.11 24.61 56.46
N LEU D 201 -60.02 25.29 57.16
CA LEU D 201 -61.33 24.72 57.44
C LEU D 201 -62.44 25.29 56.56
N THR D 202 -62.31 26.54 56.11
CA THR D 202 -63.37 27.19 55.34
C THR D 202 -62.88 27.88 54.07
N GLN D 203 -61.60 28.20 53.95
CA GLN D 203 -61.11 28.99 52.82
C GLN D 203 -60.10 28.24 51.95
N VAL D 204 -59.73 27.01 52.31
CA VAL D 204 -58.76 26.23 51.54
C VAL D 204 -59.28 24.80 51.44
N LYS D 205 -59.23 24.24 50.22
CA LYS D 205 -59.64 22.86 50.03
C LYS D 205 -58.60 21.92 50.61
N GLU D 206 -59.04 20.98 51.44
CA GLU D 206 -58.15 20.04 52.11
C GLU D 206 -58.73 18.63 52.04
N LEU D 207 -57.86 17.63 52.08
CA LEU D 207 -58.26 16.23 52.11
C LEU D 207 -57.50 15.48 53.18
N GLY D 208 -58.20 14.59 53.89
CA GLY D 208 -57.58 13.75 54.90
C GLY D 208 -58.46 12.58 55.24
N VAL D 209 -57.96 11.74 56.15
CA VAL D 209 -58.67 10.57 56.62
C VAL D 209 -58.67 10.56 58.15
N VAL D 210 -59.83 10.22 58.73
CA VAL D 210 -59.94 10.02 60.17
C VAL D 210 -60.22 8.54 60.42
N MET D 211 -59.36 7.91 61.19
CA MET D 211 -59.53 6.52 61.59
C MET D 211 -60.00 6.49 63.05
N TYR D 212 -61.20 5.96 63.25
CA TYR D 212 -61.80 5.78 64.57
C TYR D 212 -61.63 4.35 65.04
N ASN D 213 -61.45 4.19 66.35
CA ASN D 213 -61.52 2.88 67.01
C ASN D 213 -60.50 1.90 66.43
N CYS D 214 -59.28 2.40 66.16
CA CYS D 214 -58.17 1.59 65.63
C CYS D 214 -56.94 1.87 66.49
N SER D 215 -56.87 1.20 67.64
CA SER D 215 -55.80 1.47 68.60
C SER D 215 -54.43 1.13 68.03
N CYS D 216 -54.34 0.05 67.24
CA CYS D 216 -53.04 -0.39 66.73
C CYS D 216 -52.40 0.66 65.83
N LEU D 217 -53.16 1.18 64.87
CA LEU D 217 -52.64 2.24 64.01
C LEU D 217 -52.32 3.49 64.79
N ALA D 218 -53.09 3.79 65.84
CA ALA D 218 -52.80 4.94 66.67
C ALA D 218 -51.46 4.80 67.37
N ARG D 219 -51.15 3.62 67.91
CA ARG D 219 -49.84 3.40 68.53
C ARG D 219 -48.72 3.45 67.50
N ASP D 220 -48.96 2.89 66.31
CA ASP D 220 -47.96 2.95 65.25
C ASP D 220 -47.63 4.40 64.89
N LEU D 221 -48.65 5.25 64.79
CA LEU D 221 -48.42 6.67 64.55
C LEU D 221 -47.79 7.35 65.75
N THR D 222 -48.14 6.91 66.96
CA THR D 222 -47.53 7.48 68.16
C THR D 222 -46.04 7.22 68.20
N LYS D 223 -45.57 6.15 67.54
CA LYS D 223 -44.13 5.94 67.44
C LYS D 223 -43.45 7.09 66.70
N ILE D 224 -43.99 7.47 65.53
CA ILE D 224 -43.43 8.58 64.77
C ILE D 224 -43.58 9.88 65.55
N PHE D 225 -44.73 10.08 66.19
CA PHE D 225 -44.90 11.29 66.98
C PHE D 225 -43.91 11.34 68.14
N GLU D 226 -43.61 10.19 68.74
CA GLU D 226 -42.63 10.15 69.82
C GLU D 226 -41.24 10.49 69.30
N ALA D 227 -40.93 10.06 68.07
CA ALA D 227 -39.70 10.51 67.44
C ALA D 227 -39.68 12.04 67.34
N TYR D 228 -40.79 12.63 66.91
CA TYR D 228 -40.87 14.09 66.85
C TYR D 228 -40.69 14.72 68.23
N TRP D 229 -41.33 14.16 69.25
CA TRP D 229 -41.27 14.71 70.60
C TRP D 229 -39.85 14.64 71.15
N PHE D 230 -39.15 13.53 70.90
CA PHE D 230 -37.75 13.44 71.28
C PHE D 230 -36.93 14.49 70.54
N LEU D 231 -37.22 14.70 69.26
CA LEU D 231 -36.54 15.74 68.51
C LEU D 231 -36.89 17.14 69.01
N GLY D 232 -37.95 17.28 69.79
CA GLY D 232 -38.32 18.58 70.34
C GLY D 232 -37.48 19.05 71.49
N GLN D 233 -36.62 18.20 72.04
CA GLN D 233 -35.73 18.62 73.12
C GLN D 233 -34.63 19.53 72.57
N ALA D 234 -34.08 20.37 73.46
CA ALA D 234 -33.10 21.36 73.03
C ALA D 234 -31.84 20.71 72.49
N GLY D 235 -31.13 19.96 73.34
CA GLY D 235 -29.88 19.35 72.94
C GLY D 235 -30.02 17.92 72.44
N SER D 236 -30.93 17.69 71.50
CA SER D 236 -31.21 16.37 70.97
C SER D 236 -30.91 16.33 69.48
N SER D 237 -30.38 15.20 69.03
CA SER D 237 -30.05 14.99 67.63
C SER D 237 -30.40 13.57 67.24
N ILE D 238 -30.41 13.31 65.93
CA ILE D 238 -30.76 11.99 65.40
C ILE D 238 -29.71 10.98 65.82
N PRO D 239 -30.09 9.89 66.48
CA PRO D 239 -29.11 8.85 66.81
C PRO D 239 -28.74 8.04 65.58
N SER D 240 -27.56 7.42 65.65
CA SER D 240 -27.14 6.53 64.57
C SER D 240 -28.12 5.38 64.39
N THR D 241 -28.56 4.78 65.49
CA THR D 241 -29.63 3.80 65.48
C THR D 241 -30.72 4.25 66.45
N TRP D 242 -31.96 4.20 66.00
CA TRP D 242 -33.07 4.58 66.86
C TRP D 242 -33.29 3.52 67.95
N PRO D 243 -33.83 3.91 69.10
CA PRO D 243 -34.17 2.91 70.12
C PRO D 243 -35.21 1.93 69.58
N ARG D 244 -35.09 0.68 70.03
CA ARG D 244 -35.99 -0.37 69.54
C ARG D 244 -37.44 -0.10 69.88
N SER D 245 -37.71 0.74 70.89
CA SER D 245 -39.08 1.12 71.21
C SER D 245 -39.72 1.93 70.09
N PHE D 246 -38.91 2.50 69.19
CA PHE D 246 -39.43 3.26 68.06
C PHE D 246 -39.65 2.41 66.83
N ASP D 247 -39.08 1.21 66.79
CA ASP D 247 -39.20 0.35 65.62
C ASP D 247 -40.63 -0.19 65.50
N THR D 248 -40.98 -0.57 64.28
CA THR D 248 -42.31 -1.08 63.97
C THR D 248 -42.19 -2.36 63.16
N ARG D 249 -43.09 -3.31 63.43
CA ARG D 249 -43.13 -4.55 62.68
C ARG D 249 -44.07 -4.49 61.49
N TYR D 250 -44.72 -3.36 61.27
CA TYR D 250 -45.68 -3.18 60.19
C TYR D 250 -45.12 -2.18 59.20
N ASN D 251 -45.01 -2.58 57.94
CA ASN D 251 -44.38 -1.76 56.93
C ASN D 251 -44.88 -2.20 55.56
N GLN D 252 -44.21 -1.73 54.51
CA GLN D 252 -44.61 -2.07 53.15
C GLN D 252 -44.51 -3.56 52.89
N GLU D 253 -43.43 -4.19 53.34
CA GLU D 253 -43.25 -5.62 53.13
C GLU D 253 -44.27 -6.43 53.91
N THR D 254 -44.56 -6.04 55.15
CA THR D 254 -45.51 -6.74 56.00
C THR D 254 -46.57 -5.76 56.50
N PRO D 255 -47.58 -5.48 55.70
CA PRO D 255 -48.64 -4.57 56.14
C PRO D 255 -49.54 -5.21 57.17
N MET D 256 -50.21 -4.34 57.93
CA MET D 256 -51.11 -4.77 59.00
C MET D 256 -52.40 -5.37 58.46
N GLU D 257 -52.75 -6.53 59.00
CA GLU D 257 -54.06 -7.15 58.79
C GLU D 257 -54.99 -6.55 59.83
N ILE D 258 -55.80 -5.58 59.41
CA ILE D 258 -56.75 -4.91 60.28
C ILE D 258 -58.16 -5.24 59.78
N CYS D 259 -59.14 -4.88 60.59
CA CYS D 259 -60.54 -4.98 60.21
C CYS D 259 -61.07 -3.57 59.98
N LEU D 260 -61.28 -3.22 58.72
CA LEU D 260 -61.69 -1.88 58.32
C LEU D 260 -63.14 -1.95 57.85
N ASN D 261 -64.04 -1.32 58.61
CA ASN D 261 -65.48 -1.31 58.32
C ASN D 261 -66.02 -2.73 58.16
N GLY D 262 -65.58 -3.62 59.04
CA GLY D 262 -66.00 -5.01 59.00
C GLY D 262 -65.52 -5.78 57.79
N THR D 263 -64.30 -5.51 57.33
CA THR D 263 -63.70 -6.19 56.19
C THR D 263 -62.19 -6.20 56.39
N PRO D 264 -61.53 -7.34 56.15
CA PRO D 264 -60.07 -7.39 56.29
C PRO D 264 -59.39 -6.41 55.33
N ALA D 265 -58.29 -5.83 55.81
CA ALA D 265 -57.54 -4.85 55.03
C ALA D 265 -56.08 -4.89 55.47
N LEU D 266 -55.21 -4.38 54.58
CA LEU D 266 -53.79 -4.25 54.87
C LEU D 266 -53.46 -2.77 54.93
N ALA D 267 -53.01 -2.30 56.09
CA ALA D 267 -52.73 -0.89 56.31
C ALA D 267 -51.38 -0.71 56.95
N TYR D 268 -50.69 0.38 56.56
CA TYR D 268 -49.44 0.73 57.22
C TYR D 268 -49.15 2.22 57.04
N LEU D 269 -48.16 2.69 57.81
CA LEU D 269 -47.78 4.09 57.88
C LEU D 269 -46.34 4.24 57.44
N ALA D 270 -46.10 5.17 56.51
CA ALA D 270 -44.75 5.51 56.06
C ALA D 270 -44.35 6.87 56.59
N SER D 271 -43.05 7.06 56.80
CA SER D 271 -42.52 8.28 57.39
C SER D 271 -41.31 8.77 56.62
N ALA D 272 -41.08 10.08 56.68
CA ALA D 272 -39.96 10.76 56.07
C ALA D 272 -39.49 11.84 57.03
N PRO D 273 -38.20 12.24 56.96
CA PRO D 273 -37.15 11.78 56.06
C PRO D 273 -36.57 10.41 56.44
N PRO D 274 -35.80 9.81 55.53
CA PRO D 274 -35.18 8.51 55.82
C PRO D 274 -34.35 8.53 57.09
N PRO D 275 -33.62 9.62 57.40
CA PRO D 275 -32.95 9.66 58.72
C PRO D 275 -33.92 9.56 59.88
N LEU D 276 -35.19 9.93 59.68
CA LEU D 276 -36.22 9.80 60.70
C LEU D 276 -37.01 8.51 60.52
N CYS D 277 -36.31 7.39 60.32
CA CYS D 277 -36.96 6.11 60.05
C CYS D 277 -36.32 5.03 60.93
N PRO D 278 -37.07 4.43 61.85
CA PRO D 278 -36.56 3.25 62.56
C PRO D 278 -36.35 2.08 61.60
N SER D 279 -35.84 0.96 62.11
CA SER D 279 -35.46 -0.15 61.24
C SER D 279 -36.65 -0.68 60.46
N GLY D 280 -37.81 -0.80 61.11
CA GLY D 280 -38.99 -1.36 60.50
C GLY D 280 -39.89 -0.38 59.78
N ARG D 281 -39.48 0.87 59.61
CA ARG D 281 -40.33 1.89 59.00
C ARG D 281 -40.04 2.01 57.51
N THR D 282 -41.10 1.92 56.70
CA THR D 282 -40.98 2.07 55.26
C THR D 282 -40.84 3.54 54.89
N PRO D 283 -39.84 3.90 54.08
CA PRO D 283 -39.73 5.30 53.64
C PRO D 283 -40.93 5.71 52.81
N ASP D 284 -41.29 7.00 52.90
CA ASP D 284 -42.45 7.51 52.17
C ASP D 284 -42.25 7.39 50.67
N LEU D 285 -41.04 7.69 50.18
CA LEU D 285 -40.76 7.60 48.75
C LEU D 285 -40.90 6.16 48.28
N LYS D 286 -40.42 5.20 49.06
CA LYS D 286 -40.54 3.80 48.68
C LYS D 286 -42.00 3.38 48.60
N ALA D 287 -42.82 3.80 49.56
CA ALA D 287 -44.24 3.46 49.54
C ALA D 287 -44.92 4.06 48.31
N LEU D 288 -44.64 5.33 48.03
CA LEU D 288 -45.22 5.98 46.86
C LEU D 288 -44.82 5.28 45.59
N LEU D 289 -43.54 4.95 45.46
CA LEU D 289 -43.05 4.32 44.24
C LEU D 289 -43.60 2.92 44.08
N ASN D 290 -43.82 2.20 45.19
CA ASN D 290 -44.48 0.91 45.09
C ASN D 290 -45.93 1.05 44.62
N VAL D 291 -46.67 2.01 45.17
CA VAL D 291 -48.05 2.20 44.75
C VAL D 291 -48.11 2.56 43.27
N VAL D 292 -47.19 3.41 42.82
CA VAL D 292 -47.13 3.75 41.40
C VAL D 292 -46.78 2.53 40.57
N ASP D 293 -45.78 1.76 41.02
CA ASP D 293 -45.28 0.61 40.26
C ASP D 293 -46.22 -0.58 40.32
N SER D 294 -46.96 -0.73 41.42
CA SER D 294 -47.89 -1.84 41.56
C SER D 294 -49.21 -1.59 40.84
N ALA D 295 -49.42 -0.39 40.32
CA ALA D 295 -50.67 -0.09 39.64
C ALA D 295 -50.77 -0.85 38.33
N ARG D 296 -51.95 -1.41 38.07
CA ARG D 296 -52.21 -2.17 36.86
C ARG D 296 -53.23 -1.51 35.95
N SER D 297 -54.09 -0.65 36.49
CA SER D 297 -55.14 0.01 35.73
C SER D 297 -54.97 1.52 35.65
N PHE D 298 -54.86 2.21 36.78
CA PHE D 298 -54.83 3.67 36.77
C PHE D 298 -54.07 4.20 37.97
N ILE D 299 -53.68 5.47 37.87
CA ILE D 299 -53.07 6.22 38.95
C ILE D 299 -53.75 7.58 39.04
N TYR D 300 -54.33 7.89 40.20
CA TYR D 300 -54.93 9.18 40.50
C TYR D 300 -53.98 9.91 41.42
N ILE D 301 -53.50 11.09 41.01
CA ILE D 301 -52.63 11.91 41.84
C ILE D 301 -53.25 13.29 41.97
N ALA D 302 -53.44 13.74 43.20
CA ALA D 302 -53.89 15.10 43.48
C ALA D 302 -52.98 15.68 44.55
N VAL D 303 -52.10 16.60 44.15
CA VAL D 303 -51.16 17.24 45.06
C VAL D 303 -51.08 18.72 44.70
N MET D 304 -50.84 19.56 45.70
CA MET D 304 -50.72 20.99 45.44
C MET D 304 -49.51 21.31 44.57
N ASN D 305 -48.38 20.66 44.83
CA ASN D 305 -47.14 20.94 44.12
C ASN D 305 -46.50 19.64 43.66
N TYR D 306 -46.20 19.56 42.36
CA TYR D 306 -45.47 18.45 41.78
C TYR D 306 -44.26 19.01 41.03
N LEU D 307 -43.07 18.59 41.45
CA LEU D 307 -41.85 19.12 40.86
C LEU D 307 -40.74 18.07 40.95
N PRO D 308 -40.28 17.54 39.82
CA PRO D 308 -39.30 16.44 39.90
C PRO D 308 -37.87 16.92 40.08
N THR D 309 -37.67 17.90 40.96
CA THR D 309 -36.33 18.33 41.35
C THR D 309 -36.35 18.74 42.82
N MET D 310 -35.16 19.00 43.37
CA MET D 310 -35.08 19.49 44.77
C MET D 310 -34.89 21.01 44.73
N GLU D 311 -35.90 21.77 45.16
CA GLU D 311 -35.83 23.25 45.04
C GLU D 311 -34.49 23.77 45.55
N PHE D 312 -34.10 23.42 46.79
CA PHE D 312 -32.82 23.89 47.37
C PHE D 312 -32.73 25.42 47.32
N SER D 313 -31.52 25.95 47.16
CA SER D 313 -31.31 27.42 47.08
C SER D 313 -29.96 27.70 46.43
N HIS D 314 -29.85 27.61 45.10
CA HIS D 314 -28.60 27.87 44.30
C HIS D 314 -28.01 26.56 43.75
N PRO D 315 -27.74 25.48 44.52
CA PRO D 315 -27.11 24.27 43.97
C PRO D 315 -27.88 23.65 42.80
N ARG D 316 -29.18 23.39 42.95
CA ARG D 316 -30.03 22.81 41.87
C ARG D 316 -29.72 21.33 41.68
N ARG D 317 -30.73 20.46 41.84
CA ARG D 317 -30.53 18.98 41.67
C ARG D 317 -31.73 18.40 40.93
N PHE D 318 -31.51 17.35 40.12
CA PHE D 318 -32.61 16.70 39.42
C PHE D 318 -33.10 15.51 40.23
N TRP D 319 -34.41 15.28 40.21
CA TRP D 319 -35.04 14.27 41.05
C TRP D 319 -36.15 13.60 40.26
N PRO D 320 -35.80 12.66 39.39
CA PRO D 320 -36.80 12.08 38.49
C PRO D 320 -37.50 10.84 39.04
N ALA D 321 -37.39 10.59 40.34
CA ALA D 321 -37.89 9.35 40.92
C ALA D 321 -39.38 9.16 40.60
N ILE D 322 -40.22 10.07 41.07
CA ILE D 322 -41.65 9.98 40.78
C ILE D 322 -41.89 10.11 39.28
N ASP D 323 -41.14 10.97 38.62
CA ASP D 323 -41.29 11.16 37.18
C ASP D 323 -40.96 9.88 36.43
N ASP D 324 -39.85 9.23 36.80
CA ASP D 324 -39.50 7.97 36.15
C ASP D 324 -40.52 6.89 36.44
N GLY D 325 -41.04 6.83 37.67
CA GLY D 325 -42.08 5.87 37.98
C GLY D 325 -43.34 6.08 37.16
N LEU D 326 -43.76 7.34 37.00
CA LEU D 326 -44.95 7.63 36.21
C LEU D 326 -44.73 7.28 34.74
N ARG D 327 -43.56 7.62 34.20
CA ARG D 327 -43.27 7.28 32.80
C ARG D 327 -43.23 5.77 32.59
N ARG D 328 -42.62 5.05 33.53
CA ARG D 328 -42.58 3.59 33.44
C ARG D 328 -43.98 3.00 33.52
N ALA D 329 -44.82 3.52 34.41
CA ALA D 329 -46.20 3.04 34.49
C ALA D 329 -46.95 3.32 33.18
N ALA D 330 -46.75 4.49 32.59
CA ALA D 330 -47.46 4.83 31.37
C ALA D 330 -47.01 3.96 30.20
N TYR D 331 -45.71 3.70 30.09
CA TYR D 331 -45.20 2.98 28.92
C TYR D 331 -45.28 1.47 29.08
N GLU D 332 -44.77 0.93 30.19
CA GLU D 332 -44.63 -0.52 30.33
C GLU D 332 -45.99 -1.20 30.49
N ARG D 333 -46.78 -0.76 31.47
CA ARG D 333 -48.03 -1.42 31.79
C ARG D 333 -49.25 -0.69 31.26
N GLY D 334 -49.06 0.37 30.48
CA GLY D 334 -50.19 1.08 29.91
C GLY D 334 -51.12 1.67 30.95
N VAL D 335 -50.57 2.14 32.07
CA VAL D 335 -51.40 2.66 33.16
C VAL D 335 -51.86 4.06 32.79
N LYS D 336 -53.17 4.29 32.90
CA LYS D 336 -53.75 5.59 32.61
C LYS D 336 -53.42 6.52 33.77
N VAL D 337 -52.67 7.58 33.48
CA VAL D 337 -52.12 8.48 34.49
C VAL D 337 -52.72 9.87 34.34
N ARG D 338 -53.34 10.36 35.40
CA ARG D 338 -53.83 11.73 35.50
C ARG D 338 -53.03 12.48 36.54
N LEU D 339 -52.63 13.69 36.20
CA LEU D 339 -51.90 14.52 37.13
C LEU D 339 -52.75 15.77 37.36
N LEU D 340 -53.21 15.98 38.58
CA LEU D 340 -54.07 17.10 38.93
C LEU D 340 -53.26 17.95 39.90
N ILE D 341 -52.81 19.11 39.44
CA ILE D 341 -51.93 19.98 40.20
C ILE D 341 -52.67 21.26 40.50
N SER D 342 -52.66 21.67 41.76
CA SER D 342 -53.27 22.93 42.15
C SER D 342 -52.40 24.10 41.69
N CYS D 343 -53.05 25.17 41.26
CA CYS D 343 -52.36 26.37 40.83
C CYS D 343 -53.03 27.58 41.42
N TRP D 344 -52.23 28.48 41.99
CA TRP D 344 -52.70 29.77 42.47
C TRP D 344 -51.61 30.79 42.16
N GLY D 345 -51.73 31.98 42.76
CA GLY D 345 -50.75 33.01 42.53
C GLY D 345 -49.42 32.79 43.22
N HIS D 346 -49.25 31.67 43.91
CA HIS D 346 -48.01 31.37 44.61
C HIS D 346 -47.40 30.05 44.15
N SER D 347 -47.88 29.48 43.04
CA SER D 347 -47.33 28.24 42.54
C SER D 347 -46.02 28.52 41.81
N ASP D 348 -45.09 27.59 41.91
CA ASP D 348 -43.82 27.74 41.23
C ASP D 348 -44.05 27.73 39.73
N PRO D 349 -43.72 28.81 39.00
CA PRO D 349 -43.92 28.79 37.55
C PRO D 349 -43.12 27.70 36.85
N SER D 350 -41.94 27.37 37.38
CA SER D 350 -41.12 26.29 36.84
C SER D 350 -41.86 24.96 36.82
N MET D 351 -43.01 24.88 37.47
CA MET D 351 -43.83 23.66 37.43
C MET D 351 -44.36 23.39 36.03
N ARG D 352 -44.54 24.43 35.22
CA ARG D 352 -45.22 24.27 33.94
C ARG D 352 -44.48 23.31 33.01
N SER D 353 -43.20 23.59 32.75
CA SER D 353 -42.45 22.84 31.75
C SER D 353 -42.45 21.35 32.07
N PHE D 354 -42.08 21.00 33.31
CA PHE D 354 -42.09 19.59 33.71
C PHE D 354 -43.45 18.96 33.49
N LEU D 355 -44.53 19.68 33.84
CA LEU D 355 -45.86 19.15 33.59
C LEU D 355 -46.09 18.93 32.11
N LEU D 356 -45.68 19.90 31.28
CA LEU D 356 -45.75 19.70 29.84
C LEU D 356 -44.90 18.52 29.43
N SER D 357 -43.73 18.36 30.08
CA SER D 357 -42.86 17.23 29.78
C SER D 357 -43.57 15.91 30.03
N LEU D 358 -44.64 15.89 30.84
CA LEU D 358 -45.47 14.72 31.00
C LEU D 358 -46.61 14.67 30.00
N ALA D 359 -47.23 15.83 29.72
CA ALA D 359 -48.40 15.85 28.83
C ALA D 359 -48.04 15.40 27.42
N ALA D 360 -46.77 15.52 27.03
CA ALA D 360 -46.34 15.08 25.72
C ALA D 360 -46.30 13.56 25.58
N LEU D 361 -46.42 12.81 26.67
CA LEU D 361 -46.39 11.36 26.57
C LEU D 361 -47.70 10.75 26.09
N HIS D 362 -48.75 11.55 25.94
CA HIS D 362 -50.02 11.07 25.41
C HIS D 362 -49.86 10.87 23.90
N ASP D 363 -49.75 9.60 23.49
CA ASP D 363 -49.47 9.27 22.10
C ASP D 363 -50.07 7.91 21.77
N ASN D 364 -50.66 7.81 20.58
CA ASN D 364 -51.31 6.56 20.18
C ASN D 364 -50.30 5.48 19.81
N HIS D 365 -49.12 5.86 19.32
CA HIS D 365 -48.11 4.86 18.95
C HIS D 365 -47.51 4.20 20.19
N THR D 366 -47.19 4.98 21.21
CA THR D 366 -46.66 4.44 22.45
C THR D 366 -47.74 3.82 23.33
N HIS D 367 -49.01 4.10 23.06
CA HIS D 367 -50.16 3.67 23.85
C HIS D 367 -50.16 4.24 25.27
N SER D 368 -49.20 5.12 25.58
CA SER D 368 -49.17 5.78 26.88
C SER D 368 -50.25 6.85 26.95
N ASP D 369 -50.84 7.00 28.13
CA ASP D 369 -51.93 7.95 28.37
C ASP D 369 -51.60 8.76 29.62
N ILE D 370 -50.95 9.91 29.43
CA ILE D 370 -50.65 10.83 30.52
C ILE D 370 -51.37 12.13 30.25
N GLN D 371 -52.18 12.57 31.21
CA GLN D 371 -52.92 13.81 31.11
C GLN D 371 -52.68 14.63 32.37
N VAL D 372 -52.51 15.95 32.19
CA VAL D 372 -52.25 16.86 33.30
C VAL D 372 -53.29 17.97 33.25
N LYS D 373 -53.93 18.21 34.39
CA LYS D 373 -54.91 19.28 34.53
C LYS D 373 -54.55 20.14 35.73
N LEU D 374 -54.97 21.40 35.68
CA LEU D 374 -54.72 22.35 36.75
C LEU D 374 -56.03 22.66 37.45
N PHE D 375 -56.05 22.48 38.78
CA PHE D 375 -57.22 22.77 39.60
C PHE D 375 -57.01 24.11 40.29
N VAL D 376 -57.93 25.05 40.05
CA VAL D 376 -57.86 26.38 40.62
C VAL D 376 -59.18 26.68 41.32
N VAL D 377 -59.10 27.19 42.55
CA VAL D 377 -60.28 27.57 43.31
C VAL D 377 -60.62 29.01 42.98
N PRO D 378 -61.79 29.30 42.41
CA PRO D 378 -62.14 30.68 42.09
C PRO D 378 -62.28 31.52 43.34
N THR D 379 -61.90 32.78 43.21
CA THR D 379 -62.03 33.76 44.29
C THR D 379 -62.70 35.01 43.73
N ASP D 380 -63.57 35.60 44.53
CA ASP D 380 -64.26 36.83 44.14
C ASP D 380 -63.58 38.01 44.83
N GLU D 381 -64.21 39.18 44.74
CA GLU D 381 -63.62 40.40 45.28
C GLU D 381 -63.39 40.28 46.79
N SER D 382 -64.37 39.73 47.51
CA SER D 382 -64.24 39.63 48.97
C SER D 382 -63.19 38.61 49.38
N GLN D 383 -63.20 37.43 48.74
CA GLN D 383 -62.28 36.37 49.12
C GLN D 383 -60.83 36.70 48.75
N ALA D 384 -60.62 37.59 47.79
CA ALA D 384 -59.26 37.96 47.40
C ALA D 384 -58.51 38.71 48.50
N ARG D 385 -59.22 39.23 49.50
CA ARG D 385 -58.57 39.95 50.58
C ARG D 385 -57.99 39.02 51.64
N ILE D 386 -58.50 37.80 51.75
CA ILE D 386 -57.97 36.82 52.70
C ILE D 386 -56.58 36.37 52.24
N PRO D 387 -55.55 36.54 53.07
CA PRO D 387 -54.20 36.20 52.62
C PRO D 387 -53.96 34.69 52.65
N TYR D 388 -53.32 34.20 51.58
CA TYR D 388 -52.89 32.80 51.47
C TYR D 388 -54.08 31.84 51.59
N ALA D 389 -55.00 31.97 50.65
CA ALA D 389 -56.19 31.13 50.64
C ALA D 389 -56.60 30.87 49.19
N ARG D 390 -57.75 30.23 49.01
CA ARG D 390 -58.33 29.92 47.70
C ARG D 390 -57.38 29.08 46.86
N VAL D 391 -57.03 27.91 47.40
CA VAL D 391 -56.15 26.95 46.75
C VAL D 391 -56.62 25.55 47.11
N ASN D 392 -56.07 24.54 46.45
CA ASN D 392 -56.31 23.14 46.77
C ASN D 392 -55.08 22.57 47.46
N HIS D 393 -55.27 22.07 48.69
CA HIS D 393 -54.19 21.55 49.52
C HIS D 393 -54.13 20.03 49.56
N ASN D 394 -54.92 19.34 48.73
CA ASN D 394 -54.99 17.88 48.83
C ASN D 394 -53.66 17.24 48.45
N LYS D 395 -53.34 16.13 49.12
CA LYS D 395 -52.11 15.38 48.81
C LYS D 395 -52.38 13.88 48.91
N TYR D 396 -52.85 13.26 47.84
CA TYR D 396 -53.20 11.85 47.86
C TYR D 396 -53.07 11.24 46.47
N MET D 397 -53.00 9.91 46.46
CA MET D 397 -52.95 9.10 45.25
C MET D 397 -53.76 7.85 45.48
N VAL D 398 -54.48 7.41 44.46
CA VAL D 398 -55.28 6.20 44.55
C VAL D 398 -55.19 5.44 43.23
N THR D 399 -54.99 4.13 43.32
CA THR D 399 -54.97 3.25 42.17
C THR D 399 -56.19 2.33 42.23
N GLU D 400 -56.26 1.39 41.28
CA GLU D 400 -57.36 0.45 41.28
C GLU D 400 -57.28 -0.55 42.42
N ARG D 401 -56.17 -0.59 43.15
CA ARG D 401 -55.98 -1.57 44.21
C ARG D 401 -55.37 -1.00 45.48
N ALA D 402 -55.04 0.28 45.54
CA ALA D 402 -54.36 0.83 46.70
C ALA D 402 -54.71 2.30 46.88
N SER D 403 -54.55 2.78 48.11
CA SER D 403 -54.77 4.18 48.45
C SER D 403 -53.63 4.69 49.31
N TYR D 404 -53.16 5.90 48.99
CA TYR D 404 -52.06 6.56 49.69
C TYR D 404 -52.51 7.98 49.99
N ILE D 405 -52.46 8.38 51.25
CA ILE D 405 -52.80 9.74 51.68
C ILE D 405 -51.62 10.30 52.45
N GLY D 406 -51.07 11.43 51.97
CA GLY D 406 -49.84 11.96 52.53
C GLY D 406 -50.01 13.42 52.95
N THR D 407 -49.02 13.88 53.72
CA THR D 407 -48.95 15.25 54.20
C THR D 407 -47.76 16.00 53.61
N SER D 408 -47.39 15.66 52.37
CA SER D 408 -46.20 16.23 51.74
C SER D 408 -46.47 16.47 50.26
N ASN D 409 -45.95 17.58 49.76
CA ASN D 409 -45.98 17.83 48.32
C ASN D 409 -45.00 16.91 47.61
N TRP D 410 -45.19 16.76 46.30
CA TRP D 410 -44.43 15.78 45.52
C TRP D 410 -43.21 16.48 44.92
N SER D 411 -42.15 16.55 45.73
CA SER D 411 -40.86 17.08 45.32
C SER D 411 -39.79 16.43 46.18
N GLY D 412 -38.53 16.61 45.78
CA GLY D 412 -37.46 15.86 46.41
C GLY D 412 -37.31 16.14 47.89
N SER D 413 -37.40 17.41 48.28
CA SER D 413 -37.14 17.79 49.67
C SER D 413 -38.07 17.06 50.63
N TYR D 414 -39.36 17.00 50.29
CA TYR D 414 -40.34 16.36 51.16
C TYR D 414 -40.08 14.88 51.36
N PHE D 415 -39.19 14.27 50.58
CA PHE D 415 -38.84 12.87 50.75
C PHE D 415 -37.39 12.67 51.15
N THR D 416 -36.62 13.75 51.35
CA THR D 416 -35.21 13.58 51.72
C THR D 416 -34.84 14.42 52.94
N GLU D 417 -35.49 15.57 53.09
CA GLU D 417 -35.08 16.52 54.13
C GLU D 417 -36.26 16.94 55.00
N THR D 418 -37.46 16.95 54.43
CA THR D 418 -38.64 17.47 55.10
C THR D 418 -39.47 16.32 55.65
N ALA D 419 -39.89 16.45 56.91
CA ALA D 419 -40.65 15.41 57.56
C ALA D 419 -42.02 15.24 56.92
N GLY D 420 -42.51 14.00 56.93
CA GLY D 420 -43.83 13.72 56.39
C GLY D 420 -44.30 12.36 56.83
N THR D 421 -45.62 12.19 56.84
CA THR D 421 -46.25 10.91 57.17
C THR D 421 -47.30 10.59 56.11
N SER D 422 -47.50 9.29 55.90
CA SER D 422 -48.47 8.85 54.90
C SER D 422 -49.13 7.56 55.35
N LEU D 423 -50.41 7.43 55.03
CA LEU D 423 -51.18 6.23 55.31
C LEU D 423 -51.43 5.49 54.00
N LEU D 424 -51.13 4.20 53.98
CA LEU D 424 -51.33 3.37 52.80
C LEU D 424 -52.24 2.19 53.16
N VAL D 425 -53.32 2.02 52.40
CA VAL D 425 -54.32 1.00 52.67
C VAL D 425 -54.65 0.27 51.37
N THR D 426 -54.61 -1.05 51.48
CA THR D 426 -54.98 -1.91 50.33
C THR D 426 -56.02 -2.86 50.88
N GLN D 427 -57.08 -3.06 50.13
CA GLN D 427 -58.18 -3.90 50.64
C GLN D 427 -58.86 -4.64 49.52
N ASN D 428 -59.18 -5.91 49.73
CA ASN D 428 -60.01 -6.66 48.76
C ASN D 428 -61.41 -6.59 49.33
N GLY D 429 -62.27 -5.75 48.78
CA GLY D 429 -63.61 -5.56 49.35
C GLY D 429 -64.46 -4.68 48.48
N HIS D 430 -65.76 -4.55 48.79
CA HIS D 430 -66.64 -3.76 47.89
C HIS D 430 -66.67 -2.31 48.39
N GLY D 431 -66.41 -1.37 47.47
CA GLY D 431 -66.36 0.02 47.90
C GLY D 431 -65.14 0.28 48.76
N GLY D 432 -65.37 0.80 49.96
CA GLY D 432 -64.31 1.01 50.92
C GLY D 432 -63.60 2.34 50.77
N LEU D 433 -62.34 2.39 51.22
CA LEU D 433 -61.56 3.63 51.15
C LEU D 433 -61.22 3.98 49.71
N ARG D 434 -60.86 2.98 48.92
CA ARG D 434 -60.42 3.20 47.54
C ARG D 434 -61.51 3.79 46.67
N SER D 435 -62.73 3.26 46.79
CA SER D 435 -63.83 3.77 45.97
C SER D 435 -64.17 5.21 46.32
N GLN D 436 -64.17 5.54 47.61
CA GLN D 436 -64.44 6.92 48.02
C GLN D 436 -63.35 7.87 47.53
N LEU D 437 -62.09 7.47 47.62
CA LEU D 437 -61.01 8.31 47.10
C LEU D 437 -61.14 8.50 45.60
N GLU D 438 -61.46 7.42 44.88
CA GLU D 438 -61.64 7.52 43.43
C GLU D 438 -62.80 8.43 43.08
N ALA D 439 -63.90 8.34 43.82
CA ALA D 439 -65.06 9.20 43.56
C ALA D 439 -64.72 10.67 43.81
N VAL D 440 -64.00 10.95 44.90
CA VAL D 440 -63.62 12.32 45.19
C VAL D 440 -62.74 12.89 44.08
N PHE D 441 -61.75 12.12 43.64
CA PHE D 441 -60.88 12.59 42.56
C PHE D 441 -61.64 12.78 41.26
N LEU D 442 -62.57 11.86 40.93
CA LEU D 442 -63.34 12.02 39.70
C LEU D 442 -64.18 13.28 39.77
N ARG D 443 -64.78 13.54 40.93
CA ARG D 443 -65.56 14.76 41.13
C ARG D 443 -64.68 15.99 40.94
N ASP D 444 -63.47 15.97 41.50
CA ASP D 444 -62.57 17.11 41.33
C ASP D 444 -62.16 17.29 39.87
N TRP D 445 -61.85 16.19 39.18
CA TRP D 445 -61.37 16.30 37.80
C TRP D 445 -62.46 16.78 36.86
N GLU D 446 -63.68 16.30 37.03
CA GLU D 446 -64.76 16.67 36.11
C GLU D 446 -65.43 17.98 36.49
N SER D 447 -65.04 18.60 37.61
CA SER D 447 -65.60 19.88 37.99
C SER D 447 -65.15 20.96 37.02
N PRO D 448 -65.95 22.02 36.85
CA PRO D 448 -65.56 23.12 35.94
C PRO D 448 -64.34 23.90 36.42
N TYR D 449 -63.76 23.54 37.55
CA TYR D 449 -62.59 24.19 38.11
C TYR D 449 -61.27 23.56 37.68
N SER D 450 -61.33 22.52 36.85
CA SER D 450 -60.15 21.86 36.31
C SER D 450 -59.98 22.29 34.87
N HIS D 451 -58.77 22.68 34.49
CA HIS D 451 -58.52 23.22 33.17
C HIS D 451 -57.28 22.56 32.55
N ASP D 452 -57.29 22.44 31.23
CA ASP D 452 -56.13 21.97 30.51
C ASP D 452 -55.07 23.07 30.48
N LEU D 453 -53.85 22.69 30.10
CA LEU D 453 -52.74 23.63 30.14
C LEU D 453 -52.85 24.74 29.10
N ASP D 454 -53.78 24.62 28.15
CA ASP D 454 -53.97 25.63 27.11
C ASP D 454 -55.13 26.57 27.39
N THR D 455 -55.74 26.50 28.57
CA THR D 455 -56.83 27.40 28.91
C THR D 455 -56.29 28.81 29.12
N SER D 456 -57.14 29.81 28.92
CA SER D 456 -56.70 31.17 29.22
C SER D 456 -56.74 31.41 30.72
N ALA D 457 -55.87 32.30 31.19
CA ALA D 457 -55.83 32.60 32.62
C ALA D 457 -57.03 33.43 33.05
N ASN D 458 -57.62 34.18 32.12
CA ASN D 458 -58.73 35.07 32.46
C ASN D 458 -59.97 34.29 32.90
N SER D 459 -60.27 33.17 32.24
CA SER D 459 -61.48 32.40 32.49
C SER D 459 -61.23 31.24 33.45
N VAL D 460 -60.44 31.49 34.50
CA VAL D 460 -60.10 30.47 35.47
C VAL D 460 -60.67 30.86 36.82
N GLY D 461 -60.80 32.17 37.06
CA GLY D 461 -61.39 32.69 38.28
C GLY D 461 -60.41 33.08 39.36
N ASN D 462 -59.10 32.88 39.14
CA ASN D 462 -58.09 33.23 40.13
C ASN D 462 -56.76 33.38 39.41
N ALA D 463 -55.83 34.06 40.07
CA ALA D 463 -54.49 34.20 39.52
C ALA D 463 -53.80 32.84 39.51
N CYS D 464 -53.24 32.46 38.36
CA CYS D 464 -52.57 31.18 38.20
C CYS D 464 -51.32 31.43 37.36
N ARG D 465 -50.15 31.43 37.98
CA ARG D 465 -48.88 31.69 37.26
C ARG D 465 -48.64 30.63 36.18
N LEU D 466 -49.07 29.40 36.42
CA LEU D 466 -48.76 28.35 35.47
C LEU D 466 -49.46 28.54 34.14
N LEU D 467 -50.53 29.31 34.10
CA LEU D 467 -51.26 29.55 32.86
C LEU D 467 -50.92 30.91 32.27
#